data_6TOC
# 
_entry.id   6TOC 
# 
_audit_conform.dict_name       mmcif_pdbx.dic 
_audit_conform.dict_version    5.383 
_audit_conform.dict_location   http://mmcif.pdb.org/dictionaries/ascii/mmcif_pdbx.dic 
# 
loop_
_database_2.database_id 
_database_2.database_code 
_database_2.pdbx_database_accession 
_database_2.pdbx_DOI 
PDB   6TOC         pdb_00006toc 10.2210/pdb6toc/pdb 
WWPDB D_1292105803 ?            ?                   
# 
loop_
_pdbx_audit_revision_history.ordinal 
_pdbx_audit_revision_history.data_content_type 
_pdbx_audit_revision_history.major_revision 
_pdbx_audit_revision_history.minor_revision 
_pdbx_audit_revision_history.revision_date 
1 'Structure model' 1 0 2021-01-13 
2 'Structure model' 1 1 2021-01-27 
3 'Structure model' 1 2 2024-01-24 
# 
_pdbx_audit_revision_details.ordinal             1 
_pdbx_audit_revision_details.revision_ordinal    1 
_pdbx_audit_revision_details.data_content_type   'Structure model' 
_pdbx_audit_revision_details.provider            repository 
_pdbx_audit_revision_details.type                'Initial release' 
_pdbx_audit_revision_details.description         ? 
_pdbx_audit_revision_details.details             ? 
# 
loop_
_pdbx_audit_revision_group.ordinal 
_pdbx_audit_revision_group.revision_ordinal 
_pdbx_audit_revision_group.data_content_type 
_pdbx_audit_revision_group.group 
1 2 'Structure model' 'Database references'    
2 3 'Structure model' 'Data collection'        
3 3 'Structure model' 'Database references'    
4 3 'Structure model' 'Derived calculations'   
5 3 'Structure model' 'Refinement description' 
# 
loop_
_pdbx_audit_revision_category.ordinal 
_pdbx_audit_revision_category.revision_ordinal 
_pdbx_audit_revision_category.data_content_type 
_pdbx_audit_revision_category.category 
1 2 'Structure model' citation                      
2 2 'Structure model' citation_author               
3 3 'Structure model' atom_type                     
4 3 'Structure model' chem_comp_atom                
5 3 'Structure model' chem_comp_bond                
6 3 'Structure model' database_2                    
7 3 'Structure model' pdbx_initial_refinement_model 
# 
loop_
_pdbx_audit_revision_item.ordinal 
_pdbx_audit_revision_item.revision_ordinal 
_pdbx_audit_revision_item.data_content_type 
_pdbx_audit_revision_item.item 
1  2 'Structure model' '_citation.journal_volume'            
2  2 'Structure model' '_citation.page_first'                
3  2 'Structure model' '_citation.page_last'                 
4  2 'Structure model' '_citation.pdbx_database_id_DOI'      
5  2 'Structure model' '_citation.pdbx_database_id_PubMed'   
6  2 'Structure model' '_citation.title'                     
7  3 'Structure model' '_atom_type.pdbx_N_electrons'         
8  3 'Structure model' '_atom_type.pdbx_scat_Z'              
9  3 'Structure model' '_database_2.pdbx_DOI'                
10 3 'Structure model' '_database_2.pdbx_database_accession' 
# 
_pdbx_database_status.status_code                     REL 
_pdbx_database_status.status_code_sf                  REL 
_pdbx_database_status.status_code_mr                  ? 
_pdbx_database_status.entry_id                        6TOC 
_pdbx_database_status.recvd_initial_deposition_date   2019-12-11 
_pdbx_database_status.SG_entry                        N 
_pdbx_database_status.deposit_site                    PDBE 
_pdbx_database_status.process_site                    PDBE 
_pdbx_database_status.status_code_cs                  ? 
_pdbx_database_status.status_code_nmr_data            ? 
_pdbx_database_status.methods_development_category    ? 
_pdbx_database_status.pdb_format_compatible           N 
# 
loop_
_pdbx_database_related.db_name 
_pdbx_database_related.details 
_pdbx_database_related.db_id 
_pdbx_database_related.content_type 
PDB 'crystal form 1' 6TO5 unspecified 
PDB 'crystal form 2' 6TO9 unspecified 
# 
_audit_author.name               'Hothorn, M.' 
_audit_author.pdbx_ordinal       1 
_audit_author.identifier_ORCID   ? 
# 
loop_
_citation.abstract 
_citation.abstract_id_CAS 
_citation.book_id_ISBN 
_citation.book_publisher 
_citation.book_publisher_city 
_citation.book_title 
_citation.coordinate_linkage 
_citation.country 
_citation.database_id_Medline 
_citation.details 
_citation.id 
_citation.journal_abbrev 
_citation.journal_id_ASTM 
_citation.journal_id_CSD 
_citation.journal_id_ISSN 
_citation.journal_full 
_citation.journal_issue 
_citation.journal_volume 
_citation.language 
_citation.page_first 
_citation.page_last 
_citation.title 
_citation.year 
_citation.database_id_CSD 
_citation.pdbx_database_id_DOI 
_citation.pdbx_database_id_PubMed 
_citation.unpublished_flag 
? ? ? ? ? ? ? UK ? ? primary 'Nat Commun'               ?      ? 2041-1723 ? ? 12 ? 384 384 
;Inositol pyrophosphates promote the interaction of SPX domains with the coiled-coil motif of PHR transcription factors to regulate plant phosphate homeostasis.
;
2021 ? 10.1038/s41467-020-20681-4 33452263 ? 
? ? ? ? ? ? ? US ? ? 1       'Acta Crystallogr.,Sect.D' ABCRE6 ? 1399-0047 ? ? 66 ? 213 221 
'PHENIX: a comprehensive Python-based system for macromolecular structure solution.' 2010 ? 10.1107/S0907444909052925  20124702 ? 
# 
loop_
_citation_author.citation_id 
_citation_author.name 
_citation_author.ordinal 
_citation_author.identifier_ORCID 
primary 'Ried, M.K.'             1  ?                   
primary 'Wild, R.'               2  0000-0003-2025-7228 
primary 'Zhu, J.'                3  ?                   
primary 'Pipercevic, J.'         4  ?                   
primary 'Sturm, K.'              5  ?                   
primary 'Broger, L.'             6  ?                   
primary 'Harmel, R.K.'           7  ?                   
primary 'Abriata, L.A.'          8  0000-0003-3087-8677 
primary 'Hothorn, L.A.'          9  ?                   
primary 'Fiedler, D.'            10 ?                   
primary 'Hiller, S.'             11 0000-0002-6709-4684 
primary 'Hothorn, M.'            12 0000-0002-3597-5698 
1       'Adams, P.D.'            13 ?                   
1       'Afonine, P.V.'          14 ?                   
1       'Bunkoczi, G.'           15 ?                   
1       'Chen, V.B.'             16 ?                   
1       'Davis, I.W.'            17 ?                   
1       'Echols, N.'             18 ?                   
1       'Headd, J.J.'            19 ?                   
1       'Hung, L.W.'             20 ?                   
1       'Kapral, G.J.'           21 ?                   
1       'Grosse-Kunstleve, R.W.' 22 ?                   
1       'McCoy, A.J.'            23 ?                   
1       'Moriarty, N.W.'         24 ?                   
1       'Oeffner, R.'            25 ?                   
1       'Read, R.J.'             26 ?                   
1       'Richardson, D.C.'       27 ?                   
1       'Richardson, J.S.'       28 ?                   
1       'Terwilliger, T.C.'      29 ?                   
1       'Zwart, P.H.'            30 ?                   
# 
loop_
_entity.id 
_entity.type 
_entity.src_method 
_entity.pdbx_description 
_entity.formula_weight 
_entity.pdbx_number_of_molecules 
_entity.pdbx_ec 
_entity.pdbx_mutation 
_entity.pdbx_fragment 
_entity.details 
1 polymer man 'Protein PHOSPHATE STARVATION RESPONSE 1' 9372.700 2  ? ? ? ? 
2 water   nat water                                     18.015   20 ? ? ? ? 
# 
_entity_name_com.entity_id   1 
_entity_name_com.name        AtPHR1 
# 
_entity_poly.entity_id                      1 
_entity_poly.type                           'polypeptide(L)' 
_entity_poly.nstd_linkage                   no 
_entity_poly.nstd_monomer                   no 
_entity_poly.pdbx_seq_one_letter_code       
;GARYRPEPSETGSPERKLTPLEHITSLDLKGGIGITEALRLQMEVQKQLHEQLEIQRNLQLRIEEQGKYLQMMFEKQNSG
L
;
_entity_poly.pdbx_seq_one_letter_code_can   
;GARYRPEPSETGSPERKLTPLEHITSLDLKGGIGITEALRLQMEVQKQLHEQLEIQRNLQLRIEEQGKYLQMMFEKQNSG
L
;
_entity_poly.pdbx_strand_id                 AAA,BBB 
_entity_poly.pdbx_target_identifier         ? 
# 
_pdbx_entity_nonpoly.entity_id   2 
_pdbx_entity_nonpoly.name        water 
_pdbx_entity_nonpoly.comp_id     HOH 
# 
loop_
_entity_poly_seq.entity_id 
_entity_poly_seq.num 
_entity_poly_seq.mon_id 
_entity_poly_seq.hetero 
1 1  GLY n 
1 2  ALA n 
1 3  ARG n 
1 4  TYR n 
1 5  ARG n 
1 6  PRO n 
1 7  GLU n 
1 8  PRO n 
1 9  SER n 
1 10 GLU n 
1 11 THR n 
1 12 GLY n 
1 13 SER n 
1 14 PRO n 
1 15 GLU n 
1 16 ARG n 
1 17 LYS n 
1 18 LEU n 
1 19 THR n 
1 20 PRO n 
1 21 LEU n 
1 22 GLU n 
1 23 HIS n 
1 24 ILE n 
1 25 THR n 
1 26 SER n 
1 27 LEU n 
1 28 ASP n 
1 29 LEU n 
1 30 LYS n 
1 31 GLY n 
1 32 GLY n 
1 33 ILE n 
1 34 GLY n 
1 35 ILE n 
1 36 THR n 
1 37 GLU n 
1 38 ALA n 
1 39 LEU n 
1 40 ARG n 
1 41 LEU n 
1 42 GLN n 
1 43 MET n 
1 44 GLU n 
1 45 VAL n 
1 46 GLN n 
1 47 LYS n 
1 48 GLN n 
1 49 LEU n 
1 50 HIS n 
1 51 GLU n 
1 52 GLN n 
1 53 LEU n 
1 54 GLU n 
1 55 ILE n 
1 56 GLN n 
1 57 ARG n 
1 58 ASN n 
1 59 LEU n 
1 60 GLN n 
1 61 LEU n 
1 62 ARG n 
1 63 ILE n 
1 64 GLU n 
1 65 GLU n 
1 66 GLN n 
1 67 GLY n 
1 68 LYS n 
1 69 TYR n 
1 70 LEU n 
1 71 GLN n 
1 72 MET n 
1 73 MET n 
1 74 PHE n 
1 75 GLU n 
1 76 LYS n 
1 77 GLN n 
1 78 ASN n 
1 79 SER n 
1 80 GLY n 
1 81 LEU n 
# 
_entity_src_gen.entity_id                          1 
_entity_src_gen.pdbx_src_id                        1 
_entity_src_gen.pdbx_alt_source_flag               sample 
_entity_src_gen.pdbx_seq_type                      'Biological sequence' 
_entity_src_gen.pdbx_beg_seq_num                   1 
_entity_src_gen.pdbx_end_seq_num                   81 
_entity_src_gen.gene_src_common_name               'thale cress' 
_entity_src_gen.gene_src_genus                     ? 
_entity_src_gen.pdbx_gene_src_gene                 'PHR1, At4g28610, T5F17.60' 
_entity_src_gen.gene_src_species                   ? 
_entity_src_gen.gene_src_strain                    ? 
_entity_src_gen.gene_src_tissue                    ? 
_entity_src_gen.gene_src_tissue_fraction           ? 
_entity_src_gen.gene_src_details                   ? 
_entity_src_gen.pdbx_gene_src_fragment             ? 
_entity_src_gen.pdbx_gene_src_scientific_name      'Arabidopsis thaliana' 
_entity_src_gen.pdbx_gene_src_ncbi_taxonomy_id     3702 
_entity_src_gen.pdbx_gene_src_variant              ? 
_entity_src_gen.pdbx_gene_src_cell_line            ? 
_entity_src_gen.pdbx_gene_src_atcc                 ? 
_entity_src_gen.pdbx_gene_src_organ                ? 
_entity_src_gen.pdbx_gene_src_organelle            ? 
_entity_src_gen.pdbx_gene_src_cell                 ? 
_entity_src_gen.pdbx_gene_src_cellular_location    ? 
_entity_src_gen.host_org_common_name               ? 
_entity_src_gen.pdbx_host_org_scientific_name      'Escherichia coli BL21(DE3)' 
_entity_src_gen.pdbx_host_org_ncbi_taxonomy_id     469008 
_entity_src_gen.host_org_genus                     ? 
_entity_src_gen.pdbx_host_org_gene                 ? 
_entity_src_gen.pdbx_host_org_organ                ? 
_entity_src_gen.host_org_species                   ? 
_entity_src_gen.pdbx_host_org_tissue               ? 
_entity_src_gen.pdbx_host_org_tissue_fraction      ? 
_entity_src_gen.pdbx_host_org_strain               ? 
_entity_src_gen.pdbx_host_org_variant              RIL 
_entity_src_gen.pdbx_host_org_cell_line            ? 
_entity_src_gen.pdbx_host_org_atcc                 ? 
_entity_src_gen.pdbx_host_org_culture_collection   ? 
_entity_src_gen.pdbx_host_org_cell                 ? 
_entity_src_gen.pdbx_host_org_organelle            ? 
_entity_src_gen.pdbx_host_org_cellular_location    ? 
_entity_src_gen.pdbx_host_org_vector_type          ? 
_entity_src_gen.pdbx_host_org_vector               ? 
_entity_src_gen.host_org_details                   ? 
_entity_src_gen.expression_system_id               ? 
_entity_src_gen.plasmid_name                       pMH-HT 
_entity_src_gen.plasmid_details                    ? 
_entity_src_gen.pdbx_description                   ? 
# 
loop_
_chem_comp.id 
_chem_comp.type 
_chem_comp.mon_nstd_flag 
_chem_comp.name 
_chem_comp.pdbx_synonyms 
_chem_comp.formula 
_chem_comp.formula_weight 
ALA 'L-peptide linking' y ALANINE         ? 'C3 H7 N O2'     89.093  
ARG 'L-peptide linking' y ARGININE        ? 'C6 H15 N4 O2 1' 175.209 
ASN 'L-peptide linking' y ASPARAGINE      ? 'C4 H8 N2 O3'    132.118 
ASP 'L-peptide linking' y 'ASPARTIC ACID' ? 'C4 H7 N O4'     133.103 
GLN 'L-peptide linking' y GLUTAMINE       ? 'C5 H10 N2 O3'   146.144 
GLU 'L-peptide linking' y 'GLUTAMIC ACID' ? 'C5 H9 N O4'     147.129 
GLY 'peptide linking'   y GLYCINE         ? 'C2 H5 N O2'     75.067  
HIS 'L-peptide linking' y HISTIDINE       ? 'C6 H10 N3 O2 1' 156.162 
HOH non-polymer         . WATER           ? 'H2 O'           18.015  
ILE 'L-peptide linking' y ISOLEUCINE      ? 'C6 H13 N O2'    131.173 
LEU 'L-peptide linking' y LEUCINE         ? 'C6 H13 N O2'    131.173 
LYS 'L-peptide linking' y LYSINE          ? 'C6 H15 N2 O2 1' 147.195 
MET 'L-peptide linking' y METHIONINE      ? 'C5 H11 N O2 S'  149.211 
PHE 'L-peptide linking' y PHENYLALANINE   ? 'C9 H11 N O2'    165.189 
PRO 'L-peptide linking' y PROLINE         ? 'C5 H9 N O2'     115.130 
SER 'L-peptide linking' y SERINE          ? 'C3 H7 N O3'     105.093 
THR 'L-peptide linking' y THREONINE       ? 'C4 H9 N O3'     119.119 
TYR 'L-peptide linking' y TYROSINE        ? 'C9 H11 N O3'    181.189 
VAL 'L-peptide linking' y VALINE          ? 'C5 H11 N O2'    117.146 
# 
loop_
_pdbx_poly_seq_scheme.asym_id 
_pdbx_poly_seq_scheme.entity_id 
_pdbx_poly_seq_scheme.seq_id 
_pdbx_poly_seq_scheme.mon_id 
_pdbx_poly_seq_scheme.ndb_seq_num 
_pdbx_poly_seq_scheme.pdb_seq_num 
_pdbx_poly_seq_scheme.auth_seq_num 
_pdbx_poly_seq_scheme.pdb_mon_id 
_pdbx_poly_seq_scheme.auth_mon_id 
_pdbx_poly_seq_scheme.pdb_strand_id 
_pdbx_poly_seq_scheme.pdb_ins_code 
_pdbx_poly_seq_scheme.hetero 
A 1 1  GLY 1  279 ?   ?   ?   AAA . n 
A 1 2  ALA 2  280 ?   ?   ?   AAA . n 
A 1 3  ARG 3  281 ?   ?   ?   AAA . n 
A 1 4  TYR 4  282 ?   ?   ?   AAA . n 
A 1 5  ARG 5  283 ?   ?   ?   AAA . n 
A 1 6  PRO 6  284 ?   ?   ?   AAA . n 
A 1 7  GLU 7  285 ?   ?   ?   AAA . n 
A 1 8  PRO 8  286 ?   ?   ?   AAA . n 
A 1 9  SER 9  287 ?   ?   ?   AAA . n 
A 1 10 GLU 10 288 ?   ?   ?   AAA . n 
A 1 11 THR 11 289 ?   ?   ?   AAA . n 
A 1 12 GLY 12 290 ?   ?   ?   AAA . n 
A 1 13 SER 13 291 ?   ?   ?   AAA . n 
A 1 14 PRO 14 292 ?   ?   ?   AAA . n 
A 1 15 GLU 15 293 ?   ?   ?   AAA . n 
A 1 16 ARG 16 294 ?   ?   ?   AAA . n 
A 1 17 LYS 17 295 ?   ?   ?   AAA . n 
A 1 18 LEU 18 296 ?   ?   ?   AAA . n 
A 1 19 THR 19 297 ?   ?   ?   AAA . n 
A 1 20 PRO 20 298 ?   ?   ?   AAA . n 
A 1 21 LEU 21 299 ?   ?   ?   AAA . n 
A 1 22 GLU 22 300 ?   ?   ?   AAA . n 
A 1 23 HIS 23 301 ?   ?   ?   AAA . n 
A 1 24 ILE 24 302 ?   ?   ?   AAA . n 
A 1 25 THR 25 303 ?   ?   ?   AAA . n 
A 1 26 SER 26 304 ?   ?   ?   AAA . n 
A 1 27 LEU 27 305 ?   ?   ?   AAA . n 
A 1 28 ASP 28 306 ?   ?   ?   AAA . n 
A 1 29 LEU 29 307 ?   ?   ?   AAA . n 
A 1 30 LYS 30 308 ?   ?   ?   AAA . n 
A 1 31 GLY 31 309 ?   ?   ?   AAA . n 
A 1 32 GLY 32 310 ?   ?   ?   AAA . n 
A 1 33 ILE 33 311 ?   ?   ?   AAA . n 
A 1 34 GLY 34 312 312 GLY GLY AAA . n 
A 1 35 ILE 35 313 313 ILE ILE AAA . n 
A 1 36 THR 36 314 314 THR THR AAA . n 
A 1 37 GLU 37 315 315 GLU GLU AAA . n 
A 1 38 ALA 38 316 316 ALA ALA AAA . n 
A 1 39 LEU 39 317 317 LEU LEU AAA . n 
A 1 40 ARG 40 318 318 ARG ARG AAA . n 
A 1 41 LEU 41 319 319 LEU LEU AAA . n 
A 1 42 GLN 42 320 320 GLN GLN AAA . n 
A 1 43 MET 43 321 321 MET MET AAA . n 
A 1 44 GLU 44 322 322 GLU GLU AAA . n 
A 1 45 VAL 45 323 323 VAL VAL AAA . n 
A 1 46 GLN 46 324 324 GLN GLN AAA . n 
A 1 47 LYS 47 325 325 LYS LYS AAA . n 
A 1 48 GLN 48 326 326 GLN GLN AAA . n 
A 1 49 LEU 49 327 327 LEU LEU AAA . n 
A 1 50 HIS 50 328 328 HIS HIS AAA . n 
A 1 51 GLU 51 329 329 GLU GLU AAA . n 
A 1 52 GLN 52 330 330 GLN GLN AAA . n 
A 1 53 LEU 53 331 331 LEU LEU AAA . n 
A 1 54 GLU 54 332 332 GLU GLU AAA . n 
A 1 55 ILE 55 333 333 ILE ILE AAA . n 
A 1 56 GLN 56 334 334 GLN GLN AAA . n 
A 1 57 ARG 57 335 335 ARG ARG AAA . n 
A 1 58 ASN 58 336 336 ASN ASN AAA . n 
A 1 59 LEU 59 337 337 LEU LEU AAA . n 
A 1 60 GLN 60 338 338 GLN GLN AAA . n 
A 1 61 LEU 61 339 339 LEU LEU AAA . n 
A 1 62 ARG 62 340 340 ARG ARG AAA . n 
A 1 63 ILE 63 341 341 ILE ILE AAA . n 
A 1 64 GLU 64 342 342 GLU GLU AAA . n 
A 1 65 GLU 65 343 343 GLU GLU AAA . n 
A 1 66 GLN 66 344 344 GLN GLN AAA . n 
A 1 67 GLY 67 345 345 GLY GLY AAA . n 
A 1 68 LYS 68 346 346 LYS LYS AAA . n 
A 1 69 TYR 69 347 347 TYR TYR AAA . n 
A 1 70 LEU 70 348 348 LEU LEU AAA . n 
A 1 71 GLN 71 349 349 GLN GLN AAA . n 
A 1 72 MET 72 350 350 MET MET AAA . n 
A 1 73 MET 73 351 351 MET MET AAA . n 
A 1 74 PHE 74 352 352 PHE PHE AAA . n 
A 1 75 GLU 75 353 353 GLU GLU AAA . n 
A 1 76 LYS 76 354 354 LYS LYS AAA . n 
A 1 77 GLN 77 355 ?   ?   ?   AAA . n 
A 1 78 ASN 78 356 ?   ?   ?   AAA . n 
A 1 79 SER 79 357 ?   ?   ?   AAA . n 
A 1 80 GLY 80 358 ?   ?   ?   AAA . n 
A 1 81 LEU 81 359 ?   ?   ?   AAA . n 
B 1 1  GLY 1  279 ?   ?   ?   BBB . n 
B 1 2  ALA 2  280 ?   ?   ?   BBB . n 
B 1 3  ARG 3  281 ?   ?   ?   BBB . n 
B 1 4  TYR 4  282 ?   ?   ?   BBB . n 
B 1 5  ARG 5  283 ?   ?   ?   BBB . n 
B 1 6  PRO 6  284 ?   ?   ?   BBB . n 
B 1 7  GLU 7  285 ?   ?   ?   BBB . n 
B 1 8  PRO 8  286 ?   ?   ?   BBB . n 
B 1 9  SER 9  287 ?   ?   ?   BBB . n 
B 1 10 GLU 10 288 ?   ?   ?   BBB . n 
B 1 11 THR 11 289 ?   ?   ?   BBB . n 
B 1 12 GLY 12 290 ?   ?   ?   BBB . n 
B 1 13 SER 13 291 ?   ?   ?   BBB . n 
B 1 14 PRO 14 292 ?   ?   ?   BBB . n 
B 1 15 GLU 15 293 ?   ?   ?   BBB . n 
B 1 16 ARG 16 294 ?   ?   ?   BBB . n 
B 1 17 LYS 17 295 ?   ?   ?   BBB . n 
B 1 18 LEU 18 296 ?   ?   ?   BBB . n 
B 1 19 THR 19 297 ?   ?   ?   BBB . n 
B 1 20 PRO 20 298 ?   ?   ?   BBB . n 
B 1 21 LEU 21 299 ?   ?   ?   BBB . n 
B 1 22 GLU 22 300 ?   ?   ?   BBB . n 
B 1 23 HIS 23 301 ?   ?   ?   BBB . n 
B 1 24 ILE 24 302 ?   ?   ?   BBB . n 
B 1 25 THR 25 303 ?   ?   ?   BBB . n 
B 1 26 SER 26 304 ?   ?   ?   BBB . n 
B 1 27 LEU 27 305 ?   ?   ?   BBB . n 
B 1 28 ASP 28 306 ?   ?   ?   BBB . n 
B 1 29 LEU 29 307 ?   ?   ?   BBB . n 
B 1 30 LYS 30 308 ?   ?   ?   BBB . n 
B 1 31 GLY 31 309 ?   ?   ?   BBB . n 
B 1 32 GLY 32 310 ?   ?   ?   BBB . n 
B 1 33 ILE 33 311 ?   ?   ?   BBB . n 
B 1 34 GLY 34 312 312 GLY GLY BBB . n 
B 1 35 ILE 35 313 313 ILE ILE BBB . n 
B 1 36 THR 36 314 314 THR THR BBB . n 
B 1 37 GLU 37 315 315 GLU GLU BBB . n 
B 1 38 ALA 38 316 316 ALA ALA BBB . n 
B 1 39 LEU 39 317 317 LEU LEU BBB . n 
B 1 40 ARG 40 318 318 ARG ARG BBB . n 
B 1 41 LEU 41 319 319 LEU LEU BBB . n 
B 1 42 GLN 42 320 320 GLN GLN BBB . n 
B 1 43 MET 43 321 321 MET MET BBB . n 
B 1 44 GLU 44 322 322 GLU GLU BBB . n 
B 1 45 VAL 45 323 323 VAL VAL BBB . n 
B 1 46 GLN 46 324 324 GLN GLN BBB . n 
B 1 47 LYS 47 325 325 LYS LYS BBB . n 
B 1 48 GLN 48 326 326 GLN GLN BBB . n 
B 1 49 LEU 49 327 327 LEU LEU BBB . n 
B 1 50 HIS 50 328 328 HIS HIS BBB . n 
B 1 51 GLU 51 329 329 GLU GLU BBB . n 
B 1 52 GLN 52 330 330 GLN GLN BBB . n 
B 1 53 LEU 53 331 331 LEU LEU BBB . n 
B 1 54 GLU 54 332 332 GLU GLU BBB . n 
B 1 55 ILE 55 333 333 ILE ILE BBB . n 
B 1 56 GLN 56 334 334 GLN GLN BBB . n 
B 1 57 ARG 57 335 335 ARG ARG BBB . n 
B 1 58 ASN 58 336 336 ASN ASN BBB . n 
B 1 59 LEU 59 337 337 LEU LEU BBB . n 
B 1 60 GLN 60 338 338 GLN GLN BBB . n 
B 1 61 LEU 61 339 339 LEU LEU BBB . n 
B 1 62 ARG 62 340 340 ARG ARG BBB . n 
B 1 63 ILE 63 341 341 ILE ILE BBB . n 
B 1 64 GLU 64 342 342 GLU GLU BBB . n 
B 1 65 GLU 65 343 343 GLU GLU BBB . n 
B 1 66 GLN 66 344 344 GLN GLN BBB . n 
B 1 67 GLY 67 345 345 GLY GLY BBB . n 
B 1 68 LYS 68 346 346 LYS LYS BBB . n 
B 1 69 TYR 69 347 347 TYR TYR BBB . n 
B 1 70 LEU 70 348 348 LEU LEU BBB . n 
B 1 71 GLN 71 349 349 GLN GLN BBB . n 
B 1 72 MET 72 350 350 MET MET BBB . n 
B 1 73 MET 73 351 351 MET MET BBB . n 
B 1 74 PHE 74 352 352 PHE PHE BBB . n 
B 1 75 GLU 75 353 353 GLU GLU BBB . n 
B 1 76 LYS 76 354 354 LYS LYS BBB . n 
B 1 77 GLN 77 355 355 GLN GLN BBB . n 
B 1 78 ASN 78 356 ?   ?   ?   BBB . n 
B 1 79 SER 79 357 ?   ?   ?   BBB . n 
B 1 80 GLY 80 358 ?   ?   ?   BBB . n 
B 1 81 LEU 81 359 ?   ?   ?   BBB . n 
# 
loop_
_pdbx_nonpoly_scheme.asym_id 
_pdbx_nonpoly_scheme.entity_id 
_pdbx_nonpoly_scheme.mon_id 
_pdbx_nonpoly_scheme.ndb_seq_num 
_pdbx_nonpoly_scheme.pdb_seq_num 
_pdbx_nonpoly_scheme.auth_seq_num 
_pdbx_nonpoly_scheme.pdb_mon_id 
_pdbx_nonpoly_scheme.auth_mon_id 
_pdbx_nonpoly_scheme.pdb_strand_id 
_pdbx_nonpoly_scheme.pdb_ins_code 
C 2 HOH 1  401 14 HOH HOH AAA . 
C 2 HOH 2  402 5  HOH HOH AAA . 
C 2 HOH 3  403 27 HOH HOH AAA . 
C 2 HOH 4  404 3  HOH HOH AAA . 
C 2 HOH 5  405 13 HOH HOH AAA . 
C 2 HOH 6  406 1  HOH HOH AAA . 
C 2 HOH 7  407 24 HOH HOH AAA . 
C 2 HOH 8  408 21 HOH HOH AAA . 
C 2 HOH 9  409 2  HOH HOH AAA . 
D 2 HOH 1  401 23 HOH HOH BBB . 
D 2 HOH 2  402 19 HOH HOH BBB . 
D 2 HOH 3  403 22 HOH HOH BBB . 
D 2 HOH 4  404 8  HOH HOH BBB . 
D 2 HOH 5  405 4  HOH HOH BBB . 
D 2 HOH 6  406 6  HOH HOH BBB . 
D 2 HOH 7  407 16 HOH HOH BBB . 
D 2 HOH 8  408 25 HOH HOH BBB . 
D 2 HOH 9  409 17 HOH HOH BBB . 
D 2 HOH 10 410 10 HOH HOH BBB . 
D 2 HOH 11 411 26 HOH HOH BBB . 
# 
loop_
_software.citation_id 
_software.classification 
_software.compiler_name 
_software.compiler_version 
_software.contact_author 
_software.contact_author_email 
_software.date 
_software.description 
_software.dependencies 
_software.hardware 
_software.language 
_software.location 
_software.mods 
_software.name 
_software.os 
_software.os_version 
_software.type 
_software.version 
_software.pdbx_ordinal 
? refinement       ? ? ? ? ? ? ? ? ? ? ? REFMAC  ? ? ? 5.8.0258 1 
? 'data reduction' ? ? ? ? ? ? ? ? ? ? ? XDS     ? ? ? .        2 
? 'data scaling'   ? ? ? ? ? ? ? ? ? ? ? Aimless ? ? ? .        3 
? phasing          ? ? ? ? ? ? ? ? ? ? ? PHASER  ? ? ? .        4 
# 
_cell.angle_alpha                  90.000 
_cell.angle_alpha_esd              ? 
_cell.angle_beta                   90.000 
_cell.angle_beta_esd               ? 
_cell.angle_gamma                  90.000 
_cell.angle_gamma_esd              ? 
_cell.entry_id                     6TOC 
_cell.details                      ? 
_cell.formula_units_Z              ? 
_cell.length_a                     31.523 
_cell.length_a_esd                 ? 
_cell.length_b                     31.523 
_cell.length_b_esd                 ? 
_cell.length_c                     81.599 
_cell.length_c_esd                 ? 
_cell.volume                       ? 
_cell.volume_esd                   ? 
_cell.Z_PDB                        8 
_cell.reciprocal_angle_alpha       ? 
_cell.reciprocal_angle_beta        ? 
_cell.reciprocal_angle_gamma       ? 
_cell.reciprocal_angle_alpha_esd   ? 
_cell.reciprocal_angle_beta_esd    ? 
_cell.reciprocal_angle_gamma_esd   ? 
_cell.reciprocal_length_a          ? 
_cell.reciprocal_length_b          ? 
_cell.reciprocal_length_c          ? 
_cell.reciprocal_length_a_esd      ? 
_cell.reciprocal_length_b_esd      ? 
_cell.reciprocal_length_c_esd      ? 
_cell.pdbx_unique_axis             ? 
# 
_symmetry.entry_id                         6TOC 
_symmetry.cell_setting                     ? 
_symmetry.Int_Tables_number                77 
_symmetry.space_group_name_Hall            ? 
_symmetry.space_group_name_H-M             'P 42' 
_symmetry.pdbx_full_space_group_name_H-M   ? 
# 
_exptl.absorpt_coefficient_mu     ? 
_exptl.absorpt_correction_T_max   ? 
_exptl.absorpt_correction_T_min   ? 
_exptl.absorpt_correction_type    ? 
_exptl.absorpt_process_details    ? 
_exptl.entry_id                   6TOC 
_exptl.crystals_number            1 
_exptl.details                    ? 
_exptl.method                     'X-RAY DIFFRACTION' 
_exptl.method_details             ? 
# 
_exptl_crystal.colour                      ? 
_exptl_crystal.density_diffrn              ? 
_exptl_crystal.density_Matthews            ? 
_exptl_crystal.density_method              ? 
_exptl_crystal.density_percent_sol         ? 
_exptl_crystal.description                 ? 
_exptl_crystal.F_000                       ? 
_exptl_crystal.id                          1 
_exptl_crystal.preparation                 ? 
_exptl_crystal.size_max                    ? 
_exptl_crystal.size_mid                    ? 
_exptl_crystal.size_min                    ? 
_exptl_crystal.size_rad                    ? 
_exptl_crystal.colour_lustre               ? 
_exptl_crystal.colour_modifier             ? 
_exptl_crystal.colour_primary              ? 
_exptl_crystal.density_meas                ? 
_exptl_crystal.density_meas_esd            ? 
_exptl_crystal.density_meas_gt             ? 
_exptl_crystal.density_meas_lt             ? 
_exptl_crystal.density_meas_temp           ? 
_exptl_crystal.density_meas_temp_esd       ? 
_exptl_crystal.density_meas_temp_gt        ? 
_exptl_crystal.density_meas_temp_lt        ? 
_exptl_crystal.pdbx_crystal_image_url      ? 
_exptl_crystal.pdbx_crystal_image_format   ? 
_exptl_crystal.pdbx_mosaicity              ? 
_exptl_crystal.pdbx_mosaicity_esd          ? 
# 
_exptl_crystal_grow.apparatus       ? 
_exptl_crystal_grow.atmosphere      ? 
_exptl_crystal_grow.crystal_id      1 
_exptl_crystal_grow.details         ? 
_exptl_crystal_grow.method          'VAPOR DIFFUSION, HANGING DROP' 
_exptl_crystal_grow.method_ref      ? 
_exptl_crystal_grow.pH              6.5 
_exptl_crystal_grow.pressure        ? 
_exptl_crystal_grow.pressure_esd    ? 
_exptl_crystal_grow.seeding         ? 
_exptl_crystal_grow.seeding_ref     ? 
_exptl_crystal_grow.temp            298 
_exptl_crystal_grow.temp_details    ? 
_exptl_crystal_grow.temp_esd        ? 
_exptl_crystal_grow.time            ? 
_exptl_crystal_grow.pdbx_details    '0.1 M Bis-Tri pH 6.5, 0.1 M NaCl, 1.5 M (NH4)2SO4' 
_exptl_crystal_grow.pdbx_pH_range   ? 
# 
_diffrn.ambient_environment              ? 
_diffrn.ambient_temp                     100 
_diffrn.ambient_temp_details             ? 
_diffrn.ambient_temp_esd                 ? 
_diffrn.crystal_id                       1 
_diffrn.crystal_support                  ? 
_diffrn.crystal_treatment                ? 
_diffrn.details                          ? 
_diffrn.id                               1 
_diffrn.ambient_pressure                 ? 
_diffrn.ambient_pressure_esd             ? 
_diffrn.ambient_pressure_gt              ? 
_diffrn.ambient_pressure_lt              ? 
_diffrn.ambient_temp_gt                  ? 
_diffrn.ambient_temp_lt                  ? 
_diffrn.pdbx_serial_crystal_experiment   N 
# 
_diffrn_detector.details                      ? 
_diffrn_detector.detector                     PIXEL 
_diffrn_detector.diffrn_id                    1 
_diffrn_detector.type                         'DECTRIS PILATUS 2M-F' 
_diffrn_detector.area_resol_mean              ? 
_diffrn_detector.dtime                        ? 
_diffrn_detector.pdbx_frames_total            ? 
_diffrn_detector.pdbx_collection_time_total   ? 
_diffrn_detector.pdbx_collection_date         2016-06-05 
_diffrn_detector.pdbx_frequency               ? 
# 
_diffrn_radiation.collimation                      ? 
_diffrn_radiation.diffrn_id                        1 
_diffrn_radiation.filter_edge                      ? 
_diffrn_radiation.inhomogeneity                    ? 
_diffrn_radiation.monochromator                    ? 
_diffrn_radiation.polarisn_norm                    ? 
_diffrn_radiation.polarisn_ratio                   ? 
_diffrn_radiation.probe                            ? 
_diffrn_radiation.type                             ? 
_diffrn_radiation.xray_symbol                      ? 
_diffrn_radiation.wavelength_id                    1 
_diffrn_radiation.pdbx_monochromatic_or_laue_m_l   M 
_diffrn_radiation.pdbx_wavelength_list             ? 
_diffrn_radiation.pdbx_wavelength                  ? 
_diffrn_radiation.pdbx_diffrn_protocol             'SINGLE WAVELENGTH' 
_diffrn_radiation.pdbx_analyzer                    ? 
_diffrn_radiation.pdbx_scattering_type             x-ray 
# 
_diffrn_radiation_wavelength.id           1 
_diffrn_radiation_wavelength.wavelength   1.000040 
_diffrn_radiation_wavelength.wt           1.0 
# 
_diffrn_source.current                     ? 
_diffrn_source.details                     ? 
_diffrn_source.diffrn_id                   1 
_diffrn_source.power                       ? 
_diffrn_source.size                        ? 
_diffrn_source.source                      SYNCHROTRON 
_diffrn_source.target                      ? 
_diffrn_source.type                        'SLS BEAMLINE X06DA' 
_diffrn_source.voltage                     ? 
_diffrn_source.take-off_angle              ? 
_diffrn_source.pdbx_wavelength_list        1.000040 
_diffrn_source.pdbx_wavelength             ? 
_diffrn_source.pdbx_synchrotron_beamline   X06DA 
_diffrn_source.pdbx_synchrotron_site       SLS 
# 
_reflns.B_iso_Wilson_estimate            ? 
_reflns.entry_id                         6TOC 
_reflns.data_reduction_details           ? 
_reflns.data_reduction_method            ? 
_reflns.d_resolution_high                1.85 
_reflns.d_resolution_low                 31.523 
_reflns.details                          ? 
_reflns.limit_h_max                      ? 
_reflns.limit_h_min                      ? 
_reflns.limit_k_max                      ? 
_reflns.limit_k_min                      ? 
_reflns.limit_l_max                      ? 
_reflns.limit_l_min                      ? 
_reflns.number_all                       ? 
_reflns.number_obs                       6769 
_reflns.observed_criterion               ? 
_reflns.observed_criterion_F_max         ? 
_reflns.observed_criterion_F_min         ? 
_reflns.observed_criterion_I_max         ? 
_reflns.observed_criterion_I_min         ? 
_reflns.observed_criterion_sigma_F       ? 
_reflns.observed_criterion_sigma_I       -3.0 
_reflns.percent_possible_obs             99.8 
_reflns.R_free_details                   ? 
_reflns.Rmerge_F_all                     ? 
_reflns.Rmerge_F_obs                     ? 
_reflns.Friedel_coverage                 ? 
_reflns.number_gt                        ? 
_reflns.threshold_expression             ? 
_reflns.pdbx_redundancy                  13.5 
_reflns.pdbx_Rmerge_I_obs                ? 
_reflns.pdbx_Rmerge_I_all                ? 
_reflns.pdbx_Rsym_value                  ? 
_reflns.pdbx_netI_over_av_sigmaI         ? 
_reflns.pdbx_netI_over_sigmaI            21.4 
_reflns.pdbx_res_netI_over_av_sigmaI_2   ? 
_reflns.pdbx_res_netI_over_sigmaI_2      ? 
_reflns.pdbx_chi_squared                 ? 
_reflns.pdbx_scaling_rejects             ? 
_reflns.pdbx_d_res_high_opt              ? 
_reflns.pdbx_d_res_low_opt               ? 
_reflns.pdbx_d_res_opt_method            ? 
_reflns.phase_calculation_details        ? 
_reflns.pdbx_Rrim_I_all                  0.073 
_reflns.pdbx_Rpim_I_all                  ? 
_reflns.pdbx_d_opt                       ? 
_reflns.pdbx_number_measured_all         ? 
_reflns.pdbx_diffrn_id                   1 
_reflns.pdbx_ordinal                     1 
_reflns.pdbx_CC_half                     1.0 
_reflns.pdbx_CC_star                     ? 
_reflns.pdbx_R_split                     ? 
# 
_reflns_shell.d_res_high                  1.85 
_reflns_shell.d_res_low                   1.97 
_reflns_shell.meanI_over_sigI_all         ? 
_reflns_shell.meanI_over_sigI_obs         1.0 
_reflns_shell.number_measured_all         ? 
_reflns_shell.number_measured_obs         ? 
_reflns_shell.number_possible             ? 
_reflns_shell.number_unique_all           ? 
_reflns_shell.number_unique_obs           1072 
_reflns_shell.percent_possible_all        99.3 
_reflns_shell.percent_possible_obs        ? 
_reflns_shell.Rmerge_F_all                ? 
_reflns_shell.Rmerge_F_obs                ? 
_reflns_shell.Rmerge_I_all                ? 
_reflns_shell.Rmerge_I_obs                ? 
_reflns_shell.meanI_over_sigI_gt          ? 
_reflns_shell.meanI_over_uI_all           ? 
_reflns_shell.meanI_over_uI_gt            ? 
_reflns_shell.number_measured_gt          ? 
_reflns_shell.number_unique_gt            ? 
_reflns_shell.percent_possible_gt         ? 
_reflns_shell.Rmerge_F_gt                 ? 
_reflns_shell.Rmerge_I_gt                 ? 
_reflns_shell.pdbx_redundancy             ? 
_reflns_shell.pdbx_Rsym_value             ? 
_reflns_shell.pdbx_chi_squared            ? 
_reflns_shell.pdbx_netI_over_sigmaI_all   ? 
_reflns_shell.pdbx_netI_over_sigmaI_obs   ? 
_reflns_shell.pdbx_Rrim_I_all             2.76 
_reflns_shell.pdbx_Rpim_I_all             ? 
_reflns_shell.pdbx_rejects                ? 
_reflns_shell.pdbx_ordinal                1 
_reflns_shell.pdbx_diffrn_id              1 
_reflns_shell.pdbx_CC_half                0.40 
_reflns_shell.pdbx_CC_star                ? 
_reflns_shell.pdbx_R_split                ? 
# 
_refine.aniso_B[1][1]                            7.702 
_refine.aniso_B[1][2]                            0.000 
_refine.aniso_B[1][3]                            0.000 
_refine.aniso_B[2][2]                            7.702 
_refine.aniso_B[2][3]                            0.000 
_refine.aniso_B[3][3]                            -15.404 
_refine.B_iso_max                                ? 
_refine.B_iso_mean                               38.292 
_refine.B_iso_min                                ? 
_refine.correlation_coeff_Fo_to_Fc               0.963 
_refine.correlation_coeff_Fo_to_Fc_free          0.934 
_refine.details                                  'Hydrogens have been added in their riding positions' 
_refine.diff_density_max                         ? 
_refine.diff_density_max_esd                     ? 
_refine.diff_density_min                         ? 
_refine.diff_density_min_esd                     ? 
_refine.diff_density_rms                         ? 
_refine.diff_density_rms_esd                     ? 
_refine.entry_id                                 6TOC 
_refine.pdbx_refine_id                           'X-RAY DIFFRACTION' 
_refine.ls_abs_structure_details                 ? 
_refine.ls_abs_structure_Flack                   ? 
_refine.ls_abs_structure_Flack_esd               ? 
_refine.ls_abs_structure_Rogers                  ? 
_refine.ls_abs_structure_Rogers_esd              ? 
_refine.ls_d_res_high                            1.853 
_refine.ls_d_res_low                             31.5 
_refine.ls_extinction_coef                       ? 
_refine.ls_extinction_coef_esd                   ? 
_refine.ls_extinction_expression                 ? 
_refine.ls_extinction_method                     ? 
_refine.ls_goodness_of_fit_all                   ? 
_refine.ls_goodness_of_fit_all_esd               ? 
_refine.ls_goodness_of_fit_obs                   ? 
_refine.ls_goodness_of_fit_obs_esd               ? 
_refine.ls_hydrogen_treatment                    ? 
_refine.ls_matrix_type                           ? 
_refine.ls_number_constraints                    ? 
_refine.ls_number_parameters                     ? 
_refine.ls_number_reflns_all                     ? 
_refine.ls_number_reflns_obs                     6767 
_refine.ls_number_reflns_R_free                  334 
_refine.ls_number_reflns_R_work                  ? 
_refine.ls_number_restraints                     ? 
_refine.ls_percent_reflns_obs                    99.882 
_refine.ls_percent_reflns_R_free                 4.936 
_refine.ls_R_factor_all                          0.211 
_refine.ls_R_factor_obs                          ? 
_refine.ls_R_factor_R_free                       0.2650 
_refine.ls_R_factor_R_free_error                 ? 
_refine.ls_R_factor_R_free_error_details         ? 
_refine.ls_R_factor_R_work                       0.2087 
_refine.ls_R_Fsqd_factor_obs                     ? 
_refine.ls_R_I_factor_obs                        ? 
_refine.ls_redundancy_reflns_all                 ? 
_refine.ls_redundancy_reflns_obs                 ? 
_refine.ls_restrained_S_all                      ? 
_refine.ls_restrained_S_obs                      ? 
_refine.ls_shift_over_esd_max                    ? 
_refine.ls_shift_over_esd_mean                   ? 
_refine.ls_structure_factor_coef                 ? 
_refine.ls_weighting_details                     ? 
_refine.ls_weighting_scheme                      ? 
_refine.ls_wR_factor_all                         ? 
_refine.ls_wR_factor_obs                         ? 
_refine.ls_wR_factor_R_free                      ? 
_refine.ls_wR_factor_R_work                      ? 
_refine.occupancy_max                            ? 
_refine.occupancy_min                            ? 
_refine.solvent_model_details                    ? 
_refine.solvent_model_param_bsol                 ? 
_refine.solvent_model_param_ksol                 ? 
_refine.pdbx_R_complete                          ? 
_refine.ls_R_factor_gt                           ? 
_refine.ls_goodness_of_fit_gt                    ? 
_refine.ls_goodness_of_fit_ref                   ? 
_refine.ls_shift_over_su_max                     ? 
_refine.ls_shift_over_su_max_lt                  ? 
_refine.ls_shift_over_su_mean                    ? 
_refine.ls_shift_over_su_mean_lt                 ? 
_refine.pdbx_ls_sigma_I                          ? 
_refine.pdbx_ls_sigma_F                          ? 
_refine.pdbx_ls_sigma_Fsqd                       ? 
_refine.pdbx_data_cutoff_high_absF               ? 
_refine.pdbx_data_cutoff_high_rms_absF           ? 
_refine.pdbx_data_cutoff_low_absF                ? 
_refine.pdbx_isotropic_thermal_model             ? 
_refine.pdbx_ls_cross_valid_method               'FREE R-VALUE' 
_refine.pdbx_method_to_determine_struct          'MOLECULAR REPLACEMENT' 
_refine.pdbx_starting_model                      6TO5 
_refine.pdbx_stereochemistry_target_values       ? 
_refine.pdbx_R_Free_selection_details            ? 
_refine.pdbx_stereochem_target_val_spec_case     ? 
_refine.pdbx_overall_ESU_R                       0.040 
_refine.pdbx_overall_ESU_R_Free                  0.037 
_refine.pdbx_solvent_vdw_probe_radii             1.200 
_refine.pdbx_solvent_ion_probe_radii             0.800 
_refine.pdbx_solvent_shrinkage_radii             0.800 
_refine.pdbx_real_space_R                        ? 
_refine.pdbx_density_correlation                 ? 
_refine.pdbx_pd_number_of_powder_patterns        ? 
_refine.pdbx_pd_number_of_points                 ? 
_refine.pdbx_pd_meas_number_of_points            ? 
_refine.pdbx_pd_proc_ls_prof_R_factor            ? 
_refine.pdbx_pd_proc_ls_prof_wR_factor           ? 
_refine.pdbx_pd_Marquardt_correlation_coeff      ? 
_refine.pdbx_pd_Fsqrd_R_factor                   ? 
_refine.pdbx_pd_ls_matrix_band_width             ? 
_refine.pdbx_overall_phase_error                 ? 
_refine.pdbx_overall_SU_R_free_Cruickshank_DPI   ? 
_refine.pdbx_overall_SU_R_free_Blow_DPI          ? 
_refine.pdbx_overall_SU_R_Blow_DPI               ? 
_refine.pdbx_TLS_residual_ADP_flag               ? 
_refine.pdbx_diffrn_id                           1 
_refine.overall_SU_B                             2.660 
_refine.overall_SU_ML                            0.086 
_refine.overall_SU_R_Cruickshank_DPI             ? 
_refine.overall_SU_R_free                        ? 
_refine.overall_FOM_free_R_set                   ? 
_refine.overall_FOM_work_R_set                   ? 
_refine.pdbx_average_fsc_overall                 ? 
_refine.pdbx_average_fsc_work                    ? 
_refine.pdbx_average_fsc_free                    ? 
# 
_refine_hist.pdbx_refine_id                   'X-RAY DIFFRACTION' 
_refine_hist.cycle_id                         LAST 
_refine_hist.details                          ? 
_refine_hist.d_res_high                       1.853 
_refine_hist.d_res_low                        31.5 
_refine_hist.number_atoms_solvent             20 
_refine_hist.number_atoms_total               763 
_refine_hist.number_reflns_all                ? 
_refine_hist.number_reflns_obs                ? 
_refine_hist.number_reflns_R_free             ? 
_refine_hist.number_reflns_R_work             ? 
_refine_hist.R_factor_all                     ? 
_refine_hist.R_factor_obs                     ? 
_refine_hist.R_factor_R_free                  ? 
_refine_hist.R_factor_R_work                  ? 
_refine_hist.pdbx_number_residues_total       ? 
_refine_hist.pdbx_B_iso_mean_ligand           ? 
_refine_hist.pdbx_B_iso_mean_solvent          ? 
_refine_hist.pdbx_number_atoms_protein        743 
_refine_hist.pdbx_number_atoms_nucleic_acid   0 
_refine_hist.pdbx_number_atoms_ligand         0 
_refine_hist.pdbx_number_atoms_lipid          ? 
_refine_hist.pdbx_number_atoms_carb           ? 
_refine_hist.pdbx_pseudo_atom_details         ? 
# 
loop_
_refine_ls_restr.pdbx_refine_id 
_refine_ls_restr.criterion 
_refine_ls_restr.dev_ideal 
_refine_ls_restr.dev_ideal_target 
_refine_ls_restr.number 
_refine_ls_restr.rejects 
_refine_ls_restr.type 
_refine_ls_restr.weight 
_refine_ls_restr.pdbx_restraint_function 
'X-RAY DIFFRACTION' ? 0.005  0.013  760  ? r_bond_refined_d               ? ? 
'X-RAY DIFFRACTION' ? 0.001  0.017  739  ? r_bond_other_d                 ? ? 
'X-RAY DIFFRACTION' ? 1.200  1.649  1010 ? r_angle_refined_deg            ? ? 
'X-RAY DIFFRACTION' ? 1.230  1.576  1729 ? r_angle_other_deg              ? ? 
'X-RAY DIFFRACTION' ? 3.575  5.000  89   ? r_dihedral_angle_1_deg         ? ? 
'X-RAY DIFFRACTION' ? 28.527 24.231 52   ? r_dihedral_angle_2_deg         ? ? 
'X-RAY DIFFRACTION' ? 16.136 15.000 179  ? r_dihedral_angle_3_deg         ? ? 
'X-RAY DIFFRACTION' ? 28.606 15.000 6    ? r_dihedral_angle_4_deg         ? ? 
'X-RAY DIFFRACTION' ? 0.059  0.200  93   ? r_chiral_restr                 ? ? 
'X-RAY DIFFRACTION' ? 0.004  0.020  823  ? r_gen_planes_refined           ? ? 
'X-RAY DIFFRACTION' ? 0.001  0.020  139  ? r_gen_planes_other             ? ? 
'X-RAY DIFFRACTION' ? 0.210  0.200  171  ? r_nbd_refined                  ? ? 
'X-RAY DIFFRACTION' ? 0.182  0.200  637  ? r_symmetry_nbd_other           ? ? 
'X-RAY DIFFRACTION' ? 0.149  0.200  371  ? r_nbtor_refined                ? ? 
'X-RAY DIFFRACTION' ? 0.080  0.200  349  ? r_symmetry_nbtor_other         ? ? 
'X-RAY DIFFRACTION' ? 0.273  0.200  11   ? r_xyhbond_nbd_refined          ? ? 
'X-RAY DIFFRACTION' ? 0.237  0.200  34   ? r_symmetry_nbd_refined         ? ? 
'X-RAY DIFFRACTION' ? 0.193  0.200  128  ? r_nbd_other                    ? ? 
'X-RAY DIFFRACTION' ? 0.338  0.200  3    ? r_symmetry_xyhbond_nbd_refined ? ? 
'X-RAY DIFFRACTION' ? 0.191  0.200  1    ? r_xyhbond_nbd_other            ? ? 
'X-RAY DIFFRACTION' ? 2.073  3.748  350  ? r_mcbond_it                    ? ? 
'X-RAY DIFFRACTION' ? 2.064  3.740  349  ? r_mcbond_other                 ? ? 
'X-RAY DIFFRACTION' ? 3.084  5.599  435  ? r_mcangle_it                   ? ? 
'X-RAY DIFFRACTION' ? 3.084  5.607  436  ? r_mcangle_other                ? ? 
'X-RAY DIFFRACTION' ? 3.247  4.372  409  ? r_scbond_it                    ? ? 
'X-RAY DIFFRACTION' ? 3.244  4.370  407  ? r_scbond_other                 ? ? 
'X-RAY DIFFRACTION' ? 5.093  6.365  573  ? r_scangle_it                   ? ? 
'X-RAY DIFFRACTION' ? 5.094  6.366  573  ? r_scangle_other                ? ? 
'X-RAY DIFFRACTION' ? 6.662  43.773 856  ? r_lrange_it                    ? ? 
'X-RAY DIFFRACTION' ? 6.667  43.832 857  ? r_lrange_other                 ? ? 
'X-RAY DIFFRACTION' ? 0.131  0.050  1298 ? r_ncsr_local_group_1           ? ? 
# 
loop_
_refine_ls_shell.pdbx_refine_id 
_refine_ls_shell.d_res_high 
_refine_ls_shell.d_res_low 
_refine_ls_shell.number_reflns_all 
_refine_ls_shell.number_reflns_obs 
_refine_ls_shell.number_reflns_R_free 
_refine_ls_shell.number_reflns_R_work 
_refine_ls_shell.percent_reflns_obs 
_refine_ls_shell.percent_reflns_R_free 
_refine_ls_shell.R_factor_all 
_refine_ls_shell.R_factor_obs 
_refine_ls_shell.R_factor_R_free 
_refine_ls_shell.R_factor_R_free_error 
_refine_ls_shell.R_factor_R_work 
_refine_ls_shell.redundancy_reflns_all 
_refine_ls_shell.redundancy_reflns_obs 
_refine_ls_shell.wR_factor_all 
_refine_ls_shell.wR_factor_obs 
_refine_ls_shell.wR_factor_R_free 
_refine_ls_shell.wR_factor_R_work 
_refine_ls_shell.pdbx_R_complete 
_refine_ls_shell.pdbx_total_number_of_bins_used 
_refine_ls_shell.pdbx_phase_error 
_refine_ls_shell.pdbx_fsc_work 
_refine_ls_shell.pdbx_fsc_free 
'X-RAY DIFFRACTION' 1.853 1.901 . . 33 433 98.7288  . . . 0.339 . 0.306 . . . . . . . . . . . 
'X-RAY DIFFRACTION' 1.901 1.953 . . 24 480 100.0000 . . . 0.366 . 0.287 . . . . . . . . . . . 
'X-RAY DIFFRACTION' 1.953 2.010 . . 19 441 100.0000 . . . 0.321 . 0.266 . . . . . . . . . . . 
'X-RAY DIFFRACTION' 2.010 2.072 . . 21 442 100.0000 . . . 0.301 . 0.241 . . . . . . . . . . . 
'X-RAY DIFFRACTION' 2.072 2.139 . . 16 436 100.0000 . . . 0.357 . 0.215 . . . . . . . . . . . 
'X-RAY DIFFRACTION' 2.139 2.214 . . 21 398 100.0000 . . . 0.225 . 0.203 . . . . . . . . . . . 
'X-RAY DIFFRACTION' 2.214 2.298 . . 23 391 100.0000 . . . 0.215 . 0.185 . . . . . . . . . . . 
'X-RAY DIFFRACTION' 2.298 2.391 . . 22 382 100.0000 . . . 0.199 . 0.194 . . . . . . . . . . . 
'X-RAY DIFFRACTION' 2.391 2.497 . . 20 368 100.0000 . . . 0.208 . 0.237 . . . . . . . . . . . 
'X-RAY DIFFRACTION' 2.497 2.618 . . 17 367 100.0000 . . . 0.224 . 0.197 . . . . . . . . . . . 
'X-RAY DIFFRACTION' 2.618 2.759 . . 13 317 100.0000 . . . 0.121 . 0.221 . . . . . . . . . . . 
'X-RAY DIFFRACTION' 2.759 2.926 . . 16 325 100.0000 . . . 0.256 . 0.212 . . . . . . . . . . . 
'X-RAY DIFFRACTION' 2.926 3.127 . . 16 292 100.0000 . . . 0.268 . 0.219 . . . . . . . . . . . 
'X-RAY DIFFRACTION' 3.127 3.376 . . 18 275 100.0000 . . . 0.350 . 0.190 . . . . . . . . . . . 
'X-RAY DIFFRACTION' 3.376 3.695 . . 11 261 100.0000 . . . 0.379 . 0.173 . . . . . . . . . . . 
'X-RAY DIFFRACTION' 3.695 4.127 . . 19 223 100.0000 . . . 0.354 . 0.174 . . . . . . . . . . . 
'X-RAY DIFFRACTION' 4.127 4.758 . . 9  202 100.0000 . . . 0.146 . 0.146 . . . . . . . . . . . 
'X-RAY DIFFRACTION' 4.758 5.807 . . 5  180 99.4624  . . . 0.054 . 0.221 . . . . . . . . . . . 
'X-RAY DIFFRACTION' 5.807 8.131 . . 7  139 100.0000 . . . 0.279 . 0.271 . . . . . . . . . . . 
'X-RAY DIFFRACTION' 8.131 31.5  . . 4  81  98.8372  . . . 0.589 . 0.283 . . . . . . . . . . . 
# 
_struct_ncs_dom.id            1 
_struct_ncs_dom.details       'Chains AAA BBB' 
_struct_ncs_dom.pdbx_ens_id   1 
# 
_struct_ncs_ens.details       ? 
_struct_ncs_ens.id            1 
_struct_ncs_ens.point_group   ? 
# 
_struct.entry_id                     6TOC 
_struct.title                        
;Crystal structure of the oligomerisation domain of the transcription factor PHOSPHATE STARVATION RESPONSE 1 from Arabidopsis (crystal form 3).
;
_struct.pdbx_model_details           ? 
_struct.pdbx_formula_weight          ? 
_struct.pdbx_formula_weight_method   ? 
_struct.pdbx_model_type_details      ? 
_struct.pdbx_CASP_flag               N 
# 
_struct_keywords.entry_id        6TOC 
_struct_keywords.text            
'phosphate starvation, myb domain, coiled-coil domain, inositol pyrophosphate, plant nutrition, TRANSCRIPTION' 
_struct_keywords.pdbx_keywords   TRANSCRIPTION 
# 
loop_
_struct_asym.id 
_struct_asym.pdbx_blank_PDB_chainid_flag 
_struct_asym.pdbx_modified 
_struct_asym.entity_id 
_struct_asym.details 
A N N 1 ? 
B N N 1 ? 
C N N 2 ? 
D N N 2 ? 
# 
_struct_ref.id                         1 
_struct_ref.db_name                    UNP 
_struct_ref.db_code                    PHR1_ARATH 
_struct_ref.pdbx_db_accession          Q94CL7 
_struct_ref.pdbx_db_isoform            ? 
_struct_ref.entity_id                  1 
_struct_ref.pdbx_seq_one_letter_code   
;ARYRPEPSETGSPERKLTPLEHITSLDLKGGIGITEALRLQMEVQKQLHEQLEIQRNLQLRIEEQGKYLQMMFEKQNSGL

;
_struct_ref.pdbx_align_begin           280 
# 
loop_
_struct_ref_seq.align_id 
_struct_ref_seq.ref_id 
_struct_ref_seq.pdbx_PDB_id_code 
_struct_ref_seq.pdbx_strand_id 
_struct_ref_seq.seq_align_beg 
_struct_ref_seq.pdbx_seq_align_beg_ins_code 
_struct_ref_seq.seq_align_end 
_struct_ref_seq.pdbx_seq_align_end_ins_code 
_struct_ref_seq.pdbx_db_accession 
_struct_ref_seq.db_align_beg 
_struct_ref_seq.pdbx_db_align_beg_ins_code 
_struct_ref_seq.db_align_end 
_struct_ref_seq.pdbx_db_align_end_ins_code 
_struct_ref_seq.pdbx_auth_seq_align_beg 
_struct_ref_seq.pdbx_auth_seq_align_end 
1 1 6TOC AAA 2 ? 81 ? Q94CL7 280 ? 359 ? 280 359 
2 1 6TOC BBB 2 ? 81 ? Q94CL7 280 ? 359 ? 280 359 
# 
loop_
_struct_ref_seq_dif.align_id 
_struct_ref_seq_dif.pdbx_pdb_id_code 
_struct_ref_seq_dif.mon_id 
_struct_ref_seq_dif.pdbx_pdb_strand_id 
_struct_ref_seq_dif.seq_num 
_struct_ref_seq_dif.pdbx_pdb_ins_code 
_struct_ref_seq_dif.pdbx_seq_db_name 
_struct_ref_seq_dif.pdbx_seq_db_accession_code 
_struct_ref_seq_dif.db_mon_id 
_struct_ref_seq_dif.pdbx_seq_db_seq_num 
_struct_ref_seq_dif.details 
_struct_ref_seq_dif.pdbx_auth_seq_num 
_struct_ref_seq_dif.pdbx_ordinal 
1 6TOC GLY AAA 1 ? UNP Q94CL7 ? ? 'expression tag' 279 1 
2 6TOC GLY BBB 1 ? UNP Q94CL7 ? ? 'expression tag' 279 2 
# 
_pdbx_struct_assembly.id                   1 
_pdbx_struct_assembly.details              author_and_software_defined_assembly 
_pdbx_struct_assembly.method_details       PISA 
_pdbx_struct_assembly.oligomeric_details   tetrameric 
_pdbx_struct_assembly.oligomeric_count     4 
# 
loop_
_pdbx_struct_assembly_prop.biol_id 
_pdbx_struct_assembly_prop.type 
_pdbx_struct_assembly_prop.value 
_pdbx_struct_assembly_prop.details 
1 'ABSA (A^2)' 7950  ? 
1 MORE         -61   ? 
1 'SSA (A^2)'  10160 ? 
# 
_pdbx_struct_assembly_gen.assembly_id       1 
_pdbx_struct_assembly_gen.oper_expression   1,2 
_pdbx_struct_assembly_gen.asym_id_list      A,B,C,D 
# 
_pdbx_struct_assembly_auth_evidence.id                     1 
_pdbx_struct_assembly_auth_evidence.assembly_id            1 
_pdbx_struct_assembly_auth_evidence.experimental_support   'light scattering' 
_pdbx_struct_assembly_auth_evidence.details                ? 
# 
loop_
_pdbx_struct_oper_list.id 
_pdbx_struct_oper_list.type 
_pdbx_struct_oper_list.name 
_pdbx_struct_oper_list.symmetry_operation 
_pdbx_struct_oper_list.matrix[1][1] 
_pdbx_struct_oper_list.matrix[1][2] 
_pdbx_struct_oper_list.matrix[1][3] 
_pdbx_struct_oper_list.vector[1] 
_pdbx_struct_oper_list.matrix[2][1] 
_pdbx_struct_oper_list.matrix[2][2] 
_pdbx_struct_oper_list.matrix[2][3] 
_pdbx_struct_oper_list.vector[2] 
_pdbx_struct_oper_list.matrix[3][1] 
_pdbx_struct_oper_list.matrix[3][2] 
_pdbx_struct_oper_list.matrix[3][3] 
_pdbx_struct_oper_list.vector[3] 
1 'identity operation'         1_555 x,y,z     1.0000000000 0.0000000000 0.0000000000 0.0000000000 0.0000000000 1.0000000000  0.0000000000 0.0000000000  0.0000000000 0.0000000000 1.0000000000  0.0000000000 
2 'crystal symmetry operation' 2_655 -x+1,-y,z 0.3370933048 0.9413839083 0.0128234549 0.3014731103 0.9413839083 -0.3372162887 0.0090283857 -0.5550233656 0.0128234549 0.0090283857 -0.9998770161 9.3104696664 
# 
loop_
_struct_conf.conf_type_id 
_struct_conf.id 
_struct_conf.pdbx_PDB_helix_id 
_struct_conf.beg_label_comp_id 
_struct_conf.beg_label_asym_id 
_struct_conf.beg_label_seq_id 
_struct_conf.pdbx_beg_PDB_ins_code 
_struct_conf.end_label_comp_id 
_struct_conf.end_label_asym_id 
_struct_conf.end_label_seq_id 
_struct_conf.pdbx_end_PDB_ins_code 
_struct_conf.beg_auth_comp_id 
_struct_conf.beg_auth_asym_id 
_struct_conf.beg_auth_seq_id 
_struct_conf.end_auth_comp_id 
_struct_conf.end_auth_asym_id 
_struct_conf.end_auth_seq_id 
_struct_conf.pdbx_PDB_helix_class 
_struct_conf.details 
_struct_conf.pdbx_PDB_helix_length 
HELX_P HELX_P1 AA1 GLY A 34 ? LYS A 76 ? GLY AAA 312 LYS AAA 354 1 ? 43 
HELX_P HELX_P2 AA2 ILE B 35 ? LYS B 76 ? ILE BBB 313 LYS BBB 354 1 ? 42 
# 
_struct_conf_type.id          HELX_P 
_struct_conf_type.criteria    ? 
_struct_conf_type.reference   ? 
# 
_pdbx_validate_torsion.id              1 
_pdbx_validate_torsion.PDB_model_num   1 
_pdbx_validate_torsion.auth_comp_id    LYS 
_pdbx_validate_torsion.auth_asym_id    BBB 
_pdbx_validate_torsion.auth_seq_id     354 
_pdbx_validate_torsion.PDB_ins_code    ? 
_pdbx_validate_torsion.label_alt_id    ? 
_pdbx_validate_torsion.phi             -102.17 
_pdbx_validate_torsion.psi             73.00 
# 
loop_
_pdbx_unobs_or_zero_occ_residues.id 
_pdbx_unobs_or_zero_occ_residues.PDB_model_num 
_pdbx_unobs_or_zero_occ_residues.polymer_flag 
_pdbx_unobs_or_zero_occ_residues.occupancy_flag 
_pdbx_unobs_or_zero_occ_residues.auth_asym_id 
_pdbx_unobs_or_zero_occ_residues.auth_comp_id 
_pdbx_unobs_or_zero_occ_residues.auth_seq_id 
_pdbx_unobs_or_zero_occ_residues.PDB_ins_code 
_pdbx_unobs_or_zero_occ_residues.label_asym_id 
_pdbx_unobs_or_zero_occ_residues.label_comp_id 
_pdbx_unobs_or_zero_occ_residues.label_seq_id 
1  1 Y 1 AAA GLY 279 ? A GLY 1  
2  1 Y 1 AAA ALA 280 ? A ALA 2  
3  1 Y 1 AAA ARG 281 ? A ARG 3  
4  1 Y 1 AAA TYR 282 ? A TYR 4  
5  1 Y 1 AAA ARG 283 ? A ARG 5  
6  1 Y 1 AAA PRO 284 ? A PRO 6  
7  1 Y 1 AAA GLU 285 ? A GLU 7  
8  1 Y 1 AAA PRO 286 ? A PRO 8  
9  1 Y 1 AAA SER 287 ? A SER 9  
10 1 Y 1 AAA GLU 288 ? A GLU 10 
11 1 Y 1 AAA THR 289 ? A THR 11 
12 1 Y 1 AAA GLY 290 ? A GLY 12 
13 1 Y 1 AAA SER 291 ? A SER 13 
14 1 Y 1 AAA PRO 292 ? A PRO 14 
15 1 Y 1 AAA GLU 293 ? A GLU 15 
16 1 Y 1 AAA ARG 294 ? A ARG 16 
17 1 Y 1 AAA LYS 295 ? A LYS 17 
18 1 Y 1 AAA LEU 296 ? A LEU 18 
19 1 Y 1 AAA THR 297 ? A THR 19 
20 1 Y 1 AAA PRO 298 ? A PRO 20 
21 1 Y 1 AAA LEU 299 ? A LEU 21 
22 1 Y 1 AAA GLU 300 ? A GLU 22 
23 1 Y 1 AAA HIS 301 ? A HIS 23 
24 1 Y 1 AAA ILE 302 ? A ILE 24 
25 1 Y 1 AAA THR 303 ? A THR 25 
26 1 Y 1 AAA SER 304 ? A SER 26 
27 1 Y 1 AAA LEU 305 ? A LEU 27 
28 1 Y 1 AAA ASP 306 ? A ASP 28 
29 1 Y 1 AAA LEU 307 ? A LEU 29 
30 1 Y 1 AAA LYS 308 ? A LYS 30 
31 1 Y 1 AAA GLY 309 ? A GLY 31 
32 1 Y 1 AAA GLY 310 ? A GLY 32 
33 1 Y 1 AAA ILE 311 ? A ILE 33 
34 1 Y 1 AAA GLN 355 ? A GLN 77 
35 1 Y 1 AAA ASN 356 ? A ASN 78 
36 1 Y 1 AAA SER 357 ? A SER 79 
37 1 Y 1 AAA GLY 358 ? A GLY 80 
38 1 Y 1 AAA LEU 359 ? A LEU 81 
39 1 Y 1 BBB GLY 279 ? B GLY 1  
40 1 Y 1 BBB ALA 280 ? B ALA 2  
41 1 Y 1 BBB ARG 281 ? B ARG 3  
42 1 Y 1 BBB TYR 282 ? B TYR 4  
43 1 Y 1 BBB ARG 283 ? B ARG 5  
44 1 Y 1 BBB PRO 284 ? B PRO 6  
45 1 Y 1 BBB GLU 285 ? B GLU 7  
46 1 Y 1 BBB PRO 286 ? B PRO 8  
47 1 Y 1 BBB SER 287 ? B SER 9  
48 1 Y 1 BBB GLU 288 ? B GLU 10 
49 1 Y 1 BBB THR 289 ? B THR 11 
50 1 Y 1 BBB GLY 290 ? B GLY 12 
51 1 Y 1 BBB SER 291 ? B SER 13 
52 1 Y 1 BBB PRO 292 ? B PRO 14 
53 1 Y 1 BBB GLU 293 ? B GLU 15 
54 1 Y 1 BBB ARG 294 ? B ARG 16 
55 1 Y 1 BBB LYS 295 ? B LYS 17 
56 1 Y 1 BBB LEU 296 ? B LEU 18 
57 1 Y 1 BBB THR 297 ? B THR 19 
58 1 Y 1 BBB PRO 298 ? B PRO 20 
59 1 Y 1 BBB LEU 299 ? B LEU 21 
60 1 Y 1 BBB GLU 300 ? B GLU 22 
61 1 Y 1 BBB HIS 301 ? B HIS 23 
62 1 Y 1 BBB ILE 302 ? B ILE 24 
63 1 Y 1 BBB THR 303 ? B THR 25 
64 1 Y 1 BBB SER 304 ? B SER 26 
65 1 Y 1 BBB LEU 305 ? B LEU 27 
66 1 Y 1 BBB ASP 306 ? B ASP 28 
67 1 Y 1 BBB LEU 307 ? B LEU 29 
68 1 Y 1 BBB LYS 308 ? B LYS 30 
69 1 Y 1 BBB GLY 309 ? B GLY 31 
70 1 Y 1 BBB GLY 310 ? B GLY 32 
71 1 Y 1 BBB ILE 311 ? B ILE 33 
72 1 Y 1 BBB ASN 356 ? B ASN 78 
73 1 Y 1 BBB SER 357 ? B SER 79 
74 1 Y 1 BBB GLY 358 ? B GLY 80 
75 1 Y 1 BBB LEU 359 ? B LEU 81 
# 
loop_
_chem_comp_atom.comp_id 
_chem_comp_atom.atom_id 
_chem_comp_atom.type_symbol 
_chem_comp_atom.pdbx_aromatic_flag 
_chem_comp_atom.pdbx_stereo_config 
_chem_comp_atom.pdbx_ordinal 
ALA N    N N N 1   
ALA CA   C N S 2   
ALA C    C N N 3   
ALA O    O N N 4   
ALA CB   C N N 5   
ALA OXT  O N N 6   
ALA H    H N N 7   
ALA H2   H N N 8   
ALA HA   H N N 9   
ALA HB1  H N N 10  
ALA HB2  H N N 11  
ALA HB3  H N N 12  
ALA HXT  H N N 13  
ARG N    N N N 14  
ARG CA   C N S 15  
ARG C    C N N 16  
ARG O    O N N 17  
ARG CB   C N N 18  
ARG CG   C N N 19  
ARG CD   C N N 20  
ARG NE   N N N 21  
ARG CZ   C N N 22  
ARG NH1  N N N 23  
ARG NH2  N N N 24  
ARG OXT  O N N 25  
ARG H    H N N 26  
ARG H2   H N N 27  
ARG HA   H N N 28  
ARG HB2  H N N 29  
ARG HB3  H N N 30  
ARG HG2  H N N 31  
ARG HG3  H N N 32  
ARG HD2  H N N 33  
ARG HD3  H N N 34  
ARG HE   H N N 35  
ARG HH11 H N N 36  
ARG HH12 H N N 37  
ARG HH21 H N N 38  
ARG HH22 H N N 39  
ARG HXT  H N N 40  
ASN N    N N N 41  
ASN CA   C N S 42  
ASN C    C N N 43  
ASN O    O N N 44  
ASN CB   C N N 45  
ASN CG   C N N 46  
ASN OD1  O N N 47  
ASN ND2  N N N 48  
ASN OXT  O N N 49  
ASN H    H N N 50  
ASN H2   H N N 51  
ASN HA   H N N 52  
ASN HB2  H N N 53  
ASN HB3  H N N 54  
ASN HD21 H N N 55  
ASN HD22 H N N 56  
ASN HXT  H N N 57  
ASP N    N N N 58  
ASP CA   C N S 59  
ASP C    C N N 60  
ASP O    O N N 61  
ASP CB   C N N 62  
ASP CG   C N N 63  
ASP OD1  O N N 64  
ASP OD2  O N N 65  
ASP OXT  O N N 66  
ASP H    H N N 67  
ASP H2   H N N 68  
ASP HA   H N N 69  
ASP HB2  H N N 70  
ASP HB3  H N N 71  
ASP HD2  H N N 72  
ASP HXT  H N N 73  
GLN N    N N N 74  
GLN CA   C N S 75  
GLN C    C N N 76  
GLN O    O N N 77  
GLN CB   C N N 78  
GLN CG   C N N 79  
GLN CD   C N N 80  
GLN OE1  O N N 81  
GLN NE2  N N N 82  
GLN OXT  O N N 83  
GLN H    H N N 84  
GLN H2   H N N 85  
GLN HA   H N N 86  
GLN HB2  H N N 87  
GLN HB3  H N N 88  
GLN HG2  H N N 89  
GLN HG3  H N N 90  
GLN HE21 H N N 91  
GLN HE22 H N N 92  
GLN HXT  H N N 93  
GLU N    N N N 94  
GLU CA   C N S 95  
GLU C    C N N 96  
GLU O    O N N 97  
GLU CB   C N N 98  
GLU CG   C N N 99  
GLU CD   C N N 100 
GLU OE1  O N N 101 
GLU OE2  O N N 102 
GLU OXT  O N N 103 
GLU H    H N N 104 
GLU H2   H N N 105 
GLU HA   H N N 106 
GLU HB2  H N N 107 
GLU HB3  H N N 108 
GLU HG2  H N N 109 
GLU HG3  H N N 110 
GLU HE2  H N N 111 
GLU HXT  H N N 112 
GLY N    N N N 113 
GLY CA   C N N 114 
GLY C    C N N 115 
GLY O    O N N 116 
GLY OXT  O N N 117 
GLY H    H N N 118 
GLY H2   H N N 119 
GLY HA2  H N N 120 
GLY HA3  H N N 121 
GLY HXT  H N N 122 
HIS N    N N N 123 
HIS CA   C N S 124 
HIS C    C N N 125 
HIS O    O N N 126 
HIS CB   C N N 127 
HIS CG   C Y N 128 
HIS ND1  N Y N 129 
HIS CD2  C Y N 130 
HIS CE1  C Y N 131 
HIS NE2  N Y N 132 
HIS OXT  O N N 133 
HIS H    H N N 134 
HIS H2   H N N 135 
HIS HA   H N N 136 
HIS HB2  H N N 137 
HIS HB3  H N N 138 
HIS HD1  H N N 139 
HIS HD2  H N N 140 
HIS HE1  H N N 141 
HIS HE2  H N N 142 
HIS HXT  H N N 143 
HOH O    O N N 144 
HOH H1   H N N 145 
HOH H2   H N N 146 
ILE N    N N N 147 
ILE CA   C N S 148 
ILE C    C N N 149 
ILE O    O N N 150 
ILE CB   C N S 151 
ILE CG1  C N N 152 
ILE CG2  C N N 153 
ILE CD1  C N N 154 
ILE OXT  O N N 155 
ILE H    H N N 156 
ILE H2   H N N 157 
ILE HA   H N N 158 
ILE HB   H N N 159 
ILE HG12 H N N 160 
ILE HG13 H N N 161 
ILE HG21 H N N 162 
ILE HG22 H N N 163 
ILE HG23 H N N 164 
ILE HD11 H N N 165 
ILE HD12 H N N 166 
ILE HD13 H N N 167 
ILE HXT  H N N 168 
LEU N    N N N 169 
LEU CA   C N S 170 
LEU C    C N N 171 
LEU O    O N N 172 
LEU CB   C N N 173 
LEU CG   C N N 174 
LEU CD1  C N N 175 
LEU CD2  C N N 176 
LEU OXT  O N N 177 
LEU H    H N N 178 
LEU H2   H N N 179 
LEU HA   H N N 180 
LEU HB2  H N N 181 
LEU HB3  H N N 182 
LEU HG   H N N 183 
LEU HD11 H N N 184 
LEU HD12 H N N 185 
LEU HD13 H N N 186 
LEU HD21 H N N 187 
LEU HD22 H N N 188 
LEU HD23 H N N 189 
LEU HXT  H N N 190 
LYS N    N N N 191 
LYS CA   C N S 192 
LYS C    C N N 193 
LYS O    O N N 194 
LYS CB   C N N 195 
LYS CG   C N N 196 
LYS CD   C N N 197 
LYS CE   C N N 198 
LYS NZ   N N N 199 
LYS OXT  O N N 200 
LYS H    H N N 201 
LYS H2   H N N 202 
LYS HA   H N N 203 
LYS HB2  H N N 204 
LYS HB3  H N N 205 
LYS HG2  H N N 206 
LYS HG3  H N N 207 
LYS HD2  H N N 208 
LYS HD3  H N N 209 
LYS HE2  H N N 210 
LYS HE3  H N N 211 
LYS HZ1  H N N 212 
LYS HZ2  H N N 213 
LYS HZ3  H N N 214 
LYS HXT  H N N 215 
MET N    N N N 216 
MET CA   C N S 217 
MET C    C N N 218 
MET O    O N N 219 
MET CB   C N N 220 
MET CG   C N N 221 
MET SD   S N N 222 
MET CE   C N N 223 
MET OXT  O N N 224 
MET H    H N N 225 
MET H2   H N N 226 
MET HA   H N N 227 
MET HB2  H N N 228 
MET HB3  H N N 229 
MET HG2  H N N 230 
MET HG3  H N N 231 
MET HE1  H N N 232 
MET HE2  H N N 233 
MET HE3  H N N 234 
MET HXT  H N N 235 
PHE N    N N N 236 
PHE CA   C N S 237 
PHE C    C N N 238 
PHE O    O N N 239 
PHE CB   C N N 240 
PHE CG   C Y N 241 
PHE CD1  C Y N 242 
PHE CD2  C Y N 243 
PHE CE1  C Y N 244 
PHE CE2  C Y N 245 
PHE CZ   C Y N 246 
PHE OXT  O N N 247 
PHE H    H N N 248 
PHE H2   H N N 249 
PHE HA   H N N 250 
PHE HB2  H N N 251 
PHE HB3  H N N 252 
PHE HD1  H N N 253 
PHE HD2  H N N 254 
PHE HE1  H N N 255 
PHE HE2  H N N 256 
PHE HZ   H N N 257 
PHE HXT  H N N 258 
PRO N    N N N 259 
PRO CA   C N S 260 
PRO C    C N N 261 
PRO O    O N N 262 
PRO CB   C N N 263 
PRO CG   C N N 264 
PRO CD   C N N 265 
PRO OXT  O N N 266 
PRO H    H N N 267 
PRO HA   H N N 268 
PRO HB2  H N N 269 
PRO HB3  H N N 270 
PRO HG2  H N N 271 
PRO HG3  H N N 272 
PRO HD2  H N N 273 
PRO HD3  H N N 274 
PRO HXT  H N N 275 
SER N    N N N 276 
SER CA   C N S 277 
SER C    C N N 278 
SER O    O N N 279 
SER CB   C N N 280 
SER OG   O N N 281 
SER OXT  O N N 282 
SER H    H N N 283 
SER H2   H N N 284 
SER HA   H N N 285 
SER HB2  H N N 286 
SER HB3  H N N 287 
SER HG   H N N 288 
SER HXT  H N N 289 
THR N    N N N 290 
THR CA   C N S 291 
THR C    C N N 292 
THR O    O N N 293 
THR CB   C N R 294 
THR OG1  O N N 295 
THR CG2  C N N 296 
THR OXT  O N N 297 
THR H    H N N 298 
THR H2   H N N 299 
THR HA   H N N 300 
THR HB   H N N 301 
THR HG1  H N N 302 
THR HG21 H N N 303 
THR HG22 H N N 304 
THR HG23 H N N 305 
THR HXT  H N N 306 
TYR N    N N N 307 
TYR CA   C N S 308 
TYR C    C N N 309 
TYR O    O N N 310 
TYR CB   C N N 311 
TYR CG   C Y N 312 
TYR CD1  C Y N 313 
TYR CD2  C Y N 314 
TYR CE1  C Y N 315 
TYR CE2  C Y N 316 
TYR CZ   C Y N 317 
TYR OH   O N N 318 
TYR OXT  O N N 319 
TYR H    H N N 320 
TYR H2   H N N 321 
TYR HA   H N N 322 
TYR HB2  H N N 323 
TYR HB3  H N N 324 
TYR HD1  H N N 325 
TYR HD2  H N N 326 
TYR HE1  H N N 327 
TYR HE2  H N N 328 
TYR HH   H N N 329 
TYR HXT  H N N 330 
VAL N    N N N 331 
VAL CA   C N S 332 
VAL C    C N N 333 
VAL O    O N N 334 
VAL CB   C N N 335 
VAL CG1  C N N 336 
VAL CG2  C N N 337 
VAL OXT  O N N 338 
VAL H    H N N 339 
VAL H2   H N N 340 
VAL HA   H N N 341 
VAL HB   H N N 342 
VAL HG11 H N N 343 
VAL HG12 H N N 344 
VAL HG13 H N N 345 
VAL HG21 H N N 346 
VAL HG22 H N N 347 
VAL HG23 H N N 348 
VAL HXT  H N N 349 
# 
loop_
_chem_comp_bond.comp_id 
_chem_comp_bond.atom_id_1 
_chem_comp_bond.atom_id_2 
_chem_comp_bond.value_order 
_chem_comp_bond.pdbx_aromatic_flag 
_chem_comp_bond.pdbx_stereo_config 
_chem_comp_bond.pdbx_ordinal 
ALA N   CA   sing N N 1   
ALA N   H    sing N N 2   
ALA N   H2   sing N N 3   
ALA CA  C    sing N N 4   
ALA CA  CB   sing N N 5   
ALA CA  HA   sing N N 6   
ALA C   O    doub N N 7   
ALA C   OXT  sing N N 8   
ALA CB  HB1  sing N N 9   
ALA CB  HB2  sing N N 10  
ALA CB  HB3  sing N N 11  
ALA OXT HXT  sing N N 12  
ARG N   CA   sing N N 13  
ARG N   H    sing N N 14  
ARG N   H2   sing N N 15  
ARG CA  C    sing N N 16  
ARG CA  CB   sing N N 17  
ARG CA  HA   sing N N 18  
ARG C   O    doub N N 19  
ARG C   OXT  sing N N 20  
ARG CB  CG   sing N N 21  
ARG CB  HB2  sing N N 22  
ARG CB  HB3  sing N N 23  
ARG CG  CD   sing N N 24  
ARG CG  HG2  sing N N 25  
ARG CG  HG3  sing N N 26  
ARG CD  NE   sing N N 27  
ARG CD  HD2  sing N N 28  
ARG CD  HD3  sing N N 29  
ARG NE  CZ   sing N N 30  
ARG NE  HE   sing N N 31  
ARG CZ  NH1  sing N N 32  
ARG CZ  NH2  doub N N 33  
ARG NH1 HH11 sing N N 34  
ARG NH1 HH12 sing N N 35  
ARG NH2 HH21 sing N N 36  
ARG NH2 HH22 sing N N 37  
ARG OXT HXT  sing N N 38  
ASN N   CA   sing N N 39  
ASN N   H    sing N N 40  
ASN N   H2   sing N N 41  
ASN CA  C    sing N N 42  
ASN CA  CB   sing N N 43  
ASN CA  HA   sing N N 44  
ASN C   O    doub N N 45  
ASN C   OXT  sing N N 46  
ASN CB  CG   sing N N 47  
ASN CB  HB2  sing N N 48  
ASN CB  HB3  sing N N 49  
ASN CG  OD1  doub N N 50  
ASN CG  ND2  sing N N 51  
ASN ND2 HD21 sing N N 52  
ASN ND2 HD22 sing N N 53  
ASN OXT HXT  sing N N 54  
ASP N   CA   sing N N 55  
ASP N   H    sing N N 56  
ASP N   H2   sing N N 57  
ASP CA  C    sing N N 58  
ASP CA  CB   sing N N 59  
ASP CA  HA   sing N N 60  
ASP C   O    doub N N 61  
ASP C   OXT  sing N N 62  
ASP CB  CG   sing N N 63  
ASP CB  HB2  sing N N 64  
ASP CB  HB3  sing N N 65  
ASP CG  OD1  doub N N 66  
ASP CG  OD2  sing N N 67  
ASP OD2 HD2  sing N N 68  
ASP OXT HXT  sing N N 69  
GLN N   CA   sing N N 70  
GLN N   H    sing N N 71  
GLN N   H2   sing N N 72  
GLN CA  C    sing N N 73  
GLN CA  CB   sing N N 74  
GLN CA  HA   sing N N 75  
GLN C   O    doub N N 76  
GLN C   OXT  sing N N 77  
GLN CB  CG   sing N N 78  
GLN CB  HB2  sing N N 79  
GLN CB  HB3  sing N N 80  
GLN CG  CD   sing N N 81  
GLN CG  HG2  sing N N 82  
GLN CG  HG3  sing N N 83  
GLN CD  OE1  doub N N 84  
GLN CD  NE2  sing N N 85  
GLN NE2 HE21 sing N N 86  
GLN NE2 HE22 sing N N 87  
GLN OXT HXT  sing N N 88  
GLU N   CA   sing N N 89  
GLU N   H    sing N N 90  
GLU N   H2   sing N N 91  
GLU CA  C    sing N N 92  
GLU CA  CB   sing N N 93  
GLU CA  HA   sing N N 94  
GLU C   O    doub N N 95  
GLU C   OXT  sing N N 96  
GLU CB  CG   sing N N 97  
GLU CB  HB2  sing N N 98  
GLU CB  HB3  sing N N 99  
GLU CG  CD   sing N N 100 
GLU CG  HG2  sing N N 101 
GLU CG  HG3  sing N N 102 
GLU CD  OE1  doub N N 103 
GLU CD  OE2  sing N N 104 
GLU OE2 HE2  sing N N 105 
GLU OXT HXT  sing N N 106 
GLY N   CA   sing N N 107 
GLY N   H    sing N N 108 
GLY N   H2   sing N N 109 
GLY CA  C    sing N N 110 
GLY CA  HA2  sing N N 111 
GLY CA  HA3  sing N N 112 
GLY C   O    doub N N 113 
GLY C   OXT  sing N N 114 
GLY OXT HXT  sing N N 115 
HIS N   CA   sing N N 116 
HIS N   H    sing N N 117 
HIS N   H2   sing N N 118 
HIS CA  C    sing N N 119 
HIS CA  CB   sing N N 120 
HIS CA  HA   sing N N 121 
HIS C   O    doub N N 122 
HIS C   OXT  sing N N 123 
HIS CB  CG   sing N N 124 
HIS CB  HB2  sing N N 125 
HIS CB  HB3  sing N N 126 
HIS CG  ND1  sing Y N 127 
HIS CG  CD2  doub Y N 128 
HIS ND1 CE1  doub Y N 129 
HIS ND1 HD1  sing N N 130 
HIS CD2 NE2  sing Y N 131 
HIS CD2 HD2  sing N N 132 
HIS CE1 NE2  sing Y N 133 
HIS CE1 HE1  sing N N 134 
HIS NE2 HE2  sing N N 135 
HIS OXT HXT  sing N N 136 
HOH O   H1   sing N N 137 
HOH O   H2   sing N N 138 
ILE N   CA   sing N N 139 
ILE N   H    sing N N 140 
ILE N   H2   sing N N 141 
ILE CA  C    sing N N 142 
ILE CA  CB   sing N N 143 
ILE CA  HA   sing N N 144 
ILE C   O    doub N N 145 
ILE C   OXT  sing N N 146 
ILE CB  CG1  sing N N 147 
ILE CB  CG2  sing N N 148 
ILE CB  HB   sing N N 149 
ILE CG1 CD1  sing N N 150 
ILE CG1 HG12 sing N N 151 
ILE CG1 HG13 sing N N 152 
ILE CG2 HG21 sing N N 153 
ILE CG2 HG22 sing N N 154 
ILE CG2 HG23 sing N N 155 
ILE CD1 HD11 sing N N 156 
ILE CD1 HD12 sing N N 157 
ILE CD1 HD13 sing N N 158 
ILE OXT HXT  sing N N 159 
LEU N   CA   sing N N 160 
LEU N   H    sing N N 161 
LEU N   H2   sing N N 162 
LEU CA  C    sing N N 163 
LEU CA  CB   sing N N 164 
LEU CA  HA   sing N N 165 
LEU C   O    doub N N 166 
LEU C   OXT  sing N N 167 
LEU CB  CG   sing N N 168 
LEU CB  HB2  sing N N 169 
LEU CB  HB3  sing N N 170 
LEU CG  CD1  sing N N 171 
LEU CG  CD2  sing N N 172 
LEU CG  HG   sing N N 173 
LEU CD1 HD11 sing N N 174 
LEU CD1 HD12 sing N N 175 
LEU CD1 HD13 sing N N 176 
LEU CD2 HD21 sing N N 177 
LEU CD2 HD22 sing N N 178 
LEU CD2 HD23 sing N N 179 
LEU OXT HXT  sing N N 180 
LYS N   CA   sing N N 181 
LYS N   H    sing N N 182 
LYS N   H2   sing N N 183 
LYS CA  C    sing N N 184 
LYS CA  CB   sing N N 185 
LYS CA  HA   sing N N 186 
LYS C   O    doub N N 187 
LYS C   OXT  sing N N 188 
LYS CB  CG   sing N N 189 
LYS CB  HB2  sing N N 190 
LYS CB  HB3  sing N N 191 
LYS CG  CD   sing N N 192 
LYS CG  HG2  sing N N 193 
LYS CG  HG3  sing N N 194 
LYS CD  CE   sing N N 195 
LYS CD  HD2  sing N N 196 
LYS CD  HD3  sing N N 197 
LYS CE  NZ   sing N N 198 
LYS CE  HE2  sing N N 199 
LYS CE  HE3  sing N N 200 
LYS NZ  HZ1  sing N N 201 
LYS NZ  HZ2  sing N N 202 
LYS NZ  HZ3  sing N N 203 
LYS OXT HXT  sing N N 204 
MET N   CA   sing N N 205 
MET N   H    sing N N 206 
MET N   H2   sing N N 207 
MET CA  C    sing N N 208 
MET CA  CB   sing N N 209 
MET CA  HA   sing N N 210 
MET C   O    doub N N 211 
MET C   OXT  sing N N 212 
MET CB  CG   sing N N 213 
MET CB  HB2  sing N N 214 
MET CB  HB3  sing N N 215 
MET CG  SD   sing N N 216 
MET CG  HG2  sing N N 217 
MET CG  HG3  sing N N 218 
MET SD  CE   sing N N 219 
MET CE  HE1  sing N N 220 
MET CE  HE2  sing N N 221 
MET CE  HE3  sing N N 222 
MET OXT HXT  sing N N 223 
PHE N   CA   sing N N 224 
PHE N   H    sing N N 225 
PHE N   H2   sing N N 226 
PHE CA  C    sing N N 227 
PHE CA  CB   sing N N 228 
PHE CA  HA   sing N N 229 
PHE C   O    doub N N 230 
PHE C   OXT  sing N N 231 
PHE CB  CG   sing N N 232 
PHE CB  HB2  sing N N 233 
PHE CB  HB3  sing N N 234 
PHE CG  CD1  doub Y N 235 
PHE CG  CD2  sing Y N 236 
PHE CD1 CE1  sing Y N 237 
PHE CD1 HD1  sing N N 238 
PHE CD2 CE2  doub Y N 239 
PHE CD2 HD2  sing N N 240 
PHE CE1 CZ   doub Y N 241 
PHE CE1 HE1  sing N N 242 
PHE CE2 CZ   sing Y N 243 
PHE CE2 HE2  sing N N 244 
PHE CZ  HZ   sing N N 245 
PHE OXT HXT  sing N N 246 
PRO N   CA   sing N N 247 
PRO N   CD   sing N N 248 
PRO N   H    sing N N 249 
PRO CA  C    sing N N 250 
PRO CA  CB   sing N N 251 
PRO CA  HA   sing N N 252 
PRO C   O    doub N N 253 
PRO C   OXT  sing N N 254 
PRO CB  CG   sing N N 255 
PRO CB  HB2  sing N N 256 
PRO CB  HB3  sing N N 257 
PRO CG  CD   sing N N 258 
PRO CG  HG2  sing N N 259 
PRO CG  HG3  sing N N 260 
PRO CD  HD2  sing N N 261 
PRO CD  HD3  sing N N 262 
PRO OXT HXT  sing N N 263 
SER N   CA   sing N N 264 
SER N   H    sing N N 265 
SER N   H2   sing N N 266 
SER CA  C    sing N N 267 
SER CA  CB   sing N N 268 
SER CA  HA   sing N N 269 
SER C   O    doub N N 270 
SER C   OXT  sing N N 271 
SER CB  OG   sing N N 272 
SER CB  HB2  sing N N 273 
SER CB  HB3  sing N N 274 
SER OG  HG   sing N N 275 
SER OXT HXT  sing N N 276 
THR N   CA   sing N N 277 
THR N   H    sing N N 278 
THR N   H2   sing N N 279 
THR CA  C    sing N N 280 
THR CA  CB   sing N N 281 
THR CA  HA   sing N N 282 
THR C   O    doub N N 283 
THR C   OXT  sing N N 284 
THR CB  OG1  sing N N 285 
THR CB  CG2  sing N N 286 
THR CB  HB   sing N N 287 
THR OG1 HG1  sing N N 288 
THR CG2 HG21 sing N N 289 
THR CG2 HG22 sing N N 290 
THR CG2 HG23 sing N N 291 
THR OXT HXT  sing N N 292 
TYR N   CA   sing N N 293 
TYR N   H    sing N N 294 
TYR N   H2   sing N N 295 
TYR CA  C    sing N N 296 
TYR CA  CB   sing N N 297 
TYR CA  HA   sing N N 298 
TYR C   O    doub N N 299 
TYR C   OXT  sing N N 300 
TYR CB  CG   sing N N 301 
TYR CB  HB2  sing N N 302 
TYR CB  HB3  sing N N 303 
TYR CG  CD1  doub Y N 304 
TYR CG  CD2  sing Y N 305 
TYR CD1 CE1  sing Y N 306 
TYR CD1 HD1  sing N N 307 
TYR CD2 CE2  doub Y N 308 
TYR CD2 HD2  sing N N 309 
TYR CE1 CZ   doub Y N 310 
TYR CE1 HE1  sing N N 311 
TYR CE2 CZ   sing Y N 312 
TYR CE2 HE2  sing N N 313 
TYR CZ  OH   sing N N 314 
TYR OH  HH   sing N N 315 
TYR OXT HXT  sing N N 316 
VAL N   CA   sing N N 317 
VAL N   H    sing N N 318 
VAL N   H2   sing N N 319 
VAL CA  C    sing N N 320 
VAL CA  CB   sing N N 321 
VAL CA  HA   sing N N 322 
VAL C   O    doub N N 323 
VAL C   OXT  sing N N 324 
VAL CB  CG1  sing N N 325 
VAL CB  CG2  sing N N 326 
VAL CB  HB   sing N N 327 
VAL CG1 HG11 sing N N 328 
VAL CG1 HG12 sing N N 329 
VAL CG1 HG13 sing N N 330 
VAL CG2 HG21 sing N N 331 
VAL CG2 HG22 sing N N 332 
VAL CG2 HG23 sing N N 333 
VAL OXT HXT  sing N N 334 
# 
loop_
_pdbx_audit_support.funding_organization 
_pdbx_audit_support.country 
_pdbx_audit_support.grant_number 
_pdbx_audit_support.ordinal 
'European Research Council (ERC)'   Switzerland 818696/INSPIRE 1 
'Swiss National Science Foundation' Switzerland CRSII5_170925  2 
# 
_pdbx_initial_refinement_model.id               1 
_pdbx_initial_refinement_model.entity_id_list   ? 
_pdbx_initial_refinement_model.type             'experimental model' 
_pdbx_initial_refinement_model.source_name      PDB 
_pdbx_initial_refinement_model.accession_code   6TO5 
_pdbx_initial_refinement_model.details          ? 
# 
loop_
_pdbx_reflns_twin.domain_id 
_pdbx_reflns_twin.operator 
_pdbx_reflns_twin.fraction 
_pdbx_reflns_twin.type 
_pdbx_reflns_twin.crystal_id 
_pdbx_reflns_twin.diffrn_id 
1 'H,  K,  L'  0.5053 pseudo-merohedral 1 1 
2 '-K, -H, -L' 0.4947 pseudo-merohedral 2 2 
# 
_pdbx_related_exp_data_set.ordinal              1 
_pdbx_related_exp_data_set.data_reference       10.5281/zenodo.3571040 
_pdbx_related_exp_data_set.metadata_reference   10.5281/zenodo.3571040 
_pdbx_related_exp_data_set.data_set_type        'diffraction image data' 
_pdbx_related_exp_data_set.details              ? 
# 
_atom_sites.entry_id                    6TOC 
_atom_sites.Cartn_transf_matrix[1][1]   ? 
_atom_sites.Cartn_transf_matrix[1][2]   ? 
_atom_sites.Cartn_transf_matrix[1][3]   ? 
_atom_sites.Cartn_transf_matrix[2][1]   ? 
_atom_sites.Cartn_transf_matrix[2][2]   ? 
_atom_sites.Cartn_transf_matrix[2][3]   ? 
_atom_sites.Cartn_transf_matrix[3][1]   ? 
_atom_sites.Cartn_transf_matrix[3][2]   ? 
_atom_sites.Cartn_transf_matrix[3][3]   ? 
_atom_sites.Cartn_transf_vector[1]      ? 
_atom_sites.Cartn_transf_vector[2]      ? 
_atom_sites.Cartn_transf_vector[3]      ? 
_atom_sites.fract_transf_matrix[1][1]   -0.01824288 
_atom_sites.fract_transf_matrix[1][2]   0.02588589 
_atom_sites.fract_transf_matrix[1][3]   0.00186198 
_atom_sites.fract_transf_matrix[2][1]   0.00086889 
_atom_sites.fract_transf_matrix[2][2]   -0.00166550 
_atom_sites.fract_transf_matrix[2][3]   0.03166733 
_atom_sites.fract_transf_matrix[3][1]   0.01002026 
_atom_sites.fract_transf_matrix[3][2]   0.00705479 
_atom_sites.fract_transf_matrix[3][3]   0.00009610 
_atom_sites.fract_transf_vector[1]      0.501268 
_atom_sites.fract_transf_vector[2]      -0.148012 
_atom_sites.fract_transf_vector[3]      0.014064 
_atom_sites.solution_primary            ? 
_atom_sites.solution_secondary          ? 
_atom_sites.solution_hydrogens          ? 
_atom_sites.special_details             ? 
# 
loop_
_atom_type.symbol 
_atom_type.pdbx_scat_Z 
_atom_type.pdbx_N_electrons 
_atom_type.scat_Cromer_Mann_a1 
_atom_type.scat_Cromer_Mann_b1 
_atom_type.scat_Cromer_Mann_a2 
_atom_type.scat_Cromer_Mann_b2 
_atom_type.scat_Cromer_Mann_a3 
_atom_type.scat_Cromer_Mann_b3 
_atom_type.scat_Cromer_Mann_a4 
_atom_type.scat_Cromer_Mann_b4 
_atom_type.scat_Cromer_Mann_c 
C 6  6  2.310  20.844 1.020 10.208 1.589 0.569  0.865 51.651 0.216   
H 1  1  0.493  10.511 0.323 26.126 0.140 3.142  0.041 57.800 0.003   
N 7  7  12.222 0.006  3.135 9.893  2.014 28.997 1.167 0.583  -11.538 
O 8  8  3.049  13.277 2.287 5.701  1.546 0.324  0.867 32.909 0.251   
S 16 16 6.905  1.468  5.203 22.215 1.438 0.254  1.586 56.172 1.056   
# 
loop_
_atom_site.group_PDB 
_atom_site.id 
_atom_site.type_symbol 
_atom_site.label_atom_id 
_atom_site.label_alt_id 
_atom_site.label_comp_id 
_atom_site.label_asym_id 
_atom_site.label_entity_id 
_atom_site.label_seq_id 
_atom_site.pdbx_PDB_ins_code 
_atom_site.Cartn_x 
_atom_site.Cartn_y 
_atom_site.Cartn_z 
_atom_site.occupancy 
_atom_site.B_iso_or_equiv 
_atom_site.pdbx_formal_charge 
_atom_site.auth_seq_id 
_atom_site.auth_comp_id 
_atom_site.auth_asym_id 
_atom_site.auth_atom_id 
_atom_site.pdbx_PDB_model_num 
ATOM   1   N N   . GLY A 1 34 ? -28.290 -12.666 6.972   1.000 45.365 ? 312 GLY AAA N   1 
ATOM   2   C CA  . GLY A 1 34 ? -26.913 -13.215 7.018   1.000 44.367 ? 312 GLY AAA CA  1 
ATOM   3   C C   . GLY A 1 34 ? -26.002 -12.599 5.966   1.000 44.026 ? 312 GLY AAA C   1 
ATOM   4   O O   . GLY A 1 34 ? -25.105 -11.819 6.335   1.000 42.626 ? 312 GLY AAA O   1 
ATOM   5   N N   . ILE A 1 35 ? -26.188 -12.971 4.697   1.000 42.316 ? 313 ILE AAA N   1 
ATOM   6   C CA  . ILE A 1 35 ? -25.234 -12.639 3.595   1.000 42.383 ? 313 ILE AAA CA  1 
ATOM   7   C C   . ILE A 1 35 ? -25.253 -11.131 3.335   1.000 37.406 ? 313 ILE AAA C   1 
ATOM   8   O O   . ILE A 1 35 ? -24.186 -10.563 3.045   1.000 35.457 ? 313 ILE AAA O   1 
ATOM   9   C CB  . ILE A 1 35 ? -25.544 -13.457 2.324   1.000 43.842 ? 313 ILE AAA CB  1 
ATOM   10  C CG1 . ILE A 1 35 ? -24.396 -13.380 1.313   1.000 44.212 ? 313 ILE AAA CG1 1 
ATOM   11  C CG2 . ILE A 1 35 ? -26.872 -13.039 1.706   1.000 46.810 ? 313 ILE AAA CG2 1 
ATOM   12  C CD1 . ILE A 1 35 ? -23.104 -13.994 1.805   1.000 44.797 ? 313 ILE AAA CD1 1 
ATOM   13  N N   . THR A 1 36 ? -26.421 -10.503 3.432   1.000 37.578 ? 314 THR AAA N   1 
ATOM   14  C CA  . THR A 1 36 ? -26.609 -9.046  3.204   1.000 39.885 ? 314 THR AAA CA  1 
ATOM   15  C C   . THR A 1 36 ? -25.631 -8.273  4.094   1.000 37.602 ? 314 THR AAA C   1 
ATOM   16  O O   . THR A 1 36 ? -24.929 -7.382  3.580   1.000 35.057 ? 314 THR AAA O   1 
ATOM   17  C CB  . THR A 1 36 ? -28.074 -8.664  3.445   1.000 42.223 ? 314 THR AAA CB  1 
ATOM   18  O OG1 . THR A 1 36 ? -28.871 -9.621  2.745   1.000 51.588 ? 314 THR AAA OG1 1 
ATOM   19  C CG2 . THR A 1 36 ? -28.406 -7.263  2.989   1.000 47.192 ? 314 THR AAA CG2 1 
ATOM   20  N N   . GLU A 1 37 ? -25.585 -8.618  5.385   1.000 35.662 ? 315 GLU AAA N   1 
ATOM   21  C CA  . GLU A 1 37 ? -24.732 -7.947  6.394   1.000 34.379 ? 315 GLU AAA CA  1 
ATOM   22  C C   . GLU A 1 37 ? -23.256 -8.257  6.105   1.000 32.817 ? 315 GLU AAA C   1 
ATOM   23  O O   . GLU A 1 37 ? -22.452 -7.340  6.181   1.000 29.855 ? 315 GLU AAA O   1 
ATOM   24  C CB  . GLU A 1 37 ? -25.183 -8.373  7.791   1.000 33.480 ? 315 GLU AAA CB  1 
ATOM   25  C CG  . GLU A 1 37 ? -24.328 -7.822  8.913   1.000 34.156 ? 315 GLU AAA CG  1 
ATOM   26  C CD  . GLU A 1 37 ? -24.413 -6.319  9.099   1.000 35.243 ? 315 GLU AAA CD  1 
ATOM   27  O OE1 . GLU A 1 37 ? -25.179 -5.673  8.361   1.000 39.329 ? 315 GLU AAA OE1 1 
ATOM   28  O OE2 . GLU A 1 37 ? -23.724 -5.798  9.984   1.000 38.414 ? 315 GLU AAA OE2 1 
ATOM   29  N N   . ALA A 1 38 ? -22.911 -9.490  5.738   1.000 32.766 ? 316 ALA AAA N   1 
ATOM   30  C CA  . ALA A 1 38 ? -21.520 -9.862  5.387   1.000 33.526 ? 316 ALA AAA CA  1 
ATOM   31  C C   . ALA A 1 38 ? -21.026 -8.966  4.236   1.000 32.711 ? 316 ALA AAA C   1 
ATOM   32  O O   . ALA A 1 38 ? -19.867 -8.486  4.279   1.000 31.813 ? 316 ALA AAA O   1 
ATOM   33  C CB  . ALA A 1 38 ? -21.453 -11.329 5.042   1.000 32.631 ? 316 ALA AAA CB  1 
ATOM   34  N N   . LEU A 1 39 ? -21.888 -8.714  3.251   1.000 33.846 ? 317 LEU AAA N   1 
ATOM   35  C CA  . LEU A 1 39 ? -21.562 -7.878  2.066   1.000 36.315 ? 317 LEU AAA CA  1 
ATOM   36  C C   . LEU A 1 39 ? -21.385 -6.422  2.494   1.000 35.467 ? 317 LEU AAA C   1 
ATOM   37  O O   . LEU A 1 39 ? -20.443 -5.795  2.009   1.000 35.908 ? 317 LEU AAA O   1 
ATOM   38  C CB  . LEU A 1 39 ? -22.666 -7.986  1.014   1.000 38.360 ? 317 LEU AAA CB  1 
ATOM   39  C CG  . LEU A 1 39 ? -22.509 -9.100  -0.018  1.000 41.566 ? 317 LEU AAA CG  1 
ATOM   40  C CD1 . LEU A 1 39 ? -23.700 -9.091  -0.957  1.000 41.195 ? 317 LEU AAA CD1 1 
ATOM   41  C CD2 . LEU A 1 39 ? -21.212 -8.965  -0.794  1.000 43.030 ? 317 LEU AAA CD2 1 
ATOM   42  N N   . ARG A 1 40 ? -22.256 -5.912  3.369   1.000 36.843 ? 318 ARG AAA N   1 
ATOM   43  C CA  . ARG A 1 40 ? -22.158 -4.540  3.931   1.000 37.233 ? 318 ARG AAA CA  1 
ATOM   44  C C   . ARG A 1 40 ? -20.775 -4.386  4.583   1.000 34.476 ? 318 ARG AAA C   1 
ATOM   45  O O   . ARG A 1 40 ? -20.083 -3.405  4.278   1.000 31.960 ? 318 ARG AAA O   1 
ATOM   46  C CB  . ARG A 1 40 ? -23.345 -4.297  4.877   1.000 40.025 ? 318 ARG AAA CB  1 
ATOM   47  C CG  . ARG A 1 40 ? -23.157 -3.224  5.938   1.000 44.964 ? 318 ARG AAA CG  1 
ATOM   48  C CD  . ARG A 1 40 ? -23.620 -1.863  5.464   1.000 47.006 ? 318 ARG AAA CD  1 
ATOM   49  N NE  . ARG A 1 40 ? -22.790 -0.815  6.030   1.000 51.111 ? 318 ARG AAA NE  1 
ATOM   50  C CZ  . ARG A 1 40 ? -22.748 0.438   5.602   1.000 49.758 ? 318 ARG AAA CZ  1 
ATOM   51  N NH1 . ARG A 1 40 ? -21.941 1.294   6.203   1.000 52.879 ? 318 ARG AAA NH1 1 
ATOM   52  N NH2 . ARG A 1 40 ? -23.499 0.830   4.582   1.000 51.097 ? 318 ARG AAA NH2 1 
ATOM   53  N N   . LEU A 1 41 ? -20.386 -5.333  5.438   1.000 32.516 ? 319 LEU AAA N   1 
ATOM   54  C CA  . LEU A 1 41 ? -19.087 -5.294  6.153   1.000 31.207 ? 319 LEU AAA CA  1 
ATOM   55  C C   . LEU A 1 41 ? -17.921 -5.444  5.166   1.000 30.460 ? 319 LEU AAA C   1 
ATOM   56  O O   . LEU A 1 41 ? -16.900 -4.778  5.374   1.000 28.518 ? 319 LEU AAA O   1 
ATOM   57  C CB  . LEU A 1 41 ? -19.081 -6.393  7.211   1.000 31.794 ? 319 LEU AAA CB  1 
ATOM   58  C CG  . LEU A 1 41 ? -20.085 -6.209  8.341   1.000 31.691 ? 319 LEU AAA CG  1 
ATOM   59  C CD1 . LEU A 1 41 ? -20.260 -7.497  9.113   1.000 33.125 ? 319 LEU AAA CD1 1 
ATOM   60  C CD2 . LEU A 1 41 ? -19.671 -5.066  9.250   1.000 32.179 ? 319 LEU AAA CD2 1 
ATOM   61  N N   . GLN A 1 42 ? -18.069 -6.267  4.127   1.000 30.527 ? 320 GLN AAA N   1 
ATOM   62  C CA  . GLN A 1 42 ? -17.040 -6.426  3.064   1.000 32.223 ? 320 GLN AAA CA  1 
ATOM   63  C C   . GLN A 1 42 ? -16.800 -5.082  2.372   1.000 31.491 ? 320 GLN AAA C   1 
ATOM   64  O O   . GLN A 1 42 ? -15.632 -4.715  2.158   1.000 32.980 ? 320 GLN AAA O   1 
ATOM   65  C CB  . GLN A 1 42 ? -17.472 -7.513  2.080   1.000 33.573 ? 320 GLN AAA CB  1 
ATOM   66  C CG  . GLN A 1 42 ? -16.616 -7.578  0.819   1.000 34.211 ? 320 GLN AAA CG  1 
ATOM   67  C CD  . GLN A 1 42 ? -15.195 -8.040  1.038   1.000 35.468 ? 320 GLN AAA CD  1 
ATOM   68  O OE1 . GLN A 1 42 ? -14.305 -7.761  0.233   1.000 40.087 ? 320 GLN AAA OE1 1 
ATOM   69  N NE2 . GLN A 1 42 ? -14.959 -8.774  2.105   1.000 34.533 ? 320 GLN AAA NE2 1 
ATOM   70  N N   . MET A 1 43 ? -17.865 -4.358  2.047   1.000 34.362 ? 321 MET AAA N   1 
ATOM   71  C CA  . MET A 1 43 ? -17.803 -3.034  1.375   1.000 35.724 ? 321 MET AAA CA  1 
ATOM   72  C C   . MET A 1 43 ? -17.043 -2.045  2.275   1.000 32.917 ? 321 MET AAA C   1 
ATOM   73  O O   . MET A 1 43 ? -16.270 -1.244  1.752   1.000 29.860 ? 321 MET AAA O   1 
ATOM   74  C CB  . MET A 1 43 ? -19.231 -2.553  1.076   1.000 38.318 ? 321 MET AAA CB  1 
ATOM   75  C CG  . MET A 1 43 ? -19.396 -1.074  0.755   1.000 46.964 ? 321 MET AAA CG  1 
ATOM   76  S SD  . MET A 1 43 ? -19.639 -0.725  -1.011  1.000 58.904 ? 321 MET AAA SD  1 
ATOM   77  C CE  . MET A 1 43 ? -18.266 -1.675  -1.658  1.000 54.759 ? 321 MET AAA CE  1 
ATOM   78  N N   . GLU A 1 44 ? -17.225 -2.121  3.592   1.000 35.509 ? 322 GLU AAA N   1 
ATOM   79  C CA  . GLU A 1 44 ? -16.556 -1.214  4.556   1.000 35.385 ? 322 GLU AAA CA  1 
ATOM   80  C C   . GLU A 1 44 ? -15.070 -1.566  4.618   1.000 31.092 ? 322 GLU AAA C   1 
ATOM   81  O O   . GLU A 1 44 ? -14.245 -0.650  4.636   1.000 31.910 ? 322 GLU AAA O   1 
ATOM   82  C CB  . GLU A 1 44 ? -17.229 -1.303  5.925   1.000 35.597 ? 322 GLU AAA CB  1 
ATOM   83  C CG  . GLU A 1 44 ? -18.640 -0.730  5.943   1.000 37.327 ? 322 GLU AAA CG  1 
ATOM   84  C CD  . GLU A 1 44 ? -18.795 0.684   5.394   1.000 39.324 ? 322 GLU AAA CD  1 
ATOM   85  O OE1 . GLU A 1 44 ? -17.849 1.504   5.519   1.000 39.322 ? 322 GLU AAA OE1 1 
ATOM   86  O OE2 . GLU A 1 44 ? -19.865 0.969   4.838   1.000 43.760 ? 322 GLU AAA OE2 1 
ATOM   87  N N   . VAL A 1 45 ? -14.732 -2.850  4.625   1.000 31.353 ? 323 VAL AAA N   1 
ATOM   88  C CA  . VAL A 1 45 ? -13.317 -3.300  4.522   1.000 29.512 ? 323 VAL AAA CA  1 
ATOM   89  C C   . VAL A 1 45 ? -12.700 -2.704  3.252   1.000 30.592 ? 323 VAL AAA C   1 
ATOM   90  O O   . VAL A 1 45 ? -11.606 -2.138  3.336   1.000 28.489 ? 323 VAL AAA O   1 
ATOM   91  C CB  . VAL A 1 45 ? -13.206 -4.833  4.564   1.000 28.609 ? 323 VAL AAA CB  1 
ATOM   92  C CG1 . VAL A 1 45 ? -11.816 -5.297  4.153   1.000 28.444 ? 323 VAL AAA CG1 1 
ATOM   93  C CG2 . VAL A 1 45 ? -13.562 -5.354  5.951   1.000 28.045 ? 323 VAL AAA CG2 1 
ATOM   94  N N   . GLN A 1 46 ? -13.374 -2.835  2.114   1.000 33.817 ? 324 GLN AAA N   1 
ATOM   95  C CA  . GLN A 1 46 ? -12.819 -2.424  0.801   1.000 33.554 ? 324 GLN AAA CA  1 
ATOM   96  C C   . GLN A 1 46 ? -12.728 -0.896  0.760   1.000 34.059 ? 324 GLN AAA C   1 
ATOM   97  O O   . GLN A 1 46 ? -11.771 -0.405  0.182   1.000 33.765 ? 324 GLN AAA O   1 
ATOM   98  C CB  . GLN A 1 46 ? -13.621 -3.036  -0.350  1.000 35.039 ? 324 GLN AAA CB  1 
ATOM   99  C CG  . GLN A 1 46 ? -12.744 -3.806  -1.344  1.000 37.913 ? 324 GLN AAA CG  1 
ATOM   100 C CD  . GLN A 1 46 ? -13.479 -4.821  -2.190  1.000 38.404 ? 324 GLN AAA CD  1 
ATOM   101 O OE1 . GLN A 1 46 ? -14.370 -5.530  -1.714  1.000 38.366 ? 324 GLN AAA OE1 1 
ATOM   102 N NE2 . GLN A 1 46 ? -13.084 -4.935  -3.453  1.000 36.899 ? 324 GLN AAA NE2 1 
ATOM   103 N N   . LYS A 1 47 ? -13.671 -0.173  1.364   1.000 38.962 ? 325 LYS AAA N   1 
ATOM   104 C CA  . LYS A 1 47 ? -13.579 1.309   1.512   1.000 41.096 ? 325 LYS AAA CA  1 
ATOM   105 C C   . LYS A 1 47 ? -12.276 1.683   2.228   1.000 41.358 ? 325 LYS AAA C   1 
ATOM   106 O O   . LYS A 1 47 ? -11.559 2.581   1.742   1.000 40.954 ? 325 LYS AAA O   1 
ATOM   107 C CB  . LYS A 1 47 ? -14.725 1.892   2.345   1.000 46.053 ? 325 LYS AAA CB  1 
ATOM   108 C CG  . LYS A 1 47 ? -16.110 1.883   1.719   1.000 50.204 ? 325 LYS AAA CG  1 
ATOM   109 C CD  . LYS A 1 47 ? -16.178 2.304   0.269   1.000 53.021 ? 325 LYS AAA CD  1 
ATOM   110 C CE  . LYS A 1 47 ? -17.280 1.581   -0.472  1.000 56.047 ? 325 LYS AAA CE  1 
ATOM   111 N NZ  . LYS A 1 47 ? -18.584 1.768   0.208   1.000 56.798 ? 325 LYS AAA NZ  1 
ATOM   112 N N   . GLN A 1 48 ? -12.008 1.053   3.375   1.000 42.068 ? 326 GLN AAA N   1 
ATOM   113 C CA  . GLN A 1 48 ? -10.796 1.302   4.204   1.000 42.372 ? 326 GLN AAA CA  1 
ATOM   114 C C   . GLN A 1 48 ? -9.551  0.926   3.392   1.000 39.737 ? 326 GLN AAA C   1 
ATOM   115 O O   . GLN A 1 48 ? -8.551  1.661   3.469   1.000 38.034 ? 326 GLN AAA O   1 
ATOM   116 C CB  . GLN A 1 48 ? -10.834 0.498   5.505   1.000 45.855 ? 326 GLN AAA CB  1 
ATOM   117 C CG  . GLN A 1 48 ? -11.599 1.180   6.627   1.000 50.006 ? 326 GLN AAA CG  1 
ATOM   118 C CD  . GLN A 1 48 ? -10.964 2.488   7.031   1.000 51.532 ? 326 GLN AAA CD  1 
ATOM   119 O OE1 . GLN A 1 48 ? -9.753  2.692   6.922   1.000 52.169 ? 326 GLN AAA OE1 1 
ATOM   120 N NE2 . GLN A 1 48 ? -11.794 3.395   7.512   1.000 50.809 ? 326 GLN AAA NE2 1 
ATOM   121 N N   . LEU A 1 49 ? -9.607  -0.185  2.658   1.000 36.710 ? 327 LEU AAA N   1 
ATOM   122 C CA  . LEU A 1 49 ? -8.480  -0.632  1.799   1.000 37.324 ? 327 LEU AAA CA  1 
ATOM   123 C C   . LEU A 1 49 ? -8.139  0.493   0.823   1.000 37.014 ? 327 LEU AAA C   1 
ATOM   124 O O   . LEU A 1 49 ? -6.951  0.815   0.689   1.000 36.688 ? 327 LEU AAA O   1 
ATOM   125 C CB  . LEU A 1 49 ? -8.859  -1.915  1.055   1.000 37.297 ? 327 LEU AAA CB  1 
ATOM   126 C CG  . LEU A 1 49 ? -7.812  -2.440  0.078   1.000 36.902 ? 327 LEU AAA CG  1 
ATOM   127 C CD1 . LEU A 1 49 ? -6.557  -2.867  0.815   1.000 37.993 ? 327 LEU AAA CD1 1 
ATOM   128 C CD2 . LEU A 1 49 ? -8.370  -3.587  -0.756  1.000 37.209 ? 327 LEU AAA CD2 1 
ATOM   129 N N   . HIS A 1 50 ? -9.141  1.084   0.176   1.000 40.887 ? 328 HIS AAA N   1 
ATOM   130 C CA  . HIS A 1 50 ? -8.907  2.127   -0.855  1.000 46.025 ? 328 HIS AAA CA  1 
ATOM   131 C C   . HIS A 1 50 ? -8.226  3.340   -0.203  1.000 45.365 ? 328 HIS AAA C   1 
ATOM   132 O O   . HIS A 1 50 ? -7.295  3.892   -0.815  1.000 48.491 ? 328 HIS AAA O   1 
ATOM   133 C CB  . HIS A 1 50 ? -10.191 2.476   -1.611  1.000 50.932 ? 328 HIS AAA CB  1 
ATOM   134 C CG  . HIS A 1 50 ? -9.907  2.886   -3.017  1.000 59.665 ? 328 HIS AAA CG  1 
ATOM   135 N ND1 . HIS A 1 50 ? -9.990  1.996   -4.072  1.000 65.437 ? 328 HIS AAA ND1 1 
ATOM   136 C CD2 . HIS A 1 50 ? -9.471  4.053   -3.537  1.000 63.489 ? 328 HIS AAA CD2 1 
ATOM   137 C CE1 . HIS A 1 50 ? -9.657  2.609   -5.192  1.000 66.135 ? 328 HIS AAA CE1 1 
ATOM   138 N NE2 . HIS A 1 50 ? -9.333  3.875   -4.890  1.000 66.952 ? 328 HIS AAA NE2 1 
ATOM   139 N N   . GLU A 1 51 ? -8.647  3.722   1.004   1.000 48.847 ? 329 GLU AAA N   1 
ATOM   140 C CA  . GLU A 1 51 ? -8.035  4.853   1.744   1.000 46.239 ? 329 GLU AAA CA  1 
ATOM   141 C C   . GLU A 1 51 ? -6.582  4.497   2.070   1.000 46.060 ? 329 GLU AAA C   1 
ATOM   142 O O   . GLU A 1 51 ? -5.741  5.395   2.007   1.000 46.575 ? 329 GLU AAA O   1 
ATOM   143 C CB  . GLU A 1 51 ? -8.855  5.205   2.988   1.000 52.200 ? 329 GLU AAA CB  1 
ATOM   144 C CG  . GLU A 1 51 ? -8.579  6.616   3.484   1.000 57.253 ? 329 GLU AAA CG  1 
ATOM   145 C CD  . GLU A 1 51 ? -9.747  7.375   4.097   1.000 63.887 ? 329 GLU AAA CD  1 
ATOM   146 O OE1 . GLU A 1 51 ? -10.912 6.976   3.868   1.000 70.574 ? 329 GLU AAA OE1 1 
ATOM   147 O OE2 . GLU A 1 51 ? -9.485  8.375   4.797   1.000 70.184 ? 329 GLU AAA OE2 1 
ATOM   148 N N   . GLN A 1 52 ? -6.293  3.228   2.373   1.000 39.003 ? 330 GLN AAA N   1 
ATOM   149 C CA  . GLN A 1 52 ? -4.922  2.750   2.671   1.000 39.188 ? 330 GLN AAA CA  1 
ATOM   150 C C   . GLN A 1 52 ? -4.081  2.877   1.397   1.000 39.198 ? 330 GLN AAA C   1 
ATOM   151 O O   . GLN A 1 52 ? -2.931  3.345   1.497   1.000 40.596 ? 330 GLN AAA O   1 
ATOM   152 C CB  . GLN A 1 52 ? -4.928  1.318   3.206   1.000 39.124 ? 330 GLN AAA CB  1 
ATOM   153 C CG  . GLN A 1 52 ? -3.662  0.974   3.984   1.000 42.351 ? 330 GLN AAA CG  1 
ATOM   154 C CD  . GLN A 1 52 ? -3.545  -0.489  4.344   1.000 42.630 ? 330 GLN AAA CD  1 
ATOM   155 O OE1 . GLN A 1 52 ? -3.542  -1.363  3.481   1.000 43.426 ? 330 GLN AAA OE1 1 
ATOM   156 N NE2 . GLN A 1 52 ? -3.411  -0.766  5.633   1.000 40.903 ? 330 GLN AAA NE2 1 
ATOM   157 N N   . LEU A 1 53 ? -4.637  2.513   0.240   1.000 38.653 ? 331 LEU AAA N   1 
ATOM   158 C CA  . LEU A 1 53 ? -3.899  2.577   -1.050  1.000 38.484 ? 331 LEU AAA CA  1 
ATOM   159 C C   . LEU A 1 53 ? -3.533  4.036   -1.348  1.000 38.865 ? 331 LEU AAA C   1 
ATOM   160 O O   . LEU A 1 53 ? -2.382  4.284   -1.750  1.000 36.086 ? 331 LEU AAA O   1 
ATOM   161 C CB  . LEU A 1 53 ? -4.748  1.973   -2.172  1.000 41.894 ? 331 LEU AAA CB  1 
ATOM   162 C CG  . LEU A 1 53 ? -5.148  0.506   -2.015  1.000 43.363 ? 331 LEU AAA CG  1 
ATOM   163 C CD1 . LEU A 1 53 ? -6.115  0.088   -3.120  1.000 45.030 ? 331 LEU AAA CD1 1 
ATOM   164 C CD2 . LEU A 1 53 ? -3.930  -0.397  -2.018  1.000 46.221 ? 331 LEU AAA CD2 1 
ATOM   165 N N   . GLU A 1 54 ? -4.470  4.962   -1.142  1.000 38.251 ? 332 GLU AAA N   1 
ATOM   166 C CA  . GLU A 1 54 ? -4.274  6.415   -1.390  1.000 44.235 ? 332 GLU AAA CA  1 
ATOM   167 C C   . GLU A 1 54 ? -3.172  6.952   -0.467  1.000 43.741 ? 332 GLU AAA C   1 
ATOM   168 O O   . GLU A 1 54 ? -2.300  7.685   -0.951  1.000 41.498 ? 332 GLU AAA O   1 
ATOM   169 C CB  . GLU A 1 54 ? -5.585  7.185   -1.203  1.000 48.518 ? 332 GLU AAA CB  1 
ATOM   170 C CG  . GLU A 1 54 ? -5.558  8.581   -1.806  1.000 54.309 ? 332 GLU AAA CG  1 
ATOM   171 C CD  . GLU A 1 54 ? -4.869  8.706   -3.160  1.000 58.003 ? 332 GLU AAA CD  1 
ATOM   172 O OE1 . GLU A 1 54 ? -5.246  7.960   -4.105  1.000 62.317 ? 332 GLU AAA OE1 1 
ATOM   173 O OE2 . GLU A 1 54 ? -3.939  9.533   -3.266  1.000 64.451 ? 332 GLU AAA OE2 1 
ATOM   174 N N   . ILE A 1 55 ? -3.207  6.601   0.817   1.000 42.042 ? 333 ILE AAA N   1 
ATOM   175 C CA  . ILE A 1 55 ? -2.233  7.139   1.808   1.000 43.702 ? 333 ILE AAA CA  1 
ATOM   176 C C   . ILE A 1 55 ? -0.866  6.522   1.509   1.000 43.251 ? 333 ILE AAA C   1 
ATOM   177 O O   . ILE A 1 55 ? 0.143   7.201   1.718   1.000 45.303 ? 333 ILE AAA O   1 
ATOM   178 C CB  . ILE A 1 55 ? -2.687  6.897   3.263   1.000 45.070 ? 333 ILE AAA CB  1 
ATOM   179 C CG1 . ILE A 1 55 ? -1.882  7.755   4.244   1.000 46.213 ? 333 ILE AAA CG1 1 
ATOM   180 C CG2 . ILE A 1 55 ? -2.608  5.428   3.638   1.000 47.824 ? 333 ILE AAA CG2 1 
ATOM   181 C CD1 . ILE A 1 55 ? -1.944  9.241   3.967   1.000 48.251 ? 333 ILE AAA CD1 1 
ATOM   182 N N   . GLN A 1 56 ? -0.844  5.298   0.981   1.000 40.371 ? 334 GLN AAA N   1 
ATOM   183 C CA  . GLN A 1 56 ? 0.402   4.553   0.672   1.000 39.765 ? 334 GLN AAA CA  1 
ATOM   184 C C   . GLN A 1 56 ? 1.128   5.225   -0.496  1.000 35.329 ? 334 GLN AAA C   1 
ATOM   185 O O   . GLN A 1 56 ? 2.354   5.332   -0.440  1.000 31.446 ? 334 GLN AAA O   1 
ATOM   186 C CB  . GLN A 1 56 ? 0.094   3.091   0.352   1.000 41.673 ? 334 GLN AAA CB  1 
ATOM   187 C CG  . GLN A 1 56 ? 1.294   2.196   0.613   1.000 48.188 ? 334 GLN AAA CG  1 
ATOM   188 C CD  . GLN A 1 56 ? 1.423   1.840   2.073   1.000 52.878 ? 334 GLN AAA CD  1 
ATOM   189 O OE1 . GLN A 1 56 ? 2.484   2.012   2.680   1.000 56.907 ? 334 GLN AAA OE1 1 
ATOM   190 N NE2 . GLN A 1 56 ? 0.343   1.326   2.648   1.000 54.966 ? 334 GLN AAA NE2 1 
ATOM   191 N N   . ARG A 1 57 ? 0.393   5.663   -1.515  1.000 37.111 ? 335 ARG AAA N   1 
ATOM   192 C CA  . ARG A 1 57 ? 0.973   6.391   -2.674  1.000 39.815 ? 335 ARG AAA CA  1 
ATOM   193 C C   . ARG A 1 57 ? 1.545   7.735   -2.204  1.000 35.671 ? 335 ARG AAA C   1 
ATOM   194 O O   . ARG A 1 57 ? 2.620   8.100   -2.684  1.000 34.401 ? 335 ARG AAA O   1 
ATOM   195 C CB  . ARG A 1 57 ? -0.066  6.584   -3.779  1.000 46.070 ? 335 ARG AAA CB  1 
ATOM   196 C CG  . ARG A 1 57 ? 0.572   6.985   -5.102  1.000 54.185 ? 335 ARG AAA CG  1 
ATOM   197 C CD  . ARG A 1 57 ? 0.630   8.485   -5.330  1.000 60.915 ? 335 ARG AAA CD  1 
ATOM   198 N NE  . ARG A 1 57 ? -0.711  9.034   -5.506  1.000 67.482 ? 335 ARG AAA NE  1 
ATOM   199 C CZ  . ARG A 1 57 ? -1.454  8.916   -6.607  1.000 71.008 ? 335 ARG AAA CZ  1 
ATOM   200 N NH1 . ARG A 1 57 ? -0.996  8.266   -7.668  1.000 70.752 ? 335 ARG AAA NH1 1 
ATOM   201 N NH2 . ARG A 1 57 ? -2.665  9.453   -6.640  1.000 71.026 ? 335 ARG AAA NH2 1 
ATOM   202 N N   . ASN A 1 58 ? 0.877   8.424   -1.274  1.000 34.991 ? 336 ASN AAA N   1 
ATOM   203 C CA  . ASN A 1 58 ? 1.356   9.704   -0.684  1.000 34.389 ? 336 ASN AAA CA  1 
ATOM   204 C C   . ASN A 1 58 ? 2.668   9.454   0.065   1.000 30.582 ? 336 ASN AAA C   1 
ATOM   205 O O   . ASN A 1 58 ? 3.629   10.213  -0.141  1.000 30.348 ? 336 ASN AAA O   1 
ATOM   206 C CB  . ASN A 1 58 ? 0.309   10.337  0.231   1.000 36.356 ? 336 ASN AAA CB  1 
ATOM   207 C CG  . ASN A 1 58 ? -0.895  10.840  -0.534  1.000 43.107 ? 336 ASN AAA CG  1 
ATOM   208 O OD1 . ASN A 1 58 ? -0.858  10.899  -1.759  1.000 46.045 ? 336 ASN AAA OD1 1 
ATOM   209 N ND2 . ASN A 1 58 ? -1.958  11.194  0.177   1.000 42.999 ? 336 ASN AAA ND2 1 
ATOM   210 N N   . LEU A 1 59 ? 2.707   8.408   0.890   1.000 28.914 ? 337 LEU AAA N   1 
ATOM   211 C CA  . LEU A 1 59 ? 3.920   8.009   1.649   1.000 28.627 ? 337 LEU AAA CA  1 
ATOM   212 C C   . LEU A 1 59 ? 5.048   7.702   0.656   1.000 27.472 ? 337 LEU AAA C   1 
ATOM   213 O O   . LEU A 1 59 ? 6.167   8.226   0.855   1.000 26.373 ? 337 LEU AAA O   1 
ATOM   214 C CB  . LEU A 1 59 ? 3.598   6.796   2.523   1.000 28.534 ? 337 LEU AAA CB  1 
ATOM   215 C CG  . LEU A 1 59 ? 4.752   6.253   3.366   1.000 30.523 ? 337 LEU AAA CG  1 
ATOM   216 C CD1 . LEU A 1 59 ? 5.220   7.287   4.378   1.000 31.177 ? 337 LEU AAA CD1 1 
ATOM   217 C CD2 . LEU A 1 59 ? 4.321   4.977   4.061   1.000 32.035 ? 337 LEU AAA CD2 1 
ATOM   218 N N   . GLN A 1 60 ? 4.767   6.893   -0.368  1.000 28.666 ? 338 GLN AAA N   1 
ATOM   219 C CA  . GLN A 1 60 ? 5.752   6.541   -1.420  1.000 29.569 ? 338 GLN AAA CA  1 
ATOM   220 C C   . GLN A 1 60 ? 6.337   7.817   -2.032  1.000 31.133 ? 338 GLN AAA C   1 
ATOM   221 O O   . GLN A 1 60 ? 7.561   7.857   -2.227  1.000 27.317 ? 338 GLN AAA O   1 
ATOM   222 C CB  . GLN A 1 60 ? 5.122   5.657   -2.487  1.000 30.432 ? 338 GLN AAA CB  1 
ATOM   223 C CG  . GLN A 1 60 ? 6.067   5.335   -3.628  1.000 34.336 ? 338 GLN AAA CG  1 
ATOM   224 C CD  . GLN A 1 60 ? 5.420   4.441   -4.655  1.000 34.028 ? 338 GLN AAA CD  1 
ATOM   225 O OE1 . GLN A 1 60 ? 4.234   4.123   -4.573  1.000 38.235 ? 338 GLN AAA OE1 1 
ATOM   226 N NE2 . GLN A 1 60 ? 6.208   4.024   -5.634  1.000 40.575 ? 338 GLN AAA NE2 1 
ATOM   227 N N   . LEU A 1 61 ? 5.495   8.820   -2.300  1.000 32.575 ? 339 LEU AAA N   1 
ATOM   228 C CA  . LEU A 1 61 ? 5.898   10.084  -2.971  1.000 35.896 ? 339 LEU AAA CA  1 
ATOM   229 C C   . LEU A 1 61 ? 6.844   10.867  -2.061  1.000 32.745 ? 339 LEU AAA C   1 
ATOM   230 O O   . LEU A 1 61 ? 7.865   11.356  -2.574  1.000 31.799 ? 339 LEU AAA O   1 
ATOM   231 C CB  . LEU A 1 61 ? 4.651   10.904  -3.329  1.000 39.331 ? 339 LEU AAA CB  1 
ATOM   232 C CG  . LEU A 1 61 ? 4.860   12.406  -3.538  1.000 45.399 ? 339 LEU AAA CG  1 
ATOM   233 C CD1 . LEU A 1 61 ? 5.789   12.673  -4.712  1.000 46.406 ? 339 LEU AAA CD1 1 
ATOM   234 C CD2 . LEU A 1 61 ? 3.528   13.119  -3.751  1.000 47.513 ? 339 LEU AAA CD2 1 
ATOM   235 N N   . ARG A 1 62 ? 6.518   10.979  -0.769  1.000 32.778 ? 340 ARG AAA N   1 
ATOM   236 C CA  . ARG A 1 62 ? 7.338   11.729  0.214   1.000 33.777 ? 340 ARG AAA CA  1 
ATOM   237 C C   . ARG A 1 62 ? 8.702   11.046  0.342   1.000 30.529 ? 340 ARG AAA C   1 
ATOM   238 O O   . ARG A 1 62 ? 9.731   11.765  0.373   1.000 30.895 ? 340 ARG AAA O   1 
ATOM   239 C CB  . ARG A 1 62 ? 6.666   11.784  1.585   1.000 37.650 ? 340 ARG AAA CB  1 
ATOM   240 C CG  . ARG A 1 62 ? 5.304   12.458  1.616   1.000 42.792 ? 340 ARG AAA CG  1 
ATOM   241 C CD  . ARG A 1 62 ? 5.153   13.691  0.755   1.000 47.482 ? 340 ARG AAA CD  1 
ATOM   242 N NE  . ARG A 1 62 ? 6.152   14.699  1.055   1.000 51.364 ? 340 ARG AAA NE  1 
ATOM   243 C CZ  . ARG A 1 62 ? 6.017   15.998  0.797   1.000 55.524 ? 340 ARG AAA CZ  1 
ATOM   244 N NH1 . ARG A 1 62 ? 4.925   16.463  0.211   1.000 58.415 ? 340 ARG AAA NH1 1 
ATOM   245 N NH2 . ARG A 1 62 ? 6.990   16.833  1.116   1.000 53.257 ? 340 ARG AAA NH2 1 
ATOM   246 N N   . ILE A 1 63 ? 8.700   9.712   0.425   1.000 31.938 ? 341 ILE AAA N   1 
ATOM   247 C CA  . ILE A 1 63 ? 9.939   8.891   0.555   1.000 30.253 ? 341 ILE AAA CA  1 
ATOM   248 C C   . ILE A 1 63 ? 10.785  9.070   -0.711  1.000 29.550 ? 341 ILE AAA C   1 
ATOM   249 O O   . ILE A 1 63 ? 12.008  9.265   -0.584  1.000 28.811 ? 341 ILE AAA O   1 
ATOM   250 C CB  . ILE A 1 63 ? 9.617   7.408   0.834   1.000 31.182 ? 341 ILE AAA CB  1 
ATOM   251 C CG1 . ILE A 1 63 ? 9.057   7.215   2.244   1.000 32.127 ? 341 ILE AAA CG1 1 
ATOM   252 C CG2 . ILE A 1 63 ? 10.844  6.542   0.588   1.000 32.129 ? 341 ILE AAA CG2 1 
ATOM   253 C CD1 . ILE A 1 63 ? 8.508   5.832   2.499   1.000 32.675 ? 341 ILE AAA CD1 1 
ATOM   254 N N   . GLU A 1 64 ? 10.164  9.008   -1.886  1.000 29.516 ? 342 GLU AAA N   1 
ATOM   255 C CA  A GLU A 1 64 ? 10.875  9.128   -3.185  0.800 30.168 ? 342 GLU AAA CA  1 
ATOM   256 C CA  B GLU A 1 64 ? 10.869  9.125   -3.189  0.200 28.599 ? 342 GLU AAA CA  1 
ATOM   257 C C   . GLU A 1 64 ? 11.462  10.535  -3.307  1.000 28.852 ? 342 GLU AAA C   1 
ATOM   258 O O   . GLU A 1 64 ? 12.621  10.650  -3.740  1.000 27.340 ? 342 GLU AAA O   1 
ATOM   259 C CB  A GLU A 1 64 ? 9.931   8.757   -4.331  0.800 31.809 ? 342 GLU AAA CB  1 
ATOM   260 C CB  B GLU A 1 64 ? 9.912   8.783   -4.334  0.200 27.826 ? 342 GLU AAA CB  1 
ATOM   261 C CG  A GLU A 1 64 ? 9.741   7.254   -4.444  0.800 35.519 ? 342 GLU AAA CG  1 
ATOM   262 C CG  B GLU A 1 64 ? 10.478  9.055   -5.714  0.200 27.539 ? 342 GLU AAA CG  1 
ATOM   263 C CD  A GLU A 1 64 ? 8.791   6.743   -5.516  0.800 38.336 ? 342 GLU AAA CD  1 
ATOM   264 C CD  B GLU A 1 64 ? 9.525   8.710   -6.845  0.200 27.089 ? 342 GLU AAA CD  1 
ATOM   265 O OE1 A GLU A 1 64 ? 8.163   7.574   -6.226  0.800 40.257 ? 342 GLU AAA OE1 1 
ATOM   266 O OE1 B GLU A 1 64 ? 8.299   8.814   -6.627  0.200 26.324 ? 342 GLU AAA OE1 1 
ATOM   267 O OE2 A GLU A 1 64 ? 8.685   5.496   -5.650  0.800 39.359 ? 342 GLU AAA OE2 1 
ATOM   268 O OE2 B GLU A 1 64 ? 10.008  8.336   -7.936  0.200 26.899 ? 342 GLU AAA OE2 1 
ATOM   269 N N   . GLU A 1 65 ? 10.701  11.559  -2.905  1.000 30.217 ? 343 GLU AAA N   1 
ATOM   270 C CA  . GLU A 1 65 ? 11.184  12.963  -2.912  1.000 30.339 ? 343 GLU AAA CA  1 
ATOM   271 C C   . GLU A 1 65 ? 12.411  13.112  -2.008  1.000 33.470 ? 343 GLU AAA C   1 
ATOM   272 O O   . GLU A 1 65 ? 13.400  13.728  -2.459  1.000 32.351 ? 343 GLU AAA O   1 
ATOM   273 C CB  . GLU A 1 65 ? 10.081  13.923  -2.466  1.000 30.307 ? 343 GLU AAA CB  1 
ATOM   274 C CG  . GLU A 1 65 ? 10.474  15.388  -2.605  1.000 33.081 ? 343 GLU AAA CG  1 
ATOM   275 C CD  . GLU A 1 65 ? 9.508   16.390  -1.998  1.000 32.586 ? 343 GLU AAA CD  1 
ATOM   276 O OE1 . GLU A 1 65 ? 8.468   15.959  -1.477  1.000 29.903 ? 343 GLU AAA OE1 1 
ATOM   277 O OE2 . GLU A 1 65 ? 9.803   17.620  -2.067  1.000 37.647 ? 343 GLU AAA OE2 1 
ATOM   278 N N   . GLN A 1 66 ? 12.354  12.590  -0.779  1.000 37.634 ? 344 GLN AAA N   1 
ATOM   279 C CA  . GLN A 1 66 ? 13.506  12.628  0.158   1.000 38.534 ? 344 GLN AAA CA  1 
ATOM   280 C C   . GLN A 1 66 ? 14.723  11.951  -0.486  1.000 34.531 ? 344 GLN AAA C   1 
ATOM   281 O O   . GLN A 1 66 ? 15.820  12.521  -0.387  1.000 32.689 ? 344 GLN AAA O   1 
ATOM   282 C CB  . GLN A 1 66 ? 13.182  11.957  1.490   1.000 39.798 ? 344 GLN AAA CB  1 
ATOM   283 C CG  . GLN A 1 66 ? 14.201  12.311  2.570   1.000 44.251 ? 344 GLN AAA CG  1 
ATOM   284 C CD  . GLN A 1 66 ? 13.865  11.661  3.889   1.000 49.890 ? 344 GLN AAA CD  1 
ATOM   285 O OE1 . GLN A 1 66 ? 13.382  10.530  3.926   1.000 58.501 ? 344 GLN AAA OE1 1 
ATOM   286 N NE2 . GLN A 1 66 ? 14.105  12.378  4.978   1.000 54.405 ? 344 GLN AAA NE2 1 
ATOM   287 N N   . GLY A 1 67 ? 14.537  10.766  -1.071  1.000 32.484 ? 345 GLY AAA N   1 
ATOM   288 C CA  . GLY A 1 67 ? 15.614  9.999   -1.733  1.000 31.755 ? 345 GLY AAA CA  1 
ATOM   289 C C   . GLY A 1 67 ? 16.280  10.796  -2.840  1.000 31.231 ? 345 GLY AAA C   1 
ATOM   290 O O   . GLY A 1 67 ? 17.528  10.851  -2.904  1.000 34.175 ? 345 GLY AAA O   1 
ATOM   291 N N   . LYS A 1 68 ? 15.475  11.425  -3.694  1.000 34.593 ? 346 LYS AAA N   1 
ATOM   292 C CA  . LYS A 1 68 ? 15.968  12.257  -4.820  1.000 34.048 ? 346 LYS AAA CA  1 
ATOM   293 C C   . LYS A 1 68 ? 16.775  13.430  -4.262  1.000 30.957 ? 346 LYS AAA C   1 
ATOM   294 O O   . LYS A 1 68 ? 17.842  13.724  -4.810  1.000 28.317 ? 346 LYS AAA O   1 
ATOM   295 C CB  . LYS A 1 68 ? 14.794  12.699  -5.692  1.000 36.904 ? 346 LYS AAA CB  1 
ATOM   296 C CG  . LYS A 1 68 ? 14.218  11.577  -6.549  1.000 41.721 ? 346 LYS AAA CG  1 
ATOM   297 C CD  . LYS A 1 68 ? 13.314  12.034  -7.670  1.000 43.031 ? 346 LYS AAA CD  1 
ATOM   298 C CE  . LYS A 1 68 ? 12.378  10.938  -8.146  1.000 45.785 ? 346 LYS AAA CE  1 
ATOM   299 N NZ  . LYS A 1 68 ? 13.093  9.659   -8.397  1.000 46.327 ? 346 LYS AAA NZ  1 
ATOM   300 N N   . TYR A 1 69 ? 16.300  14.071  -3.194  1.000 32.159 ? 347 TYR AAA N   1 
ATOM   301 C CA  . TYR A 1 69 ? 16.994  15.225  -2.577  1.000 29.145 ? 347 TYR AAA CA  1 
ATOM   302 C C   . TYR A 1 69 ? 18.340  14.785  -1.984  1.000 31.879 ? 347 TYR AAA C   1 
ATOM   303 O O   . TYR A 1 69 ? 19.382  15.416  -2.287  1.000 31.120 ? 347 TYR AAA O   1 
ATOM   304 C CB  . TYR A 1 69 ? 16.124  15.889  -1.510  1.000 32.212 ? 347 TYR AAA CB  1 
ATOM   305 C CG  . TYR A 1 69 ? 16.854  17.029  -0.863  1.000 30.907 ? 347 TYR AAA CG  1 
ATOM   306 C CD1 . TYR A 1 69 ? 17.088  18.196  -1.573  1.000 33.426 ? 347 TYR AAA CD1 1 
ATOM   307 C CD2 . TYR A 1 69 ? 17.424  16.904  0.393   1.000 33.697 ? 347 TYR AAA CD2 1 
ATOM   308 C CE1 . TYR A 1 69 ? 17.787  19.251  -1.012  1.000 37.153 ? 347 TYR AAA CE1 1 
ATOM   309 C CE2 . TYR A 1 69 ? 18.140  17.943  0.958   1.000 35.619 ? 347 TYR AAA CE2 1 
ATOM   310 C CZ  . TYR A 1 69 ? 18.321  19.122  0.255   1.000 36.977 ? 347 TYR AAA CZ  1 
ATOM   311 O OH  . TYR A 1 69 ? 19.026  20.153  0.801   1.000 37.447 ? 347 TYR AAA OH  1 
ATOM   312 N N   . LEU A 1 70 ? 18.336  13.720  -1.176  1.000 31.071 ? 348 LEU AAA N   1 
ATOM   313 C CA  . LEU A 1 70 ? 19.579  13.147  -0.589  1.000 30.844 ? 348 LEU AAA CA  1 
ATOM   314 C C   . LEU A 1 70 ? 20.579  12.835  -1.708  1.000 28.870 ? 348 LEU AAA C   1 
ATOM   315 O O   . LEU A 1 70 ? 21.752  13.228  -1.572  1.000 28.434 ? 348 LEU AAA O   1 
ATOM   316 C CB  . LEU A 1 70 ? 19.232  11.890  0.212   1.000 31.945 ? 348 LEU AAA CB  1 
ATOM   317 C CG  . LEU A 1 70 ? 18.510  12.128  1.533   1.000 32.306 ? 348 LEU AAA CG  1 
ATOM   318 C CD1 . LEU A 1 70 ? 18.229  10.796  2.216   1.000 32.744 ? 348 LEU AAA CD1 1 
ATOM   319 C CD2 . LEU A 1 70 ? 19.319  13.034  2.435   1.000 31.860 ? 348 LEU AAA CD2 1 
ATOM   320 N N   . GLN A 1 71 ? 20.131  12.178  -2.774  1.000 30.354 ? 349 GLN AAA N   1 
ATOM   321 C CA  . GLN A 1 71 ? 20.993  11.799  -3.925  1.000 32.990 ? 349 GLN AAA CA  1 
ATOM   322 C C   . GLN A 1 71 ? 21.562  13.078  -4.552  1.000 34.673 ? 349 GLN AAA C   1 
ATOM   323 O O   . GLN A 1 71 ? 22.782  13.129  -4.826  1.000 31.955 ? 349 GLN AAA O   1 
ATOM   324 C CB  . GLN A 1 71 ? 20.197  10.970  -4.929  1.000 34.575 ? 349 GLN AAA CB  1 
ATOM   325 C CG  . GLN A 1 71 ? 21.051  10.380  -6.040  1.000 39.293 ? 349 GLN AAA CG  1 
ATOM   326 C CD  . GLN A 1 71 ? 22.156  9.512   -5.492  1.000 42.837 ? 349 GLN AAA CD  1 
ATOM   327 O OE1 . GLN A 1 71 ? 21.900  8.466   -4.905  1.000 46.115 ? 349 GLN AAA OE1 1 
ATOM   328 N NE2 . GLN A 1 71 ? 23.394  9.938   -5.696  1.000 47.239 ? 349 GLN AAA NE2 1 
ATOM   329 N N   . MET A 1 72 ? 20.714  14.088  -4.760  1.000 36.314 ? 350 MET AAA N   1 
ATOM   330 C CA  A MET A 1 72 ? 21.130  15.385  -5.349  0.800 37.704 ? 350 MET AAA CA  1 
ATOM   331 C CA  B MET A 1 72 ? 21.130  15.386  -5.352  0.200 37.001 ? 350 MET AAA CA  1 
ATOM   332 C C   . MET A 1 72 ? 22.281  15.966  -4.521  1.000 38.720 ? 350 MET AAA C   1 
ATOM   333 O O   . MET A 1 72 ? 23.309  16.326  -5.117  1.000 37.683 ? 350 MET AAA O   1 
ATOM   334 C CB  A MET A 1 72 ? 19.959  16.372  -5.382  0.800 39.320 ? 350 MET AAA CB  1 
ATOM   335 C CB  B MET A 1 72 ? 19.972  16.389  -5.389  0.200 36.898 ? 350 MET AAA CB  1 
ATOM   336 C CG  A MET A 1 72 ? 20.165  17.504  -6.352  0.800 42.645 ? 350 MET AAA CG  1 
ATOM   337 C CG  B MET A 1 72 ? 20.222  17.546  -6.343  0.200 37.163 ? 350 MET AAA CG  1 
ATOM   338 S SD  A MET A 1 72 ? 18.731  18.602  -6.370  0.800 44.396 ? 350 MET AAA SD  1 
ATOM   339 S SD  B MET A 1 72 ? 19.602  19.120  -5.711  0.200 36.650 ? 350 MET AAA SD  1 
ATOM   340 C CE  A MET A 1 72 ? 18.765  19.138  -4.662  0.800 41.920 ? 350 MET AAA CE  1 
ATOM   341 C CE  B MET A 1 72 ? 17.940  18.622  -5.263  0.200 36.120 ? 350 MET AAA CE  1 
ATOM   342 N N   . MET A 1 73 ? 22.112  16.035  -3.200  1.000 39.258 ? 351 MET AAA N   1 
ATOM   343 C CA  . MET A 1 73 ? 23.097  16.658  -2.278  1.000 41.421 ? 351 MET AAA CA  1 
ATOM   344 C C   . MET A 1 73 ? 24.391  15.843  -2.242  1.000 41.453 ? 351 MET AAA C   1 
ATOM   345 O O   . MET A 1 73 ? 25.468  16.455  -2.079  1.000 40.898 ? 351 MET AAA O   1 
ATOM   346 C CB  . MET A 1 73 ? 22.517  16.804  -0.871  1.000 41.233 ? 351 MET AAA CB  1 
ATOM   347 C CG  . MET A 1 73 ? 21.411  17.842  -0.826  1.000 43.067 ? 351 MET AAA CG  1 
ATOM   348 S SD  . MET A 1 73 ? 21.687  19.297  -1.913  1.000 46.568 ? 351 MET AAA SD  1 
ATOM   349 C CE  . MET A 1 73 ? 22.990  20.124  -1.001  1.000 46.597 ? 351 MET AAA CE  1 
ATOM   350 N N   . PHE A 1 74 ? 24.296  14.527  -2.411  1.000 46.324 ? 352 PHE AAA N   1 
ATOM   351 C CA  . PHE A 1 74 ? 25.477  13.631  -2.508  1.000 47.838 ? 352 PHE AAA CA  1 
ATOM   352 C C   . PHE A 1 74 ? 26.264  13.979  -3.774  1.000 49.185 ? 352 PHE AAA C   1 
ATOM   353 O O   . PHE A 1 74 ? 27.492  14.178  -3.686  1.000 47.134 ? 352 PHE AAA O   1 
ATOM   354 C CB  . PHE A 1 74 ? 25.040  12.166  -2.491  1.000 49.567 ? 352 PHE AAA CB  1 
ATOM   355 C CG  . PHE A 1 74 ? 26.163  11.173  -2.641  1.000 51.173 ? 352 PHE AAA CG  1 
ATOM   356 C CD1 . PHE A 1 74 ? 27.362  11.353  -1.966  1.000 53.295 ? 352 PHE AAA CD1 1 
ATOM   357 C CD2 . PHE A 1 74 ? 26.021  10.057  -3.450  1.000 54.155 ? 352 PHE AAA CD2 1 
ATOM   358 C CE1 . PHE A 1 74 ? 28.398  10.444  -2.103  1.000 53.569 ? 352 PHE AAA CE1 1 
ATOM   359 C CE2 . PHE A 1 74 ? 27.063  9.155   -3.590  1.000 55.017 ? 352 PHE AAA CE2 1 
ATOM   360 C CZ  . PHE A 1 74 ? 28.246  9.346   -2.914  1.000 55.829 ? 352 PHE AAA CZ  1 
ATOM   361 N N   . GLU A 1 75 ? 25.563  14.065  -4.908  1.000 51.803 ? 353 GLU AAA N   1 
ATOM   362 C CA  . GLU A 1 75 ? 26.148  14.390  -6.235  1.000 54.403 ? 353 GLU AAA CA  1 
ATOM   363 C C   . GLU A 1 75 ? 26.754  15.802  -6.192  1.000 53.179 ? 353 GLU AAA C   1 
ATOM   364 O O   . GLU A 1 75 ? 27.759  16.026  -6.885  1.000 54.213 ? 353 GLU AAA O   1 
ATOM   365 C CB  . GLU A 1 75 ? 25.086  14.203  -7.322  1.000 59.378 ? 353 GLU AAA CB  1 
ATOM   366 C CG  . GLU A 1 75 ? 24.683  12.748  -7.512  1.000 61.889 ? 353 GLU AAA CG  1 
ATOM   367 C CD  . GLU A 1 75 ? 23.605  12.495  -8.554  1.000 65.000 ? 353 GLU AAA CD  1 
ATOM   368 O OE1 . GLU A 1 75 ? 23.002  13.473  -9.049  1.000 68.767 ? 353 GLU AAA OE1 1 
ATOM   369 O OE2 . GLU A 1 75 ? 23.368  11.316  -8.869  1.000 69.331 ? 353 GLU AAA OE2 1 
ATOM   370 N N   . LYS A 1 76 ? 26.182  16.708  -5.388  1.000 50.682 ? 354 LYS AAA N   1 
ATOM   371 C CA  . LYS A 1 76 ? 26.712  18.076  -5.126  1.000 50.837 ? 354 LYS AAA CA  1 
ATOM   372 C C   . LYS A 1 76 ? 27.432  18.101  -3.769  1.000 53.384 ? 354 LYS AAA C   1 
ATOM   373 O O   . LYS A 1 76 ? 28.414  17.410  -3.476  1.000 52.316 ? 354 LYS AAA O   1 
ATOM   374 C CB  . LYS A 1 76 ? 25.585  19.115  -5.105  1.000 50.995 ? 354 LYS AAA CB  1 
ATOM   375 C CG  . LYS A 1 76 ? 24.513  18.976  -6.180  1.000 51.089 ? 354 LYS AAA CG  1 
ATOM   376 C CD  . LYS A 1 76 ? 25.027  19.101  -7.598  1.000 54.009 ? 354 LYS AAA CD  1 
ATOM   377 C CE  . LYS A 1 76 ? 24.952  17.810  -8.388  1.000 55.715 ? 354 LYS AAA CE  1 
ATOM   378 N NZ  . LYS A 1 76 ? 25.998  17.759  -9.437  1.000 57.067 ? 354 LYS AAA NZ  1 
ATOM   379 N N   . GLY B 1 34 ? 28.647  11.596  6.623   1.000 56.255 ? 312 GLY BBB N   1 
ATOM   380 C CA  . GLY B 1 34 ? 27.342  12.270  6.887   1.000 55.905 ? 312 GLY BBB CA  1 
ATOM   381 C C   . GLY B 1 34 ? 26.275  11.882  5.875   1.000 53.792 ? 312 GLY BBB C   1 
ATOM   382 O O   . GLY B 1 34 ? 25.378  11.087  6.215   1.000 54.111 ? 312 GLY BBB O   1 
ATOM   383 N N   . ILE B 1 35 ? 26.367  12.412  4.655   1.000 51.634 ? 313 ILE BBB N   1 
ATOM   384 C CA  . ILE B 1 35 ? 25.357  12.188  3.575   1.000 49.898 ? 313 ILE BBB CA  1 
ATOM   385 C C   . ILE B 1 35 ? 25.368  10.709  3.162   1.000 45.771 ? 313 ILE BBB C   1 
ATOM   386 O O   . ILE B 1 35 ? 24.286  10.164  2.879   1.000 42.706 ? 313 ILE BBB O   1 
ATOM   387 C CB  . ILE B 1 35 ? 25.604  13.130  2.379   1.000 52.097 ? 313 ILE BBB CB  1 
ATOM   388 C CG1 . ILE B 1 35 ? 24.418  13.134  1.408   1.000 52.489 ? 313 ILE BBB CG1 1 
ATOM   389 C CG2 . ILE B 1 35 ? 26.910  12.803  1.671   1.000 54.843 ? 313 ILE BBB CG2 1 
ATOM   390 C CD1 . ILE B 1 35 ? 23.140  13.685  2.003   1.000 54.060 ? 313 ILE BBB CD1 1 
ATOM   391 N N   . THR B 1 36 ? 26.548  10.089  3.116   1.000 42.678 ? 314 THR BBB N   1 
ATOM   392 C CA  . THR B 1 36 ? 26.727  8.658   2.752   1.000 42.799 ? 314 THR BBB CA  1 
ATOM   393 C C   . THR B 1 36 ? 25.798  7.793   3.616   1.000 40.776 ? 314 THR BBB C   1 
ATOM   394 O O   . THR B 1 36 ? 25.075  6.942   3.057   1.000 36.407 ? 314 THR BBB O   1 
ATOM   395 C CB  . THR B 1 36 ? 28.210  8.262   2.841   1.000 44.546 ? 314 THR BBB CB  1 
ATOM   396 O OG1 . THR B 1 36 ? 28.315  6.840   2.809   1.000 52.358 ? 314 THR BBB OG1 1 
ATOM   397 C CG2 . THR B 1 36 ? 28.927  8.728   4.084   1.000 42.610 ? 314 THR BBB CG2 1 
ATOM   398 N N   . GLU B 1 37 ? 25.807  8.008   4.929   1.000 37.890 ? 315 GLU BBB N   1 
ATOM   399 C CA  . GLU B 1 37 ? 25.019  7.221   5.912   1.000 35.805 ? 315 GLU BBB CA  1 
ATOM   400 C C   . GLU B 1 37 ? 23.526  7.540   5.733   1.000 33.477 ? 315 GLU BBB C   1 
ATOM   401 O O   . GLU B 1 37 ? 22.728  6.606   5.758   1.000 32.705 ? 315 GLU BBB O   1 
ATOM   402 C CB  . GLU B 1 37 ? 25.531  7.508   7.327   1.000 35.822 ? 315 GLU BBB CB  1 
ATOM   403 C CG  . GLU B 1 37 ? 24.736  6.830   8.421   1.000 36.127 ? 315 GLU BBB CG  1 
ATOM   404 C CD  . GLU B 1 37 ? 24.847  5.316   8.442   1.000 37.091 ? 315 GLU BBB CD  1 
ATOM   405 O OE1 . GLU B 1 37 ? 25.576  4.759   7.596   1.000 41.964 ? 315 GLU BBB OE1 1 
ATOM   406 O OE2 . GLU B 1 37 ? 24.204  4.695   9.308   1.000 41.381 ? 315 GLU BBB OE2 1 
ATOM   407 N N   . ALA B 1 38 ? 23.153  8.804   5.525   1.000 31.232 ? 316 ALA BBB N   1 
ATOM   408 C CA  . ALA B 1 38 ? 21.745  9.188   5.270   1.000 31.106 ? 316 ALA BBB CA  1 
ATOM   409 C C   . ALA B 1 38 ? 21.215  8.403   4.061   1.000 29.451 ? 316 ALA BBB C   1 
ATOM   410 O O   . ALA B 1 38 ? 20.072  7.916   4.101   1.000 28.943 ? 316 ALA BBB O   1 
ATOM   411 C CB  . ALA B 1 38 ? 21.648  10.682  5.072   1.000 32.200 ? 316 ALA BBB CB  1 
ATOM   412 N N   . LEU B 1 39 ? 22.033  8.254   3.022   1.000 30.952 ? 317 LEU BBB N   1 
ATOM   413 C CA  . LEU B 1 39 ? 21.649  7.545   1.770   1.000 31.848 ? 317 LEU BBB CA  1 
ATOM   414 C C   . LEU B 1 39 ? 21.513  6.046   2.045   1.000 29.976 ? 317 LEU BBB C   1 
ATOM   415 O O   . LEU B 1 39 ? 20.551  5.456   1.539   1.000 29.616 ? 317 LEU BBB O   1 
ATOM   416 C CB  . LEU B 1 39 ? 22.669  7.829   0.667   1.000 35.192 ? 317 LEU BBB CB  1 
ATOM   417 C CG  . LEU B 1 39 ? 22.314  9.037   -0.198  1.000 38.310 ? 317 LEU BBB CG  1 
ATOM   418 C CD1 . LEU B 1 39 ? 23.491  9.489   -1.041  1.000 40.429 ? 317 LEU BBB CD1 1 
ATOM   419 C CD2 . LEU B 1 39 ? 21.108  8.731   -1.074  1.000 39.845 ? 317 LEU BBB CD2 1 
ATOM   420 N N   . ARG B 1 40 ? 22.421  5.463   2.829   1.000 29.208 ? 318 ARG BBB N   1 
ATOM   421 C CA  . ARG B 1 40 ? 22.329  4.044   3.248   1.000 30.539 ? 318 ARG BBB CA  1 
ATOM   422 C C   . ARG B 1 40 ? 20.980  3.811   3.949   1.000 28.300 ? 318 ARG BBB C   1 
ATOM   423 O O   . ARG B 1 40 ? 20.259  2.875   3.576   1.000 25.771 ? 318 ARG BBB O   1 
ATOM   424 C CB  . ARG B 1 40 ? 23.524  3.676   4.136   1.000 32.157 ? 318 ARG BBB CB  1 
ATOM   425 C CG  . ARG B 1 40 ? 23.541  2.193   4.467   1.000 35.518 ? 318 ARG BBB CG  1 
ATOM   426 C CD  . ARG B 1 40 ? 24.646  1.769   5.417   1.000 36.924 ? 318 ARG BBB CD  1 
ATOM   427 N NE  . ARG B 1 40 ? 24.423  2.173   6.797   1.000 37.094 ? 318 ARG BBB NE  1 
ATOM   428 C CZ  . ARG B 1 40 ? 23.489  1.673   7.610   1.000 36.957 ? 318 ARG BBB CZ  1 
ATOM   429 N NH1 . ARG B 1 40 ? 22.644  0.741   7.201   1.000 38.185 ? 318 ARG BBB NH1 1 
ATOM   430 N NH2 . ARG B 1 40 ? 23.400  2.128   8.844   1.000 38.994 ? 318 ARG BBB NH2 1 
ATOM   431 N N   . LEU B 1 41 ? 20.628  4.669   4.906   1.000 29.819 ? 319 LEU BBB N   1 
ATOM   432 C CA  . LEU B 1 41 ? 19.364  4.558   5.673   1.000 29.683 ? 319 LEU BBB CA  1 
ATOM   433 C C   . LEU B 1 41 ? 18.160  4.817   4.755   1.000 32.166 ? 319 LEU BBB C   1 
ATOM   434 O O   . LEU B 1 41 ? 17.149  4.136   4.938   1.000 33.423 ? 319 LEU BBB O   1 
ATOM   435 C CB  . LEU B 1 41 ? 19.419  5.537   6.843   1.000 29.295 ? 319 LEU BBB CB  1 
ATOM   436 C CG  . LEU B 1 41 ? 20.475  5.218   7.896   1.000 30.724 ? 319 LEU BBB CG  1 
ATOM   437 C CD1 . LEU B 1 41 ? 20.680  6.396   8.823   1.000 31.114 ? 319 LEU BBB CD1 1 
ATOM   438 C CD2 . LEU B 1 41 ? 20.107  3.962   8.677   1.000 30.900 ? 319 LEU BBB CD2 1 
ATOM   439 N N   . GLN B 1 42 ? 18.269  5.736   3.792   1.000 34.593 ? 320 GLN BBB N   1 
ATOM   440 C CA  . GLN B 1 42 ? 17.201  6.002   2.789   1.000 32.991 ? 320 GLN BBB CA  1 
ATOM   441 C C   . GLN B 1 42 ? 16.920  4.723   1.989   1.000 33.819 ? 320 GLN BBB C   1 
ATOM   442 O O   . GLN B 1 42 ? 15.747  4.384   1.780   1.000 29.593 ? 320 GLN BBB O   1 
ATOM   443 C CB  . GLN B 1 42 ? 17.611  7.161   1.876   1.000 34.548 ? 320 GLN BBB CB  1 
ATOM   444 C CG  . GLN B 1 42 ? 16.711  7.339   0.658   1.000 35.449 ? 320 GLN BBB CG  1 
ATOM   445 C CD  . GLN B 1 42 ? 15.314  7.812   0.992   1.000 33.308 ? 320 GLN BBB CD  1 
ATOM   446 O OE1 . GLN B 1 42 ? 14.368  7.614   0.223   1.000 39.217 ? 320 GLN BBB OE1 1 
ATOM   447 N NE2 . GLN B 1 42 ? 15.175  8.474   2.122   1.000 36.840 ? 320 GLN BBB NE2 1 
ATOM   448 N N   . MET B 1 43 ? 17.964  4.026   1.561   1.000 37.195 ? 321 MET BBB N   1 
ATOM   449 C CA  . MET B 1 43 ? 17.841  2.779   0.772   1.000 39.208 ? 321 MET BBB CA  1 
ATOM   450 C C   . MET B 1 43 ? 17.139  1.696   1.610   1.000 37.441 ? 321 MET BBB C   1 
ATOM   451 O O   . MET B 1 43 ? 16.342  0.938   1.046   1.000 34.617 ? 321 MET BBB O   1 
ATOM   452 C CB  . MET B 1 43 ? 19.224  2.300   0.335   1.000 44.847 ? 321 MET BBB CB  1 
ATOM   453 C CG  . MET B 1 43 ? 19.159  1.254   -0.762  1.000 53.673 ? 321 MET BBB CG  1 
ATOM   454 S SD  . MET B 1 43 ? 20.802  0.643   -1.300  1.000 63.720 ? 321 MET BBB SD  1 
ATOM   455 C CE  . MET B 1 43 ? 21.816  2.120   -1.169  1.000 52.504 ? 321 MET BBB CE  1 
ATOM   456 N N   . GLU B 1 44 ? 17.390  1.649   2.922   1.000 34.039 ? 322 GLU BBB N   1 
ATOM   457 C CA  . GLU B 1 44 ? 16.751  0.670   3.841   1.000 35.711 ? 322 GLU BBB CA  1 
ATOM   458 C C   . GLU B 1 44 ? 15.263  1.015   3.964   1.000 31.501 ? 322 GLU BBB C   1 
ATOM   459 O O   . GLU B 1 44 ? 14.438  0.097   3.905   1.000 32.460 ? 322 GLU BBB O   1 
ATOM   460 C CB  . GLU B 1 44 ? 17.444  0.664   5.206   1.000 36.312 ? 322 GLU BBB CB  1 
ATOM   461 C CG  . GLU B 1 44 ? 18.886  0.169   5.169   1.000 37.640 ? 322 GLU BBB CG  1 
ATOM   462 C CD  . GLU B 1 44 ? 19.088  -1.191  4.522   1.000 42.965 ? 322 GLU BBB CD  1 
ATOM   463 O OE1 . GLU B 1 44 ? 18.194  -2.059  4.679   1.000 42.193 ? 322 GLU BBB OE1 1 
ATOM   464 O OE2 . GLU B 1 44 ? 20.124  -1.375  3.839   1.000 45.035 ? 322 GLU BBB OE2 1 
ATOM   465 N N   . VAL B 1 45 ? 14.936  2.298   4.109   1.000 33.386 ? 323 VAL BBB N   1 
ATOM   466 C CA  . VAL B 1 45 ? 13.524  2.773   4.107   1.000 31.799 ? 323 VAL BBB CA  1 
ATOM   467 C C   . VAL B 1 45 ? 12.851  2.290   2.817   1.000 34.003 ? 323 VAL BBB C   1 
ATOM   468 O O   . VAL B 1 45 ? 11.764  1.703   2.914   1.000 35.668 ? 323 VAL BBB O   1 
ATOM   469 C CB  . VAL B 1 45 ? 13.434  4.302   4.258   1.000 32.960 ? 323 VAL BBB CB  1 
ATOM   470 C CG1 . VAL B 1 45 ? 12.029  4.808   3.959   1.000 33.576 ? 323 VAL BBB CG1 1 
ATOM   471 C CG2 . VAL B 1 45 ? 13.884  4.747   5.640   1.000 31.725 ? 323 VAL BBB CG2 1 
ATOM   472 N N   . GLN B 1 46 ? 13.473  2.527   1.662   1.000 34.924 ? 324 GLN BBB N   1 
ATOM   473 C CA  . GLN B 1 46 ? 12.866  2.260   0.336   1.000 33.362 ? 324 GLN BBB CA  1 
ATOM   474 C C   . GLN B 1 46 ? 12.723  0.753   0.156   1.000 32.477 ? 324 GLN BBB C   1 
ATOM   475 O O   . GLN B 1 46 ? 11.706  0.349   -0.402  1.000 32.289 ? 324 GLN BBB O   1 
ATOM   476 C CB  . GLN B 1 46 ? 13.679  2.883   -0.806  1.000 36.634 ? 324 GLN BBB CB  1 
ATOM   477 C CG  . GLN B 1 46 ? 13.372  4.355   -1.064  1.000 40.565 ? 324 GLN BBB CG  1 
ATOM   478 C CD  . GLN B 1 46 ? 13.599  4.783   -2.500  1.000 46.252 ? 324 GLN BBB CD  1 
ATOM   479 O OE1 . GLN B 1 46 ? 13.990  3.999   -3.368  1.000 49.214 ? 324 GLN BBB OE1 1 
ATOM   480 N NE2 . GLN B 1 46 ? 13.344  6.051   -2.772  1.000 47.986 ? 324 GLN BBB NE2 1 
ATOM   481 N N   . LYS B 1 47 ? 13.698  -0.041  0.618   1.000 34.108 ? 325 LYS BBB N   1 
ATOM   482 C CA  . LYS B 1 47 ? 13.597  -1.525  0.604   1.000 37.036 ? 325 LYS BBB CA  1 
ATOM   483 C C   . LYS B 1 47 ? 12.323  -1.965  1.337   1.000 35.044 ? 325 LYS BBB C   1 
ATOM   484 O O   . LYS B 1 47 ? 11.559  -2.793  0.793   1.000 34.153 ? 325 LYS BBB O   1 
ATOM   485 C CB  . LYS B 1 47 ? 14.747  -2.197  1.358   1.000 41.364 ? 325 LYS BBB CB  1 
ATOM   486 C CG  . LYS B 1 47 ? 16.120  -2.184  0.717   1.000 47.560 ? 325 LYS BBB CG  1 
ATOM   487 C CD  . LYS B 1 47 ? 17.143  -2.804  1.652   1.000 49.039 ? 325 LYS BBB CD  1 
ATOM   488 C CE  . LYS B 1 47 ? 16.687  -4.123  2.246   1.000 51.869 ? 325 LYS BBB CE  1 
ATOM   489 N NZ  . LYS B 1 47 ? 17.790  -4.813  2.958   1.000 54.038 ? 325 LYS BBB NZ  1 
ATOM   490 N N   . GLN B 1 48 ? 12.139  -1.473  2.562   1.000 34.935 ? 326 GLN BBB N   1 
ATOM   491 C CA  . GLN B 1 48 ? 10.988  -1.834  3.428   1.000 33.921 ? 326 GLN BBB CA  1 
ATOM   492 C C   . GLN B 1 48 ? 9.695   -1.343  2.790   1.000 33.476 ? 326 GLN BBB C   1 
ATOM   493 O O   . GLN B 1 48 ? 8.694   -2.088  2.848   1.000 34.000 ? 326 GLN BBB O   1 
ATOM   494 C CB  . GLN B 1 48 ? 11.142  -1.277  4.841   1.000 34.373 ? 326 GLN BBB CB  1 
ATOM   495 C CG  . GLN B 1 48 ? 12.291  -1.887  5.637   1.000 36.747 ? 326 GLN BBB CG  1 
ATOM   496 C CD  . GLN B 1 48 ? 12.357  -3.396  5.593   1.000 36.900 ? 326 GLN BBB CD  1 
ATOM   497 O OE1 . GLN B 1 48 ? 11.335  -4.076  5.638   1.000 39.799 ? 326 GLN BBB OE1 1 
ATOM   498 N NE2 . GLN B 1 48 ? 13.570  -3.925  5.528   1.000 36.540 ? 326 GLN BBB NE2 1 
ATOM   499 N N   . LEU B 1 49 ? 9.712   -0.150  2.196   1.000 34.422 ? 327 LEU BBB N   1 
ATOM   500 C CA  . LEU B 1 49 ? 8.536   0.409   1.476   1.000 33.445 ? 327 LEU BBB CA  1 
ATOM   501 C C   . LEU B 1 49 ? 8.103   -0.602  0.418   1.000 33.106 ? 327 LEU BBB C   1 
ATOM   502 O O   . LEU B 1 49 ? 6.906   -0.914  0.345   1.000 34.663 ? 327 LEU BBB O   1 
ATOM   503 C CB  . LEU B 1 49 ? 8.901   1.761   0.851   1.000 33.647 ? 327 LEU BBB CB  1 
ATOM   504 C CG  . LEU B 1 49 ? 7.833   2.420   -0.017  1.000 33.720 ? 327 LEU BBB CG  1 
ATOM   505 C CD1 . LEU B 1 49 ? 6.582   2.739   0.785   1.000 34.722 ? 327 LEU BBB CD1 1 
ATOM   506 C CD2 . LEU B 1 49 ? 8.389   3.681   -0.676  1.000 33.473 ? 327 LEU BBB CD2 1 
ATOM   507 N N   . HIS B 1 50 ? 9.047   -1.109  -0.373  1.000 34.843 ? 328 HIS BBB N   1 
ATOM   508 C CA  . HIS B 1 50 ? 8.710   -2.004  -1.506  1.000 35.702 ? 328 HIS BBB CA  1 
ATOM   509 C C   . HIS B 1 50 ? 8.088   -3.295  -0.976  1.000 37.624 ? 328 HIS BBB C   1 
ATOM   510 O O   . HIS B 1 50 ? 7.103   -3.736  -1.584  1.000 34.987 ? 328 HIS BBB O   1 
ATOM   511 C CB  . HIS B 1 50 ? 9.907   -2.159  -2.435  1.000 38.280 ? 328 HIS BBB CB  1 
ATOM   512 C CG  . HIS B 1 50 ? 10.034  -0.949  -3.300  1.000 42.126 ? 328 HIS BBB CG  1 
ATOM   513 N ND1 . HIS B 1 50 ? 10.810  0.133   -2.946  1.000 43.554 ? 328 HIS BBB ND1 1 
ATOM   514 C CD2 . HIS B 1 50 ? 9.400   -0.603  -4.445  1.000 46.944 ? 328 HIS BBB CD2 1 
ATOM   515 C CE1 . HIS B 1 50 ? 10.710  1.066   -3.868  1.000 46.020 ? 328 HIS BBB CE1 1 
ATOM   516 N NE2 . HIS B 1 50 ? 9.840   0.643   -4.797  1.000 47.388 ? 328 HIS BBB NE2 1 
ATOM   517 N N   . GLU B 1 51 ? 8.603   -3.835  0.133   1.000 37.608 ? 329 GLU BBB N   1 
ATOM   518 C CA  . GLU B 1 51 ? 8.045   -5.051  0.780   1.000 37.693 ? 329 GLU BBB CA  1 
ATOM   519 C C   . GLU B 1 51 ? 6.609   -4.750  1.227   1.000 36.443 ? 329 GLU BBB C   1 
ATOM   520 O O   . GLU B 1 51 ? 5.765   -5.633  1.072   1.000 31.903 ? 329 GLU BBB O   1 
ATOM   521 C CB  . GLU B 1 51 ? 8.933   -5.513  1.936   1.000 42.133 ? 329 GLU BBB CB  1 
ATOM   522 C CG  . GLU B 1 51 ? 10.312  -5.971  1.501   1.000 45.751 ? 329 GLU BBB CG  1 
ATOM   523 C CD  . GLU B 1 51 ? 11.244  -6.409  2.625   1.000 50.958 ? 329 GLU BBB CD  1 
ATOM   524 O OE1 . GLU B 1 51 ? 10.740  -6.898  3.666   1.000 52.579 ? 329 GLU BBB OE1 1 
ATOM   525 O OE2 . GLU B 1 51 ? 12.485  -6.263  2.461   1.000 53.252 ? 329 GLU BBB OE2 1 
ATOM   526 N N   . GLN B 1 52 ? 6.350   -3.534  1.724   1.000 34.805 ? 330 GLN BBB N   1 
ATOM   527 C CA  . GLN B 1 52 ? 5.004   -3.111  2.181   1.000 38.374 ? 330 GLN BBB CA  1 
ATOM   528 C C   . GLN B 1 52 ? 4.073   -3.065  0.967   1.000 36.024 ? 330 GLN BBB C   1 
ATOM   529 O O   . GLN B 1 52 ? 2.927   -3.544  1.076   1.000 34.230 ? 330 GLN BBB O   1 
ATOM   530 C CB  . GLN B 1 52 ? 5.073   -1.768  2.909   1.000 39.018 ? 330 GLN BBB CB  1 
ATOM   531 C CG  . GLN B 1 52 ? 3.878   -1.513  3.819   1.000 42.595 ? 330 GLN BBB CG  1 
ATOM   532 C CD  . GLN B 1 52 ? 2.651   -1.174  3.018   1.000 42.834 ? 330 GLN BBB CD  1 
ATOM   533 O OE1 . GLN B 1 52 ? 2.757   -0.752  1.872   1.000 44.308 ? 330 GLN BBB OE1 1 
ATOM   534 N NE2 . GLN B 1 52 ? 1.482   -1.368  3.608   1.000 44.370 ? 330 GLN BBB NE2 1 
ATOM   535 N N   . LEU B 1 53 ? 4.549   -2.533  -0.159  1.000 37.567 ? 331 LEU BBB N   1 
ATOM   536 C CA  . LEU B 1 53 ? 3.710   -2.397  -1.381  1.000 34.167 ? 331 LEU BBB CA  1 
ATOM   537 C C   . LEU B 1 53 ? 3.325   -3.790  -1.881  1.000 34.537 ? 331 LEU BBB C   1 
ATOM   538 O O   . LEU B 1 53 ? 2.144   -3.979  -2.230  1.000 33.367 ? 331 LEU BBB O   1 
ATOM   539 C CB  . LEU B 1 53 ? 4.459   -1.593  -2.449  1.000 35.368 ? 331 LEU BBB CB  1 
ATOM   540 C CG  . LEU B 1 53 ? 4.856   -0.162  -2.075  1.000 33.958 ? 331 LEU BBB CG  1 
ATOM   541 C CD1 . LEU B 1 53 ? 5.693   0.475   -3.177  1.000 34.453 ? 331 LEU BBB CD1 1 
ATOM   542 C CD2 . LEU B 1 53 ? 3.652   0.713   -1.760  1.000 35.389 ? 331 LEU BBB CD2 1 
ATOM   543 N N   . GLU B 1 54 ? 4.272   -4.735  -1.894  1.000 36.050 ? 332 GLU BBB N   1 
ATOM   544 C CA  . GLU B 1 54 ? 4.056   -6.136  -2.349  1.000 36.548 ? 332 GLU BBB CA  1 
ATOM   545 C C   . GLU B 1 54 ? 3.005   -6.799  -1.451  1.000 34.964 ? 332 GLU BBB C   1 
ATOM   546 O O   . GLU B 1 54 ? 2.096   -7.462  -1.985  1.000 28.659 ? 332 GLU BBB O   1 
ATOM   547 C CB  . GLU B 1 54 ? 5.369   -6.928  -2.350  1.000 41.256 ? 332 GLU BBB CB  1 
ATOM   548 C CG  . GLU B 1 54 ? 5.295   -8.246  -3.115  1.000 46.324 ? 332 GLU BBB CG  1 
ATOM   549 C CD  . GLU B 1 54 ? 6.364   -9.273  -2.761  1.000 48.943 ? 332 GLU BBB CD  1 
ATOM   550 O OE1 . GLU B 1 54 ? 7.558   -8.971  -2.969  1.000 53.417 ? 332 GLU BBB OE1 1 
ATOM   551 O OE2 . GLU B 1 54 ? 6.000   -10.371 -2.272  1.000 53.840 ? 332 GLU BBB OE2 1 
ATOM   552 N N   . ILE B 1 55 ? 3.129   -6.650  -0.131  1.000 33.071 ? 333 ILE BBB N   1 
ATOM   553 C CA  . ILE B 1 55 ? 2.226   -7.335  0.832   1.000 34.946 ? 333 ILE BBB CA  1 
ATOM   554 C C   . ILE B 1 55 ? 0.835   -6.703  0.703   1.000 36.533 ? 333 ILE BBB C   1 
ATOM   555 O O   . ILE B 1 55 ? -0.157  -7.431  0.842   1.000 36.658 ? 333 ILE BBB O   1 
ATOM   556 C CB  . ILE B 1 55 ? 2.820   -7.272  2.254   1.000 36.067 ? 333 ILE BBB CB  1 
ATOM   557 C CG1 . ILE B 1 55 ? 4.089   -8.129  2.338   1.000 38.860 ? 333 ILE BBB CG1 1 
ATOM   558 C CG2 . ILE B 1 55 ? 1.797   -7.661  3.306   1.000 39.150 ? 333 ILE BBB CG2 1 
ATOM   559 C CD1 . ILE B 1 55 ? 5.038   -7.736  3.450   1.000 39.159 ? 333 ILE BBB CD1 1 
ATOM   560 N N   . GLN B 1 56 ? 0.778   -5.408  0.393   1.000 37.670 ? 334 GLN BBB N   1 
ATOM   561 C CA  . GLN B 1 56 ? -0.487  -4.638  0.272   1.000 39.304 ? 334 GLN BBB CA  1 
ATOM   562 C C   . GLN B 1 56 ? -1.295  -5.134  -0.931  1.000 39.415 ? 334 GLN BBB C   1 
ATOM   563 O O   . GLN B 1 56 ? -2.528  -5.253  -0.810  1.000 39.475 ? 334 GLN BBB O   1 
ATOM   564 C CB  . GLN B 1 56 ? -0.172  -3.148  0.170   1.000 41.350 ? 334 GLN BBB CB  1 
ATOM   565 C CG  . GLN B 1 56 ? -1.380  -2.294  -0.174  1.000 44.912 ? 334 GLN BBB CG  1 
ATOM   566 C CD  . GLN B 1 56 ? -1.384  -0.982  0.570   1.000 49.323 ? 334 GLN BBB CD  1 
ATOM   567 O OE1 . GLN B 1 56 ? -0.456  -0.178  0.473   1.000 49.181 ? 334 GLN BBB OE1 1 
ATOM   568 N NE2 . GLN B 1 56 ? -2.440  -0.770  1.341   1.000 48.685 ? 334 GLN BBB NE2 1 
ATOM   569 N N   . ARG B 1 57 ? -0.632  -5.396  -2.060  1.000 42.012 ? 335 ARG BBB N   1 
ATOM   570 C CA  . ARG B 1 57 ? -1.290  -5.910  -3.294  1.000 43.006 ? 335 ARG BBB CA  1 
ATOM   571 C C   . ARG B 1 57 ? -1.863  -7.304  -3.003  1.000 41.136 ? 335 ARG BBB C   1 
ATOM   572 O O   . ARG B 1 57 ? -2.981  -7.589  -3.459  1.000 40.019 ? 335 ARG BBB O   1 
ATOM   573 C CB  . ARG B 1 57 ? -0.280  -5.905  -4.447  1.000 47.548 ? 335 ARG BBB CB  1 
ATOM   574 C CG  . ARG B 1 57 ? -0.729  -6.576  -5.738  1.000 52.967 ? 335 ARG BBB CG  1 
ATOM   575 C CD  . ARG B 1 57 ? 0.495   -6.991  -6.541  1.000 57.889 ? 335 ARG BBB CD  1 
ATOM   576 N NE  . ARG B 1 57 ? 1.185   -8.128  -5.928  1.000 61.722 ? 335 ARG BBB NE  1 
ATOM   577 C CZ  . ARG B 1 57 ? 2.505   -8.283  -5.828  1.000 61.131 ? 335 ARG BBB CZ  1 
ATOM   578 N NH1 . ARG B 1 57 ? 3.338   -7.359  -6.281  1.000 60.893 ? 335 ARG BBB NH1 1 
ATOM   579 N NH2 . ARG B 1 57 ? 2.991   -9.365  -5.246  1.000 63.218 ? 335 ARG BBB NH2 1 
ATOM   580 N N   . ASN B 1 58 ? -1.123  -8.138  -2.265  1.000 40.226 ? 336 ASN BBB N   1 
ATOM   581 C CA  . ASN B 1 58 ? -1.557  -9.505  -1.880  1.000 41.381 ? 336 ASN BBB CA  1 
ATOM   582 C C   . ASN B 1 58 ? -2.798  -9.401  -0.985  1.000 37.455 ? 336 ASN BBB C   1 
ATOM   583 O O   . ASN B 1 58 ? -3.761  -10.141 -1.227  1.000 38.852 ? 336 ASN BBB O   1 
ATOM   584 C CB  . ASN B 1 58 ? -0.419  -10.292 -1.227  1.000 43.568 ? 336 ASN BBB CB  1 
ATOM   585 C CG  . ASN B 1 58 ? 0.674   -10.640 -2.218  1.000 44.817 ? 336 ASN BBB CG  1 
ATOM   586 O OD1 . ASN B 1 58 ? 0.518   -10.445 -3.418  1.000 50.835 ? 336 ASN BBB OD1 1 
ATOM   587 N ND2 . ASN B 1 58 ? 1.789   -11.158 -1.734  1.000 49.506 ? 336 ASN BBB ND2 1 
ATOM   588 N N   . LEU B 1 59 ? -2.776  -8.504  -0.003  1.000 37.284 ? 337 LEU BBB N   1 
ATOM   589 C CA  . LEU B 1 59 ? -3.931  -8.252  0.899   1.000 38.656 ? 337 LEU BBB CA  1 
ATOM   590 C C   . LEU B 1 59 ? -5.137  -7.805  0.063   1.000 37.364 ? 337 LEU BBB C   1 
ATOM   591 O O   . LEU B 1 59 ? -6.224  -8.370  0.254   1.000 35.014 ? 337 LEU BBB O   1 
ATOM   592 C CB  . LEU B 1 59 ? -3.549  -7.200  1.944   1.000 38.809 ? 337 LEU BBB CB  1 
ATOM   593 C CG  . LEU B 1 59 ? -4.615  -6.870  2.988   1.000 37.556 ? 337 LEU BBB CG  1 
ATOM   594 C CD1 . LEU B 1 59 ? -5.018  -8.091  3.804   1.000 37.818 ? 337 LEU BBB CD1 1 
ATOM   595 C CD2 . LEU B 1 59 ? -4.107  -5.791  3.920   1.000 38.784 ? 337 LEU BBB CD2 1 
ATOM   596 N N   . GLN B 1 60 ? -4.950  -6.842  -0.840  1.000 38.915 ? 338 GLN BBB N   1 
ATOM   597 C CA  . GLN B 1 60 ? -6.028  -6.357  -1.745  1.000 40.142 ? 338 GLN BBB CA  1 
ATOM   598 C C   . GLN B 1 60 ? -6.642  -7.546  -2.499  1.000 40.814 ? 338 GLN BBB C   1 
ATOM   599 O O   . GLN B 1 60 ? -7.883  -7.590  -2.620  1.000 44.187 ? 338 GLN BBB O   1 
ATOM   600 C CB  . GLN B 1 60 ? -5.501  -5.303  -2.718  1.000 42.561 ? 338 GLN BBB CB  1 
ATOM   601 C CG  . GLN B 1 60 ? -6.539  -4.871  -3.745  1.000 46.486 ? 338 GLN BBB CG  1 
ATOM   602 C CD  . GLN B 1 60 ? -6.199  -3.560  -4.409  1.000 47.302 ? 338 GLN BBB CD  1 
ATOM   603 O OE1 . GLN B 1 60 ? -5.168  -2.953  -4.131  1.000 52.044 ? 338 GLN BBB OE1 1 
ATOM   604 N NE2 . GLN B 1 60 ? -7.080  -3.110  -5.290  1.000 50.755 ? 338 GLN BBB NE2 1 
ATOM   605 N N   . LEU B 1 61 ? -5.812  -8.472  -2.987  1.000 40.100 ? 339 LEU BBB N   1 
ATOM   606 C CA  . LEU B 1 61 ? -6.265  -9.625  -3.808  1.000 38.369 ? 339 LEU BBB CA  1 
ATOM   607 C C   . LEU B 1 61 ? -7.098  -10.582 -2.944  1.000 34.798 ? 339 LEU BBB C   1 
ATOM   608 O O   . LEU B 1 61 ? -8.150  -11.021 -3.429  1.000 32.981 ? 339 LEU BBB O   1 
ATOM   609 C CB  . LEU B 1 61 ? -5.048  -10.318 -4.425  1.000 38.676 ? 339 LEU BBB CB  1 
ATOM   610 C CG  . LEU B 1 61 ? -4.367  -9.536  -5.550  1.000 39.268 ? 339 LEU BBB CG  1 
ATOM   611 C CD1 . LEU B 1 61 ? -2.986  -10.100 -5.857  1.000 40.344 ? 339 LEU BBB CD1 1 
ATOM   612 C CD2 . LEU B 1 61 ? -5.230  -9.521  -6.796  1.000 40.110 ? 339 LEU BBB CD2 1 
ATOM   613 N N   . ARG B 1 62 ? -6.661  -10.876 -1.716  1.000 34.446 ? 340 ARG BBB N   1 
ATOM   614 C CA  . ARG B 1 62 ? -7.389  -11.762 -0.772  1.000 36.025 ? 340 ARG BBB CA  1 
ATOM   615 C C   . ARG B 1 62 ? -8.747  -11.139 -0.440  1.000 33.695 ? 340 ARG BBB C   1 
ATOM   616 O O   . ARG B 1 62 ? -9.756  -11.876 -0.397  1.000 34.205 ? 340 ARG BBB O   1 
ATOM   617 C CB  . ARG B 1 62 ? -6.627  -11.959 0.541   1.000 38.767 ? 340 ARG BBB CB  1 
ATOM   618 C CG  . ARG B 1 62 ? -5.259  -12.605 0.407   1.000 45.151 ? 340 ARG BBB CG  1 
ATOM   619 C CD  . ARG B 1 62 ? -5.204  -13.821 -0.496  1.000 49.661 ? 340 ARG BBB CD  1 
ATOM   620 N NE  . ARG B 1 62 ? -6.297  -14.775 -0.309  1.000 53.043 ? 340 ARG BBB NE  1 
ATOM   621 C CZ  . ARG B 1 62 ? -6.181  -16.102 -0.261  1.000 54.565 ? 340 ARG BBB CZ  1 
ATOM   622 N NH1 . ARG B 1 62 ? -4.995  -16.692 -0.321  1.000 51.567 ? 340 ARG BBB NH1 1 
ATOM   623 N NH2 . ARG B 1 62 ? -7.271  -16.834 -0.109  1.000 52.769 ? 340 ARG BBB NH2 1 
ATOM   624 N N   . ILE B 1 63 ? -8.765  -9.833  -0.183  1.000 33.052 ? 341 ILE BBB N   1 
ATOM   625 C CA  . ILE B 1 63 ? -10.008 -9.081  0.164   1.000 30.177 ? 341 ILE BBB CA  1 
ATOM   626 C C   . ILE B 1 63 ? -10.950 -9.108  -1.046  1.000 30.148 ? 341 ILE BBB C   1 
ATOM   627 O O   . ILE B 1 63 ? -12.146 -9.345  -0.871  1.000 30.908 ? 341 ILE BBB O   1 
ATOM   628 C CB  . ILE B 1 63 ? -9.676  -7.651  0.634   1.000 28.736 ? 341 ILE BBB CB  1 
ATOM   629 C CG1 . ILE B 1 63 ? -8.997  -7.655  2.009   1.000 26.449 ? 341 ILE BBB CG1 1 
ATOM   630 C CG2 . ILE B 1 63 ? -10.935 -6.802  0.623   1.000 29.639 ? 341 ILE BBB CG2 1 
ATOM   631 C CD1 . ILE B 1 63 ? -8.413  -6.334  2.420   1.000 26.584 ? 341 ILE BBB CD1 1 
ATOM   632 N N   . GLU B 1 64 ? -10.429 -8.886  -2.248  1.000 33.404 ? 342 GLU BBB N   1 
ATOM   633 C CA  . GLU B 1 64 ? -11.240 -8.861  -3.492  1.000 33.361 ? 342 GLU BBB CA  1 
ATOM   634 C C   . GLU B 1 64 ? -11.783 -10.266 -3.770  1.000 32.579 ? 342 GLU BBB C   1 
ATOM   635 O O   . GLU B 1 64 ? -12.957 -10.379 -4.155  1.000 33.146 ? 342 GLU BBB O   1 
ATOM   636 C CB  . GLU B 1 64 ? -10.412 -8.260  -4.625  1.000 35.720 ? 342 GLU BBB CB  1 
ATOM   637 C CG  . GLU B 1 64 ? -10.324 -6.747  -4.470  1.000 37.570 ? 342 GLU BBB CG  1 
ATOM   638 C CD  . GLU B 1 64 ? -9.521  -5.955  -5.480  1.000 39.231 ? 342 GLU BBB CD  1 
ATOM   639 O OE1 . GLU B 1 64 ? -8.961  -6.573  -6.424  1.000 43.433 ? 342 GLU BBB OE1 1 
ATOM   640 O OE2 . GLU B 1 64 ? -9.484  -4.708  -5.332  1.000 37.585 ? 342 GLU BBB OE2 1 
ATOM   641 N N   . GLU B 1 65 ? -10.985 -11.302 -3.532  1.000 32.989 ? 343 GLU BBB N   1 
ATOM   642 C CA  . GLU B 1 65 ? -11.421 -12.716 -3.677  1.000 31.041 ? 343 GLU BBB CA  1 
ATOM   643 C C   . GLU B 1 65 ? -12.571 -13.016 -2.709  1.000 29.815 ? 343 GLU BBB C   1 
ATOM   644 O O   . GLU B 1 65 ? -13.558 -13.632 -3.138  1.000 29.127 ? 343 GLU BBB O   1 
ATOM   645 C CB  . GLU B 1 65 ? -10.259 -13.681 -3.421  1.000 30.559 ? 343 GLU BBB CB  1 
ATOM   646 C CG  . GLU B 1 65 ? -10.619 -15.130 -3.717  1.000 31.512 ? 343 GLU BBB CG  1 
ATOM   647 C CD  . GLU B 1 65 ? -9.570  -16.163 -3.345  1.000 31.010 ? 343 GLU BBB CD  1 
ATOM   648 O OE1 . GLU B 1 65 ? -8.441  -15.758 -3.012  1.000 33.219 ? 343 GLU BBB OE1 1 
ATOM   649 O OE2 . GLU B 1 65 ? -9.886  -17.385 -3.434  1.000 31.909 ? 343 GLU BBB OE2 1 
ATOM   650 N N   . GLN B 1 66 ? -12.441 -12.637 -1.434  1.000 30.166 ? 344 GLN BBB N   1 
ATOM   651 C CA  . GLN B 1 66 ? -13.523 -12.801 -0.429  1.000 31.613 ? 344 GLN BBB CA  1 
ATOM   652 C C   . GLN B 1 66 ? -14.790 -12.098 -0.923  1.000 30.807 ? 344 GLN BBB C   1 
ATOM   653 O O   . GLN B 1 66 ? -15.857 -12.706 -0.805  1.000 30.941 ? 344 GLN BBB O   1 
ATOM   654 C CB  . GLN B 1 66 ? -13.104 -12.253 0.934   1.000 31.903 ? 344 GLN BBB CB  1 
ATOM   655 C CG  . GLN B 1 66 ? -14.064 -12.613 2.060   1.000 31.466 ? 344 GLN BBB CG  1 
ATOM   656 C CD  . GLN B 1 66 ? -13.535 -12.165 3.402   1.000 33.023 ? 344 GLN BBB CD  1 
ATOM   657 O OE1 . GLN B 1 66 ? -12.600 -11.364 3.516   1.000 31.663 ? 344 GLN BBB OE1 1 
ATOM   658 N NE2 . GLN B 1 66 ? -14.142 -12.687 4.447   1.000 38.273 ? 344 GLN BBB NE2 1 
ATOM   659 N N   . GLY B 1 67 ? -14.673 -10.854 -1.402  1.000 31.486 ? 345 GLY BBB N   1 
ATOM   660 C CA  . GLY B 1 67 ? -15.801 -10.054 -1.926  1.000 32.182 ? 345 GLY BBB CA  1 
ATOM   661 C C   . GLY B 1 67 ? -16.515 -10.762 -3.065  1.000 32.766 ? 345 GLY BBB C   1 
ATOM   662 O O   . GLY B 1 67 ? -17.755 -10.851 -3.045  1.000 32.634 ? 345 GLY BBB O   1 
ATOM   663 N N   . LYS B 1 68 ? -15.756 -11.290 -4.020  1.000 37.804 ? 346 LYS BBB N   1 
ATOM   664 C CA  . LYS B 1 68 ? -16.302 -12.029 -5.188  1.000 38.932 ? 346 LYS BBB CA  1 
ATOM   665 C C   . LYS B 1 68 ? -17.051 -13.270 -4.695  1.000 36.752 ? 346 LYS BBB C   1 
ATOM   666 O O   . LYS B 1 68 ? -18.142 -13.536 -5.199  1.000 36.776 ? 346 LYS BBB O   1 
ATOM   667 C CB  . LYS B 1 68 ? -15.172 -12.375 -6.162  1.000 44.560 ? 346 LYS BBB CB  1 
ATOM   668 C CG  . LYS B 1 68 ? -14.640 -11.186 -6.947  1.000 51.943 ? 346 LYS BBB CG  1 
ATOM   669 C CD  . LYS B 1 68 ? -13.515 -11.539 -7.884  1.000 56.304 ? 346 LYS BBB CD  1 
ATOM   670 C CE  . LYS B 1 68 ? -13.003 -10.333 -8.644  1.000 62.936 ? 346 LYS BBB CE  1 
ATOM   671 N NZ  . LYS B 1 68 ? -12.670 -10.671 -10.050 1.000 66.570 ? 346 LYS BBB NZ  1 
ATOM   672 N N   . TYR B 1 69 ? -16.500 -13.993 -3.725  1.000 37.459 ? 347 TYR BBB N   1 
ATOM   673 C CA  . TYR B 1 69 ? -17.129 -15.218 -3.172  1.000 35.537 ? 347 TYR BBB CA  1 
ATOM   674 C C   . TYR B 1 69 ? -18.438 -14.871 -2.448  1.000 37.080 ? 347 TYR BBB C   1 
ATOM   675 O O   . TYR B 1 69 ? -19.487 -15.490 -2.728  1.000 35.369 ? 347 TYR BBB O   1 
ATOM   676 C CB  . TYR B 1 69 ? -16.174 -15.954 -2.235  1.000 36.596 ? 347 TYR BBB CB  1 
ATOM   677 C CG  . TYR B 1 69 ? -16.835 -17.162 -1.636  1.000 38.209 ? 347 TYR BBB CG  1 
ATOM   678 C CD1 . TYR B 1 69 ? -17.131 -18.265 -2.421  1.000 41.517 ? 347 TYR BBB CD1 1 
ATOM   679 C CD2 . TYR B 1 69 ? -17.277 -17.157 -0.328  1.000 40.315 ? 347 TYR BBB CD2 1 
ATOM   680 C CE1 . TYR B 1 69 ? -17.782 -19.370 -1.897  1.000 42.916 ? 347 TYR BBB CE1 1 
ATOM   681 C CE2 . TYR B 1 69 ? -17.932 -18.252 0.211   1.000 42.715 ? 347 TYR BBB CE2 1 
ATOM   682 C CZ  . TYR B 1 69 ? -18.178 -19.365 -0.574  1.000 44.175 ? 347 TYR BBB CZ  1 
ATOM   683 O OH  . TYR B 1 69 ? -18.813 -20.459 -0.064  1.000 45.921 ? 347 TYR BBB OH  1 
ATOM   684 N N   . LEU B 1 70 ? -18.394 -13.893 -1.545  1.000 37.237 ? 348 LEU BBB N   1 
ATOM   685 C CA  . LEU B 1 70 ? -19.593 -13.430 -0.801  1.000 39.765 ? 348 LEU BBB CA  1 
ATOM   686 C C   . LEU B 1 70 ? -20.666 -13.000 -1.803  1.000 39.545 ? 348 LEU BBB C   1 
ATOM   687 O O   . LEU B 1 70 ? -21.825 -13.410 -1.637  1.000 42.808 ? 348 LEU BBB O   1 
ATOM   688 C CB  . LEU B 1 70 ? -19.192 -12.295 0.146   1.000 38.720 ? 348 LEU BBB CB  1 
ATOM   689 C CG  . LEU B 1 70 ? -18.399 -12.740 1.376   1.000 39.652 ? 348 LEU BBB CG  1 
ATOM   690 C CD1 . LEU B 1 70 ? -18.073 -11.561 2.275   1.000 40.853 ? 348 LEU BBB CD1 1 
ATOM   691 C CD2 . LEU B 1 70 ? -19.149 -13.796 2.170   1.000 39.634 ? 348 LEU BBB CD2 1 
ATOM   692 N N   . GLN B 1 71 ? -20.291 -12.231 -2.821  1.000 40.381 ? 349 GLN BBB N   1 
ATOM   693 C CA  . GLN B 1 71 ? -21.226 -11.755 -3.872  1.000 43.078 ? 349 GLN BBB CA  1 
ATOM   694 C C   . GLN B 1 71 ? -21.827 -12.959 -4.600  1.000 43.843 ? 349 GLN BBB C   1 
ATOM   695 O O   . GLN B 1 71 ? -23.049 -12.991 -4.798  1.000 42.418 ? 349 GLN BBB O   1 
ATOM   696 C CB  . GLN B 1 71 ? -20.502 -10.808 -4.825  1.000 42.696 ? 349 GLN BBB CB  1 
ATOM   697 C CG  . GLN B 1 71 ? -21.434 -10.067 -5.760  1.000 47.328 ? 349 GLN BBB CG  1 
ATOM   698 C CD  . GLN B 1 71 ? -22.514 -9.320  -5.016  1.000 51.399 ? 349 GLN BBB CD  1 
ATOM   699 O OE1 . GLN B 1 71 ? -22.247 -8.403  -4.240  1.000 55.616 ? 349 GLN BBB OE1 1 
ATOM   700 N NE2 . GLN B 1 71 ? -23.751 -9.722  -5.243  1.000 54.456 ? 349 GLN BBB NE2 1 
ATOM   701 N N   . MET B 1 72 ? -20.998 -13.937 -4.958  1.000 46.396 ? 350 MET BBB N   1 
ATOM   702 C CA  . MET B 1 72 ? -21.452 -15.178 -5.638  1.000 46.087 ? 350 MET BBB CA  1 
ATOM   703 C C   . MET B 1 72 ? -22.539 -15.851 -4.795  1.000 46.365 ? 350 MET BBB C   1 
ATOM   704 O O   . MET B 1 72 ? -23.614 -16.149 -5.363  1.000 50.272 ? 350 MET BBB O   1 
ATOM   705 C CB  . MET B 1 72 ? -20.294 -16.151 -5.855  1.000 46.682 ? 350 MET BBB CB  1 
ATOM   706 C CG  . MET B 1 72 ? -20.581 -17.184 -6.921  1.000 50.221 ? 350 MET BBB CG  1 
ATOM   707 S SD  . MET B 1 72 ? -19.383 -18.542 -6.918  1.000 52.683 ? 350 MET BBB SD  1 
ATOM   708 C CE  . MET B 1 72 ? -17.855 -17.650 -6.633  1.000 49.409 ? 350 MET BBB CE  1 
ATOM   709 N N   . MET B 1 73 ? -22.279 -16.059 -3.500  1.000 44.754 ? 351 MET BBB N   1 
ATOM   710 C CA  . MET B 1 73 ? -23.200 -16.752 -2.559  1.000 46.892 ? 351 MET BBB CA  1 
ATOM   711 C C   . MET B 1 73 ? -24.498 -15.951 -2.389  1.000 48.083 ? 351 MET BBB C   1 
ATOM   712 O O   . MET B 1 73 ? -25.565 -16.580 -2.223  1.000 45.777 ? 351 MET BBB O   1 
ATOM   713 C CB  . MET B 1 73 ? -22.534 -16.963 -1.195  1.000 49.297 ? 351 MET BBB CB  1 
ATOM   714 C CG  . MET B 1 73 ? -21.389 -17.972 -1.233  1.000 53.479 ? 351 MET BBB CG  1 
ATOM   715 S SD  . MET B 1 73 ? -21.775 -19.397 -2.301  1.000 57.739 ? 351 MET BBB SD  1 
ATOM   716 C CE  . MET B 1 73 ? -22.996 -20.254 -1.305  1.000 55.527 ? 351 MET BBB CE  1 
ATOM   717 N N   . PHE B 1 74 ? -24.421 -14.623 -2.439  1.000 48.654 ? 352 PHE BBB N   1 
ATOM   718 C CA  . PHE B 1 74 ? -25.606 -13.730 -2.389  1.000 51.276 ? 352 PHE BBB CA  1 
ATOM   719 C C   . PHE B 1 74 ? -26.462 -13.958 -3.639  1.000 53.811 ? 352 PHE BBB C   1 
ATOM   720 O O   . PHE B 1 74 ? -27.676 -14.187 -3.506  1.000 55.231 ? 352 PHE BBB O   1 
ATOM   721 C CB  . PHE B 1 74 ? -25.176 -12.269 -2.271  1.000 51.458 ? 352 PHE BBB CB  1 
ATOM   722 C CG  . PHE B 1 74 ? -26.309 -11.277 -2.219  1.000 54.734 ? 352 PHE BBB CG  1 
ATOM   723 C CD1 . PHE B 1 74 ? -27.484 -11.550 -1.535  1.000 56.940 ? 352 PHE BBB CD1 1 
ATOM   724 C CD2 . PHE B 1 74 ? -26.175 -10.035 -2.814  1.000 58.199 ? 352 PHE BBB CD2 1 
ATOM   725 C CE1 . PHE B 1 74 ? -28.509 -10.619 -1.480  1.000 58.021 ? 352 PHE BBB CE1 1 
ATOM   726 C CE2 . PHE B 1 74 ? -27.193 -9.096  -2.746  1.000 59.771 ? 352 PHE BBB CE2 1 
ATOM   727 C CZ  . PHE B 1 74 ? -28.357 -9.389  -2.077  1.000 58.059 ? 352 PHE BBB CZ  1 
ATOM   728 N N   . GLU B 1 75 ? -25.826 -13.920 -4.812  1.000 57.151 ? 353 GLU BBB N   1 
ATOM   729 C CA  . GLU B 1 75 ? -26.488 -14.011 -6.138  1.000 60.461 ? 353 GLU BBB CA  1 
ATOM   730 C C   . GLU B 1 75 ? -27.170 -15.371 -6.296  1.000 62.463 ? 353 GLU BBB C   1 
ATOM   731 O O   . GLU B 1 75 ? -28.244 -15.413 -6.935  1.000 65.767 ? 353 GLU BBB O   1 
ATOM   732 C CB  . GLU B 1 75 ? -25.471 -13.740 -7.248  1.000 64.047 ? 353 GLU BBB CB  1 
ATOM   733 C CG  . GLU B 1 75 ? -25.073 -12.278 -7.319  1.000 66.666 ? 353 GLU BBB CG  1 
ATOM   734 C CD  . GLU B 1 75 ? -24.058 -11.915 -8.387  1.000 71.971 ? 353 GLU BBB CD  1 
ATOM   735 O OE1 . GLU B 1 75 ? -23.505 -12.837 -9.027  1.000 76.843 ? 353 GLU BBB OE1 1 
ATOM   736 O OE2 . GLU B 1 75 ? -23.819 -10.703 -8.573  1.000 75.578 ? 353 GLU BBB OE2 1 
ATOM   737 N N   . LYS B 1 76 ? -26.589 -16.429 -5.727  1.000 60.880 ? 354 LYS BBB N   1 
ATOM   738 C CA  . LYS B 1 76 ? -26.966 -17.835 -6.023  1.000 64.492 ? 354 LYS BBB CA  1 
ATOM   739 C C   . LYS B 1 76 ? -27.840 -18.384 -4.886  1.000 62.158 ? 354 LYS BBB C   1 
ATOM   740 O O   . LYS B 1 76 ? -27.339 -19.221 -4.112  1.000 64.817 ? 354 LYS BBB O   1 
ATOM   741 C CB  . LYS B 1 76 ? -25.689 -18.651 -6.249  1.000 66.546 ? 354 LYS BBB CB  1 
ATOM   742 C CG  . LYS B 1 76 ? -25.850 -19.872 -7.143  1.000 71.052 ? 354 LYS BBB CG  1 
ATOM   743 C CD  . LYS B 1 76 ? -24.535 -20.521 -7.523  1.000 71.431 ? 354 LYS BBB CD  1 
ATOM   744 C CE  . LYS B 1 76 ? -24.724 -21.793 -8.323  1.000 73.596 ? 354 LYS BBB CE  1 
ATOM   745 N NZ  . LYS B 1 76 ? -23.664 -22.784 -8.027  1.000 74.691 ? 354 LYS BBB NZ  1 
ATOM   746 N N   . GLN B 1 77 ? -29.100 -17.939 -4.801  1.000 62.078 ? 355 GLN BBB N   1 
ATOM   747 C CA  . GLN B 1 77 ? -30.068 -18.396 -3.764  1.000 59.149 ? 355 GLN BBB CA  1 
ATOM   748 C C   . GLN B 1 77 ? -31.500 -17.992 -4.129  1.000 62.917 ? 355 GLN BBB C   1 
ATOM   749 O O   . GLN B 1 77 ? -32.407 -18.169 -3.301  1.000 64.901 ? 355 GLN BBB O   1 
ATOM   750 C CB  . GLN B 1 77 ? -29.693 -17.807 -2.407  1.000 56.638 ? 355 GLN BBB CB  1 
ATOM   751 C CG  . GLN B 1 77 ? -30.110 -16.354 -2.234  1.000 52.125 ? 355 GLN BBB CG  1 
ATOM   752 C CD  . GLN B 1 77 ? -29.275 -15.708 -1.161  1.000 50.105 ? 355 GLN BBB CD  1 
ATOM   753 O OE1 . GLN B 1 77 ? -28.330 -16.314 -0.658  1.000 46.882 ? 355 GLN BBB OE1 1 
ATOM   754 N NE2 . GLN B 1 77 ? -29.609 -14.471 -0.818  1.000 46.001 ? 355 GLN BBB NE2 1 
HETATM 755 O O   . HOH C 2 .  ? 23.436  9.073   -9.621  1.000 33.079 ? 401 HOH AAA O   1 
HETATM 756 O O   . HOH C 2 .  ? 9.430   13.944  1.454   1.000 40.134 ? 402 HOH AAA O   1 
HETATM 757 O O   . HOH C 2 .  ? -29.312 -11.692 4.226   1.000 36.510 ? 403 HOH AAA O   1 
HETATM 758 O O   . HOH C 2 .  ? 12.145  17.887  -3.307  1.000 36.734 ? 404 HOH AAA O   1 
HETATM 759 O O   . HOH C 2 .  ? 13.506  15.928  -4.726  1.000 40.354 ? 405 HOH AAA O   1 
HETATM 760 O O   . HOH C 2 .  ? 10.639  3.892   -3.728  1.000 37.665 ? 406 HOH AAA O   1 
HETATM 761 O O   . HOH C 2 .  ? -9.969  -1.040  -3.107  1.000 38.822 ? 407 HOH AAA O   1 
HETATM 762 O O   . HOH C 2 .  ? 17.253  9.140   -5.908  1.000 40.174 ? 408 HOH AAA O   1 
HETATM 763 O O   . HOH C 2 .  ? -4.249  4.750   -5.475  1.000 50.346 ? 409 HOH AAA O   1 
HETATM 764 O O   . HOH D 2 .  ? -12.360 -9.173  3.149   1.000 35.353 ? 401 HOH BBB O   1 
HETATM 765 O O   . HOH D 2 .  ? 28.448  9.212   6.358   1.000 29.275 ? 402 HOH BBB O   1 
HETATM 766 O O   . HOH D 2 .  ? -30.831 -16.411 -6.147  1.000 49.602 ? 403 HOH BBB O   1 
HETATM 767 O O   . HOH D 2 .  ? -9.892  -8.381  -8.291  1.000 41.779 ? 404 HOH BBB O   1 
HETATM 768 O O   . HOH D 2 .  ? -19.182 -12.839 -7.714  1.000 33.484 ? 405 HOH BBB O   1 
HETATM 769 O O   . HOH D 2 .  ? -9.139  -14.622 0.744   1.000 34.205 ? 406 HOH BBB O   1 
HETATM 770 O O   . HOH D 2 .  ? -24.328 -6.178  -4.214  1.000 49.443 ? 407 HOH BBB O   1 
HETATM 771 O O   . HOH D 2 .  ? 30.686  11.660  4.097   1.000 47.114 ? 408 HOH BBB O   1 
HETATM 772 O O   . HOH D 2 .  ? 28.490  14.896  4.857   1.000 45.798 ? 409 HOH BBB O   1 
HETATM 773 O O   . HOH D 2 .  ? 29.572  9.904   9.730   1.000 51.596 ? 410 HOH BBB O   1 
HETATM 774 O O   . HOH D 2 .  ? -33.499 -15.111 -1.111  1.000 46.891 ? 411 HOH BBB O   1 
# 
